data_8VE8
#
_entry.id   8VE8
#
_cell.length_a   1.00
_cell.length_b   1.00
_cell.length_c   1.00
_cell.angle_alpha   90.00
_cell.angle_beta   90.00
_cell.angle_gamma   90.00
#
_symmetry.space_group_name_H-M   'P 1'
#
loop_
_entity.id
_entity.type
_entity.pdbx_description
1 polymer 'Glycoprotein G1'
2 polymer 'Glycoprotein G2'
3 polymer 'Rabbit polyclonal Fv light chain'
4 polymer 'Rabbit polyclonal Fv heavy chain'
5 branched 2-acetamido-2-deoxy-beta-D-glucopyranose-(1-4)-2-acetamido-2-deoxy-beta-D-glucopyranose
6 branched 2-acetamido-2-deoxy-beta-D-glucopyranose-(1-4)-[alpha-L-fucopyranose-(1-6)]2-acetamido-2-deoxy-beta-D-glucopyranose
7 branched alpha-D-mannopyranose-(1-2)-alpha-D-mannopyranose-(1-3)-[alpha-D-mannopyranose-(1-6)]beta-D-mannopyranose-(1-4)-2-acetamido-2-deoxy-beta-D-glucopyranose-(1-4)-2-acetamido-2-deoxy-beta-D-glucopyranose
8 branched beta-D-mannopyranose-(1-4)-2-acetamido-2-deoxy-beta-D-glucopyranose-(1-4)-2-acetamido-2-deoxy-beta-D-glucopyranose
9 branched alpha-D-mannopyranose-(1-3)-beta-D-mannopyranose-(1-4)-2-acetamido-2-deoxy-beta-D-glucopyranose-(1-4)-2-acetamido-2-deoxy-beta-D-glucopyranose
10 non-polymer 2-acetamido-2-deoxy-beta-D-glucopyranose
#
loop_
_entity_poly.entity_id
_entity_poly.type
_entity_poly.pdbx_seq_one_letter_code
_entity_poly.pdbx_strand_id
1 'polypeptide(L)'
;MGQIVTFFQEVPHVIEEVMNIVLIALSVLAVLKGLYNFATCGLVGLVTFLLLCGRSCTTSLYKGVYELQTLELNMETLNM
TMPLSCTKNNSHHYIMVGNETGLELTLTNTSIINHKFCNLSDAHKKNLYDHALMSIISTFHLSIPNFNQYEAMSCDFNGG
KISVQYNLSHSYAGDAANHCGTVANGVLQTFMRMAWGGSYIALDSGCGNWDCIMTSYQYLIIQNTTWEDHCQFSRPSPIG
YLGLLSQRTRDIYISRRLL
;
A,B,C
2 'polypeptide(L)'
;GTFTWTLSDSEGKDTPGGYCLTRWMLIEAELKCFGNTAVAKCNEKHDEEFCDMLRLFDFNKQAIQRLKAPAQMSIQLINK
AVNALINDQLIMKNHLRDIMCIPYCNYSKYWYLNHTTTGRTSLPKCWLVSNGSYLNETHFSDDIEQQADNMITEMLQKEY
MERQGGSGGSGGSGGSGGSEKAAKAEEAARKMEELFKKHKIVAVLRANSVEEAIEKAVAVFAGGVHLIEITFTVPDADTV
IKALSVLKEKGAIIGAGTVTSVEQCRKAVESGAEFIVSPHLDEEISQFCKEKGVFYMPGVMTPTELVKAMKLGHDILKLF
PGEVVGPEFVKAMKGPFPNVKFVPTGGVDLDNVCEWFDAGVLAVGVGDALVEGDPDEVREKAKEFVEKIRGCTEGSLEWS
HPQFEK
;
a,b,c
3 'polypeptide(L)'
;(UNK)(UNK)(UNK)(UNK)(UNK)(UNK)(UNK)(UNK)(UNK)(UNK)(UNK)(UNK)(UNK)(UNK)(UNK)(UNK)
(UNK)(UNK)(UNK)(UNK)(UNK)(UNK)(UNK)(UNK)(UNK)(UNK)(UNK)(UNK)(UNK)(UNK)(UNK)(UNK)
(UNK)(UNK)(UNK)(UNK)(UNK)(UNK)(UNK)(UNK)(UNK)(UNK)(UNK)(UNK)(UNK)(UNK)(UNK)(UNK)
(UNK)(UNK)(UNK)(UNK)(UNK)(UNK)(UNK)(UNK)(UNK)(UNK)(UNK)(UNK)(UNK)(UNK)(UNK)(UNK)
(UNK)(UNK)(UNK)(UNK)(UNK)(UNK)(UNK)(UNK)(UNK)(UNK)(UNK)(UNK)(UNK)(UNK)(UNK)(UNK)
(UNK)(UNK)(UNK)(UNK)(UNK)(UNK)(UNK)(UNK)(UNK)(UNK)(UNK)(UNK)(UNK)(UNK)(UNK)(UNK)
(UNK)(UNK)(UNK)(UNK)(UNK)(UNK)(UNK)(UNK)(UNK)(UNK)
;
L
4 'polypeptide(L)'
;(UNK)(UNK)(UNK)(UNK)(UNK)(UNK)(UNK)(UNK)(UNK)(UNK)(UNK)(UNK)(UNK)(UNK)(UNK)(UNK)
(UNK)(UNK)(UNK)(UNK)(UNK)(UNK)(UNK)(UNK)(UNK)(UNK)(UNK)(UNK)(UNK)(UNK)(UNK)(UNK)
(UNK)(UNK)(UNK)(UNK)(UNK)(UNK)(UNK)(UNK)(UNK)(UNK)(UNK)(UNK)(UNK)(UNK)(UNK)(UNK)
(UNK)(UNK)(UNK)(UNK)(UNK)(UNK)(UNK)(UNK)(UNK)(UNK)(UNK)(UNK)(UNK)(UNK)(UNK)(UNK)
(UNK)(UNK)(UNK)(UNK)(UNK)(UNK)(UNK)(UNK)(UNK)(UNK)(UNK)(UNK)(UNK)(UNK)(UNK)(UNK)
(UNK)(UNK)(UNK)(UNK)(UNK)(UNK)(UNK)(UNK)(UNK)(UNK)(UNK)(UNK)(UNK)(UNK)(UNK)(UNK)
(UNK)(UNK)(UNK)(UNK)(UNK)(UNK)(UNK)(UNK)(UNK)(UNK)(UNK)(UNK)(UNK)(UNK)(UNK)(UNK)
(UNK)(UNK)(UNK)(UNK)(UNK)(UNK)(UNK)
;
H
#
loop_
_chem_comp.id
_chem_comp.type
_chem_comp.name
_chem_comp.formula
BMA D-saccharide, beta linking beta-D-mannopyranose 'C6 H12 O6'
FUC L-saccharide, alpha linking alpha-L-fucopyranose 'C6 H12 O5'
MAN D-saccharide, alpha linking alpha-D-mannopyranose 'C6 H12 O6'
NAG D-saccharide, beta linking 2-acetamido-2-deoxy-beta-D-glucopyranose 'C8 H15 N O6'
#
# COMPACT_ATOMS: atom_id res chain seq x y z
N SER A 60 -4.54 49.22 9.91
CA SER A 60 -3.48 48.21 9.87
C SER A 60 -2.84 48.19 8.49
N LEU A 61 -2.00 49.18 8.21
CA LEU A 61 -1.33 49.34 6.92
C LEU A 61 0.11 48.84 7.00
N TYR A 62 0.54 48.17 5.92
CA TYR A 62 1.90 47.68 5.76
C TYR A 62 2.51 48.26 4.50
N LYS A 63 3.76 48.69 4.60
CA LYS A 63 4.48 49.31 3.49
C LYS A 63 3.73 50.53 2.95
N GLY A 64 3.05 51.24 3.84
CA GLY A 64 2.40 52.50 3.47
C GLY A 64 1.04 52.42 2.80
N VAL A 65 0.82 51.43 1.94
CA VAL A 65 -0.35 51.39 1.06
C VAL A 65 -1.10 50.07 1.08
N TYR A 66 -0.54 49.01 1.68
CA TYR A 66 -1.20 47.70 1.72
C TYR A 66 -1.92 47.57 3.05
N GLU A 67 -3.23 47.37 3.01
CA GLU A 67 -4.06 47.23 4.19
C GLU A 67 -4.39 45.77 4.43
N LEU A 68 -4.18 45.31 5.66
CA LEU A 68 -4.53 43.95 6.04
C LEU A 68 -6.05 43.85 6.15
N GLN A 69 -6.62 42.84 5.49
CA GLN A 69 -8.04 42.59 5.50
C GLN A 69 -8.28 41.10 5.60
N THR A 70 -9.46 40.73 6.10
CA THR A 70 -9.78 39.34 6.43
C THR A 70 -11.16 38.98 5.89
N LEU A 71 -11.34 37.69 5.65
CA LEU A 71 -12.62 37.12 5.27
C LEU A 71 -12.84 35.83 6.06
N GLU A 72 -14.10 35.46 6.23
CA GLU A 72 -14.49 34.21 6.86
C GLU A 72 -15.50 33.51 5.97
N LEU A 73 -15.26 32.23 5.69
CA LEU A 73 -16.09 31.48 4.76
C LEU A 73 -17.33 30.95 5.45
N ASN A 74 -18.46 31.06 4.76
CA ASN A 74 -19.75 30.53 5.20
C ASN A 74 -19.92 29.18 4.52
N MET A 75 -19.64 28.11 5.25
CA MET A 75 -19.70 26.76 4.70
C MET A 75 -21.09 26.12 4.81
N GLU A 76 -22.06 26.80 5.45
CA GLU A 76 -23.47 26.44 5.33
C GLU A 76 -23.88 26.13 3.90
N THR A 77 -23.46 26.94 2.94
CA THR A 77 -23.85 26.78 1.55
C THR A 77 -23.33 25.50 0.93
N LEU A 78 -22.36 24.82 1.55
CA LEU A 78 -21.90 23.53 1.06
C LEU A 78 -22.77 22.37 1.53
N ASN A 79 -23.87 22.64 2.25
CA ASN A 79 -24.71 21.56 2.76
C ASN A 79 -25.38 20.78 1.64
N MET A 80 -25.60 21.39 0.49
CA MET A 80 -26.34 20.72 -0.59
C MET A 80 -25.53 19.65 -1.28
N THR A 81 -24.21 19.58 -1.06
CA THR A 81 -23.31 18.69 -1.78
C THR A 81 -22.56 17.71 -0.90
N MET A 82 -22.29 18.04 0.36
CA MET A 82 -21.39 17.27 1.21
C MET A 82 -21.81 17.39 2.67
N PRO A 83 -21.36 16.46 3.53
CA PRO A 83 -21.66 16.61 4.97
C PRO A 83 -20.97 17.83 5.55
N LEU A 84 -21.52 18.33 6.66
CA LEU A 84 -20.92 19.41 7.44
C LEU A 84 -20.93 19.03 8.91
N SER A 85 -19.76 18.94 9.51
CA SER A 85 -19.59 18.50 10.88
C SER A 85 -19.24 19.67 11.79
N CYS A 86 -19.86 19.71 12.98
CA CYS A 86 -19.57 20.76 13.94
C CYS A 86 -20.09 20.41 15.32
N THR A 87 -19.64 21.19 16.30
CA THR A 87 -19.77 20.88 17.72
C THR A 87 -20.69 21.88 18.40
N LYS A 88 -21.57 21.38 19.27
CA LYS A 88 -22.49 22.21 20.04
C LYS A 88 -22.01 22.40 21.48
N ASN A 89 -21.76 21.31 22.18
CA ASN A 89 -21.06 21.37 23.46
C ASN A 89 -20.13 20.16 23.53
N ASN A 90 -19.39 20.05 24.64
CA ASN A 90 -18.38 19.00 24.75
C ASN A 90 -18.97 17.60 24.69
N SER A 91 -20.26 17.43 25.02
CA SER A 91 -20.91 16.13 25.03
C SER A 91 -21.66 15.81 23.74
N HIS A 92 -21.94 16.81 22.89
CA HIS A 92 -22.77 16.62 21.70
C HIS A 92 -22.07 17.21 20.48
N HIS A 93 -21.99 16.43 19.41
CA HIS A 93 -21.40 16.82 18.14
C HIS A 93 -22.35 16.35 17.05
N TYR A 94 -22.26 16.95 15.85
CA TYR A 94 -23.22 16.66 14.79
C TYR A 94 -22.52 16.63 13.43
N ILE A 95 -23.11 15.85 12.53
CA ILE A 95 -22.72 15.76 11.12
C ILE A 95 -23.99 15.93 10.33
N MET A 96 -24.26 17.14 9.85
CA MET A 96 -25.47 17.44 9.13
C MET A 96 -25.31 17.10 7.66
N VAL A 97 -26.28 16.34 7.13
CA VAL A 97 -26.40 16.04 5.71
C VAL A 97 -27.65 16.76 5.22
N GLY A 98 -27.45 17.70 4.29
CA GLY A 98 -28.53 18.51 3.79
C GLY A 98 -29.11 19.41 4.85
N ASN A 99 -30.25 20.02 4.52
CA ASN A 99 -31.07 20.73 5.48
C ASN A 99 -32.08 19.82 6.16
N GLU A 100 -31.95 18.50 5.98
CA GLU A 100 -32.92 17.52 6.44
C GLU A 100 -32.40 16.58 7.53
N THR A 101 -31.26 15.91 7.32
CA THR A 101 -30.89 14.77 8.14
C THR A 101 -29.45 14.94 8.62
N GLY A 102 -28.94 13.90 9.27
CA GLY A 102 -27.59 13.92 9.79
C GLY A 102 -27.46 12.94 10.93
N LEU A 103 -26.28 12.96 11.54
CA LEU A 103 -25.92 12.10 12.67
C LEU A 103 -25.59 12.95 13.89
N GLU A 104 -26.09 12.53 15.04
CA GLU A 104 -25.74 13.09 16.34
C GLU A 104 -24.75 12.13 16.99
N LEU A 105 -23.58 12.64 17.37
CA LEU A 105 -22.51 11.89 18.00
C LEU A 105 -22.37 12.40 19.43
N THR A 106 -22.70 11.54 20.40
CA THR A 106 -22.66 11.89 21.81
C THR A 106 -21.70 11.00 22.57
N LEU A 107 -20.80 11.63 23.31
CA LEU A 107 -20.02 10.96 24.34
C LEU A 107 -20.84 11.02 25.62
N THR A 108 -21.17 9.84 26.17
CA THR A 108 -22.10 9.75 27.28
C THR A 108 -21.79 8.51 28.11
N ASN A 109 -22.24 8.55 29.36
CA ASN A 109 -22.14 7.42 30.28
C ASN A 109 -23.38 6.53 30.27
N THR A 110 -24.38 6.84 29.45
CA THR A 110 -25.66 6.14 29.42
C THR A 110 -25.73 5.28 28.18
N SER A 111 -25.95 3.97 28.37
CA SER A 111 -26.13 3.05 27.26
C SER A 111 -27.56 3.13 26.74
N ILE A 112 -27.74 2.73 25.48
CA ILE A 112 -29.07 2.65 24.88
C ILE A 112 -29.35 1.30 24.19
N ILE A 113 -28.32 0.56 23.79
CA ILE A 113 -28.51 -0.74 23.13
C ILE A 113 -28.49 -1.88 24.13
N ASN A 114 -27.46 -1.95 24.97
CA ASN A 114 -27.35 -2.94 26.05
C ASN A 114 -27.36 -4.38 25.50
N HIS A 115 -26.75 -4.57 24.34
CA HIS A 115 -26.47 -5.91 23.83
C HIS A 115 -25.38 -5.79 22.79
N LYS A 116 -24.79 -6.94 22.43
CA LYS A 116 -23.55 -6.99 21.66
C LYS A 116 -23.78 -7.40 20.20
N PHE A 117 -24.99 -7.23 19.68
CA PHE A 117 -25.30 -7.52 18.29
C PHE A 117 -25.07 -6.29 17.42
N CYS A 118 -24.65 -6.54 16.17
CA CYS A 118 -24.63 -5.51 15.13
C CYS A 118 -24.99 -6.21 13.81
N ASN A 119 -26.28 -6.18 13.49
CA ASN A 119 -26.83 -6.90 12.33
C ASN A 119 -26.77 -6.00 11.10
N LEU A 120 -25.54 -5.81 10.60
CA LEU A 120 -25.35 -5.02 9.39
C LEU A 120 -25.95 -5.71 8.17
N SER A 121 -25.80 -7.02 8.07
CA SER A 121 -26.27 -7.73 6.88
C SER A 121 -27.79 -7.66 6.74
N ASP A 122 -28.52 -7.82 7.84
CA ASP A 122 -29.97 -7.70 7.79
C ASP A 122 -30.40 -6.28 7.42
N ALA A 123 -29.70 -5.27 7.94
CA ALA A 123 -30.00 -3.89 7.59
C ALA A 123 -29.77 -3.64 6.10
N HIS A 124 -28.69 -4.20 5.56
CA HIS A 124 -28.43 -4.07 4.12
C HIS A 124 -29.52 -4.79 3.32
N LYS A 125 -29.96 -5.95 3.81
CA LYS A 125 -31.03 -6.68 3.13
C LYS A 125 -32.32 -5.86 3.08
N LYS A 126 -32.70 -5.25 4.21
CA LYS A 126 -33.97 -4.53 4.26
C LYS A 126 -33.89 -3.20 3.52
N ASN A 127 -32.74 -2.51 3.58
CA ASN A 127 -32.50 -1.31 2.78
C ASN A 127 -33.48 -0.19 3.13
N LEU A 128 -33.78 -0.05 4.43
CA LEU A 128 -34.68 0.97 4.93
C LEU A 128 -33.97 2.24 5.40
N TYR A 129 -32.65 2.32 5.26
CA TYR A 129 -31.86 3.39 5.86
C TYR A 129 -31.48 4.44 4.81
N ASP A 130 -31.03 5.59 5.31
CA ASP A 130 -30.47 6.62 4.45
C ASP A 130 -29.09 6.20 3.98
N HIS A 131 -28.87 6.20 2.67
CA HIS A 131 -27.59 5.72 2.14
C HIS A 131 -26.44 6.65 2.50
N ALA A 132 -26.69 7.97 2.53
CA ALA A 132 -25.63 8.90 2.92
C ALA A 132 -25.19 8.69 4.36
N LEU A 133 -26.12 8.50 5.28
CA LEU A 133 -25.78 8.28 6.67
C LEU A 133 -25.05 6.95 6.88
N MET A 134 -25.50 5.87 6.22
CA MET A 134 -24.77 4.62 6.32
C MET A 134 -23.39 4.73 5.68
N SER A 135 -23.25 5.53 4.63
CA SER A 135 -21.92 5.77 4.06
C SER A 135 -21.03 6.48 5.07
N ILE A 136 -21.57 7.46 5.79
CA ILE A 136 -20.79 8.14 6.82
C ILE A 136 -20.40 7.17 7.93
N ILE A 137 -21.33 6.28 8.32
CA ILE A 137 -21.03 5.27 9.34
C ILE A 137 -19.93 4.33 8.86
N SER A 138 -20.00 3.90 7.61
CA SER A 138 -18.98 3.01 7.07
C SER A 138 -17.61 3.69 7.03
N THR A 139 -17.58 4.96 6.61
CA THR A 139 -16.32 5.70 6.62
C THR A 139 -15.77 5.83 8.03
N PHE A 140 -16.65 6.12 8.99
CA PHE A 140 -16.23 6.24 10.39
C PHE A 140 -15.63 4.95 10.89
N HIS A 141 -16.32 3.82 10.68
CA HIS A 141 -15.82 2.55 11.19
C HIS A 141 -14.54 2.12 10.49
N LEU A 142 -14.47 2.28 9.18
CA LEU A 142 -13.27 1.89 8.44
C LEU A 142 -12.10 2.83 8.69
N SER A 143 -12.34 4.02 9.26
CA SER A 143 -11.27 4.91 9.67
C SER A 143 -10.73 4.63 11.07
N ILE A 144 -11.31 3.68 11.81
CA ILE A 144 -10.81 3.37 13.15
C ILE A 144 -9.52 2.56 12.98
N PRO A 145 -8.38 2.99 13.51
CA PRO A 145 -7.17 2.17 13.36
C PRO A 145 -7.13 1.03 14.37
N ASN A 146 -6.79 -0.16 13.88
CA ASN A 146 -6.50 -1.32 14.71
C ASN A 146 -7.73 -1.74 15.53
N PHE A 147 -8.89 -1.72 14.90
CA PHE A 147 -10.12 -2.20 15.54
C PHE A 147 -10.11 -3.72 15.52
N ASN A 148 -10.17 -4.34 16.70
CA ASN A 148 -10.07 -5.78 16.84
C ASN A 148 -11.03 -6.39 17.84
N GLN A 149 -11.84 -5.59 18.54
CA GLN A 149 -12.84 -6.09 19.49
C GLN A 149 -14.22 -5.79 18.90
N TYR A 150 -14.81 -6.79 18.25
CA TYR A 150 -16.14 -6.61 17.67
C TYR A 150 -17.20 -6.37 18.74
N GLU A 151 -16.99 -6.89 19.94
CA GLU A 151 -17.96 -6.70 21.02
C GLU A 151 -18.07 -5.24 21.44
N ALA A 152 -17.05 -4.42 21.20
CA ALA A 152 -17.10 -3.01 21.56
C ALA A 152 -18.18 -2.26 20.79
N MET A 153 -18.50 -2.69 19.58
CA MET A 153 -19.46 -2.01 18.71
C MET A 153 -20.77 -2.79 18.74
N SER A 154 -21.85 -2.11 19.10
CA SER A 154 -23.22 -2.62 19.03
C SER A 154 -24.03 -1.71 18.12
N CYS A 155 -25.08 -2.27 17.52
CA CYS A 155 -25.86 -1.54 16.54
C CYS A 155 -27.33 -1.91 16.70
N ASP A 156 -28.20 -1.06 16.15
CA ASP A 156 -29.63 -1.34 16.07
C ASP A 156 -30.18 -0.53 14.90
N PHE A 157 -30.49 -1.21 13.79
CA PHE A 157 -31.03 -0.60 12.59
C PHE A 157 -32.49 -0.96 12.36
N ASN A 158 -33.26 -1.16 13.43
CA ASN A 158 -34.64 -1.60 13.29
C ASN A 158 -35.49 -0.49 12.68
N GLY A 159 -36.13 -0.80 11.56
CA GLY A 159 -36.97 0.15 10.88
C GLY A 159 -36.24 1.17 10.04
N GLY A 160 -34.97 0.93 9.72
CA GLY A 160 -34.19 1.83 8.90
C GLY A 160 -33.43 2.90 9.63
N LYS A 161 -33.61 3.02 10.95
CA LYS A 161 -32.85 4.01 11.69
C LYS A 161 -31.39 3.60 11.78
N ILE A 162 -30.58 4.47 12.37
CA ILE A 162 -29.17 4.21 12.66
C ILE A 162 -28.96 4.47 14.14
N SER A 163 -28.41 3.48 14.82
CA SER A 163 -28.10 3.61 16.24
C SER A 163 -26.86 2.76 16.52
N VAL A 164 -25.68 3.37 16.42
CA VAL A 164 -24.40 2.71 16.62
C VAL A 164 -23.90 3.12 18.00
N GLN A 165 -23.21 2.21 18.68
CA GLN A 165 -22.69 2.45 20.02
C GLN A 165 -21.33 1.78 20.16
N TYR A 166 -20.32 2.57 20.51
CA TYR A 166 -18.98 2.09 20.79
C TYR A 166 -18.74 2.13 22.30
N ASN A 167 -18.31 1.01 22.85
CA ASN A 167 -18.01 0.88 24.27
C ASN A 167 -16.57 1.31 24.49
N LEU A 168 -16.38 2.43 25.19
CA LEU A 168 -15.05 2.98 25.44
C LEU A 168 -14.45 2.53 26.77
N SER A 169 -15.13 1.66 27.51
CA SER A 169 -14.62 1.20 28.80
C SER A 169 -13.42 0.28 28.61
N HIS A 179 -4.67 2.28 29.79
CA HIS A 179 -5.34 3.39 29.13
C HIS A 179 -4.91 3.56 27.68
N CYS A 180 -3.66 3.20 27.38
CA CYS A 180 -3.05 3.49 26.08
C CYS A 180 -2.96 2.22 25.24
N GLY A 181 -3.33 2.33 23.97
CA GLY A 181 -3.24 1.23 23.04
C GLY A 181 -4.39 0.25 23.08
N THR A 182 -5.62 0.73 22.89
CA THR A 182 -6.80 -0.13 22.87
C THR A 182 -7.91 0.54 22.07
N VAL A 183 -9.07 -0.11 22.07
CA VAL A 183 -10.14 0.21 21.11
C VAL A 183 -10.73 1.59 21.40
N ALA A 184 -10.85 1.94 22.68
CA ALA A 184 -11.43 3.24 23.05
C ALA A 184 -10.59 4.38 22.49
N ASN A 185 -9.26 4.23 22.52
CA ASN A 185 -8.39 5.26 21.93
C ASN A 185 -8.64 5.40 20.44
N GLY A 186 -8.78 4.29 19.72
CA GLY A 186 -9.04 4.37 18.29
C GLY A 186 -10.38 4.98 17.96
N VAL A 187 -11.41 4.64 18.74
CA VAL A 187 -12.73 5.22 18.52
C VAL A 187 -12.70 6.73 18.74
N LEU A 188 -12.07 7.17 19.84
CA LEU A 188 -11.93 8.61 20.07
C LEU A 188 -11.05 9.25 19.00
N GLN A 189 -10.06 8.50 18.51
CA GLN A 189 -9.14 9.00 17.50
C GLN A 189 -9.88 9.33 16.21
N THR A 190 -10.81 8.47 15.81
CA THR A 190 -11.62 8.76 14.62
C THR A 190 -12.70 9.79 14.92
N PHE A 191 -13.21 9.79 16.16
CA PHE A 191 -14.27 10.73 16.52
C PHE A 191 -13.79 12.17 16.45
N MET A 192 -12.58 12.44 16.96
CA MET A 192 -12.11 13.82 17.01
C MET A 192 -11.68 14.33 15.64
N ARG A 193 -11.54 13.44 14.65
CA ARG A 193 -11.30 13.84 13.27
C ARG A 193 -12.59 13.97 12.46
N MET A 194 -13.57 13.12 12.73
CA MET A 194 -14.84 13.21 12.01
C MET A 194 -15.54 14.53 12.27
N ALA A 195 -15.43 15.09 13.48
CA ALA A 195 -15.84 16.45 13.80
C ALA A 195 -14.59 17.19 14.27
N TRP A 196 -13.82 17.71 13.31
CA TRP A 196 -12.49 18.21 13.62
C TRP A 196 -12.55 19.53 14.38
N GLY A 197 -13.41 20.45 13.94
CA GLY A 197 -13.53 21.75 14.58
C GLY A 197 -14.42 21.67 15.80
N GLY A 198 -13.79 21.72 16.98
CA GLY A 198 -14.50 21.79 18.23
C GLY A 198 -14.62 20.49 19.00
N SER A 199 -14.04 19.38 18.51
CA SER A 199 -14.03 18.15 19.29
C SER A 199 -12.93 18.15 20.35
N TYR A 200 -12.01 19.12 20.31
CA TYR A 200 -10.90 19.13 21.26
C TYR A 200 -11.37 19.34 22.69
N ILE A 201 -12.44 20.11 22.88
CA ILE A 201 -12.97 20.32 24.22
C ILE A 201 -13.52 19.03 24.83
N ALA A 202 -14.02 18.13 24.00
CA ALA A 202 -14.57 16.86 24.48
C ALA A 202 -13.53 15.93 25.06
N LEU A 203 -12.25 16.12 24.74
CA LEU A 203 -11.17 15.26 25.19
C LEU A 203 -10.49 15.86 26.42
N ASP A 204 -9.66 15.04 27.08
CA ASP A 204 -8.96 15.49 28.26
C ASP A 204 -7.97 16.60 27.94
N SER A 205 -7.26 16.48 26.81
CA SER A 205 -6.29 17.47 26.38
C SER A 205 -6.44 17.68 24.88
N GLY A 206 -6.39 18.94 24.46
CA GLY A 206 -6.54 19.24 23.05
C GLY A 206 -5.38 18.71 22.21
N CYS A 207 -4.18 18.69 22.78
CA CYS A 207 -2.98 18.28 22.07
C CYS A 207 -1.94 17.78 23.06
N GLY A 208 -0.83 17.28 22.52
CA GLY A 208 0.27 16.78 23.33
C GLY A 208 0.22 15.28 23.52
N ASN A 209 -0.99 14.77 23.74
CA ASN A 209 -1.27 13.34 23.80
C ASN A 209 -2.00 12.98 22.53
N TRP A 210 -1.42 12.09 21.71
CA TRP A 210 -2.09 11.61 20.52
C TRP A 210 -2.30 10.10 20.52
N ASP A 211 -1.22 9.32 20.71
CA ASP A 211 -1.29 7.87 20.58
C ASP A 211 -2.21 7.23 21.61
N CYS A 212 -2.46 7.89 22.73
CA CYS A 212 -3.56 7.53 23.60
C CYS A 212 -4.27 8.76 24.14
N ILE A 213 -5.26 9.22 23.38
CA ILE A 213 -6.20 10.23 23.86
C ILE A 213 -7.31 9.54 24.63
N MET A 214 -7.84 10.22 25.64
CA MET A 214 -8.86 9.67 26.51
C MET A 214 -9.89 10.74 26.83
N THR A 215 -11.11 10.29 27.10
CA THR A 215 -12.16 11.12 27.67
C THR A 215 -12.81 10.34 28.80
N SER A 216 -13.34 11.07 29.77
CA SER A 216 -13.99 10.45 30.91
C SER A 216 -15.25 9.68 30.54
N TYR A 217 -15.86 9.98 29.40
CA TYR A 217 -17.09 9.32 28.99
C TYR A 217 -16.81 7.87 28.59
N GLN A 218 -17.82 7.02 28.79
CA GLN A 218 -17.67 5.57 28.64
C GLN A 218 -18.24 5.02 27.35
N TYR A 219 -19.11 5.78 26.65
CA TYR A 219 -19.74 5.31 25.42
C TYR A 219 -19.77 6.44 24.40
N LEU A 220 -19.63 6.06 23.12
CA LEU A 220 -19.83 6.96 21.99
C LEU A 220 -21.03 6.45 21.20
N ILE A 221 -22.06 7.27 21.08
CA ILE A 221 -23.35 6.89 20.50
C ILE A 221 -23.59 7.76 19.27
N ILE A 222 -23.83 7.11 18.13
CA ILE A 222 -24.07 7.77 16.85
C ILE A 222 -25.50 7.42 16.44
N GLN A 223 -26.35 8.43 16.27
CA GLN A 223 -27.76 8.22 15.95
C GLN A 223 -28.24 9.21 14.89
N ASN A 224 -29.04 8.71 13.96
CA ASN A 224 -29.62 9.58 12.95
C ASN A 224 -30.60 10.56 13.58
N THR A 225 -30.61 11.79 13.07
CA THR A 225 -31.38 12.87 13.65
C THR A 225 -31.79 13.83 12.52
N THR A 226 -32.76 14.68 12.81
CA THR A 226 -33.24 15.69 11.88
C THR A 226 -32.38 16.95 11.99
N TRP A 227 -32.52 17.88 11.05
CA TRP A 227 -31.68 19.11 11.02
C TRP A 227 -32.14 20.17 12.03
N GLU A 228 -31.20 20.83 12.70
CA GLU A 228 -31.49 21.92 13.67
C GLU A 228 -30.24 22.80 13.74
N ASP A 229 -30.35 24.04 14.24
CA ASP A 229 -29.18 24.93 14.43
C ASP A 229 -28.37 24.36 15.60
N HIS A 230 -27.50 23.38 15.35
CA HIS A 230 -26.75 22.68 16.41
C HIS A 230 -25.39 23.30 16.68
N CYS A 231 -24.70 23.90 15.71
CA CYS A 231 -23.32 24.35 16.01
C CYS A 231 -23.31 25.66 16.78
N GLN A 232 -23.01 25.57 18.08
CA GLN A 232 -22.95 26.74 18.96
C GLN A 232 -21.49 26.97 19.36
N PHE A 233 -20.61 25.99 19.12
CA PHE A 233 -19.20 26.07 19.57
C PHE A 233 -18.32 26.22 18.34
N SER A 234 -18.67 25.57 17.24
CA SER A 234 -17.84 25.62 16.05
C SER A 234 -18.72 25.69 14.82
N ARG A 235 -18.19 26.32 13.77
CA ARG A 235 -18.94 26.47 12.54
C ARG A 235 -18.98 25.14 11.78
N PRO A 236 -19.99 24.93 10.92
CA PRO A 236 -19.96 23.75 10.04
C PRO A 236 -18.77 23.78 9.11
N SER A 237 -18.21 22.60 8.86
CA SER A 237 -17.06 22.44 8.00
C SER A 237 -17.10 21.03 7.42
N PRO A 238 -16.87 20.84 6.11
CA PRO A 238 -16.76 19.47 5.60
C PRO A 238 -15.39 18.84 5.81
N ILE A 239 -14.44 19.58 6.38
CA ILE A 239 -13.05 19.15 6.36
C ILE A 239 -12.85 17.89 7.18
N GLY A 240 -13.57 17.77 8.30
CA GLY A 240 -13.47 16.58 9.12
C GLY A 240 -13.90 15.32 8.40
N TYR A 241 -15.00 15.39 7.66
CA TYR A 241 -15.45 14.23 6.89
C TYR A 241 -14.56 13.99 5.68
N LEU A 242 -14.22 15.05 4.94
CA LEU A 242 -13.47 14.89 3.70
C LEU A 242 -12.06 14.39 3.97
N GLY A 243 -11.50 14.70 5.15
CA GLY A 243 -10.20 14.17 5.50
C GLY A 243 -10.19 12.66 5.71
N LEU A 244 -11.26 12.12 6.28
CA LEU A 244 -11.32 10.71 6.63
C LEU A 244 -11.63 9.80 5.45
N LEU A 245 -11.98 10.35 4.28
CA LEU A 245 -12.27 9.52 3.13
C LEU A 245 -11.03 8.75 2.68
N SER A 246 -9.87 9.40 2.70
CA SER A 246 -8.62 8.73 2.38
C SER A 246 -8.12 7.83 3.51
N GLN A 247 -8.62 8.02 4.74
CA GLN A 247 -8.17 7.20 5.87
C GLN A 247 -8.85 5.84 5.91
N ARG A 248 -9.84 5.61 5.05
CA ARG A 248 -10.57 4.34 5.07
C ARG A 248 -9.65 3.17 4.72
N THR A 249 -9.72 2.11 5.54
CA THR A 249 -9.05 0.85 5.30
C THR A 249 -7.53 0.95 5.30
N ARG A 250 -6.97 2.02 5.88
CA ARG A 250 -5.51 2.15 5.94
C ARG A 250 -4.92 1.46 7.17
N ASP A 251 -5.71 1.25 8.22
CA ASP A 251 -5.26 0.63 9.46
C ASP A 251 -6.24 -0.42 9.97
N ILE A 252 -6.98 -1.07 9.07
CA ILE A 252 -7.86 -2.18 9.43
C ILE A 252 -7.03 -3.46 9.46
N TYR A 253 -7.27 -4.29 10.47
CA TYR A 253 -6.64 -5.59 10.55
C TYR A 253 -7.33 -6.58 9.62
N ILE A 254 -6.58 -7.59 9.20
CA ILE A 254 -7.14 -8.69 8.42
C ILE A 254 -7.84 -9.66 9.36
N SER A 255 -9.08 -10.03 9.00
CA SER A 255 -9.87 -11.02 9.73
C SER A 255 -10.03 -12.33 8.98
N ARG A 256 -9.83 -12.33 7.66
CA ARG A 256 -9.92 -13.52 6.83
C ARG A 256 -8.73 -13.55 5.89
N ARG A 257 -8.38 -14.76 5.43
CA ARG A 257 -7.27 -14.88 4.50
C ARG A 257 -7.65 -14.40 3.11
N LEU A 258 -8.94 -14.52 2.75
CA LEU A 258 -9.51 -13.89 1.56
C LEU A 258 -10.46 -12.81 2.02
N LEU A 259 -10.09 -11.56 1.78
CA LEU A 259 -10.93 -10.42 2.18
C LEU A 259 -12.00 -10.19 1.12
N SER B 60 36.87 16.19 -6.45
CA SER B 60 36.46 16.46 -7.83
C SER B 60 35.87 17.85 -7.95
N LEU B 61 36.57 18.72 -8.70
CA LEU B 61 36.14 20.09 -8.93
C LEU B 61 35.48 20.20 -10.29
N TYR B 62 34.33 20.86 -10.33
CA TYR B 62 33.58 21.15 -11.54
C TYR B 62 33.46 22.66 -11.70
N LYS B 63 33.67 23.16 -12.91
CA LYS B 63 33.68 24.59 -13.21
C LYS B 63 34.72 25.36 -12.41
N GLY B 64 35.77 24.69 -11.94
CA GLY B 64 36.88 25.35 -11.28
C GLY B 64 36.72 25.55 -9.79
N VAL B 65 35.50 25.69 -9.27
CA VAL B 65 35.27 26.09 -7.89
C VAL B 65 34.25 25.21 -7.15
N TYR B 66 33.48 24.40 -7.87
CA TYR B 66 32.40 23.63 -7.25
C TYR B 66 32.93 22.23 -6.98
N GLU B 67 33.01 21.86 -5.69
CA GLU B 67 33.51 20.56 -5.26
C GLU B 67 32.35 19.61 -5.04
N LEU B 68 32.45 18.42 -5.61
CA LEU B 68 31.44 17.38 -5.41
C LEU B 68 31.61 16.79 -4.02
N GLN B 69 30.50 16.72 -3.28
CA GLN B 69 30.49 16.18 -1.92
C GLN B 69 29.27 15.31 -1.76
N THR B 70 29.34 14.37 -0.81
CA THR B 70 28.32 13.35 -0.62
C THR B 70 27.97 13.23 0.86
N LEU B 71 26.75 12.76 1.11
CA LEU B 71 26.27 12.45 2.45
C LEU B 71 25.46 11.16 2.39
N GLU B 72 25.48 10.43 3.50
CA GLU B 72 24.67 9.23 3.70
C GLU B 72 23.77 9.43 4.91
N LEU B 73 22.49 9.15 4.75
CA LEU B 73 21.51 9.36 5.80
C LEU B 73 21.46 8.16 6.74
N ASN B 74 21.52 8.43 8.04
CA ASN B 74 21.37 7.42 9.08
C ASN B 74 19.90 7.33 9.42
N MET B 75 19.19 6.41 8.76
CA MET B 75 17.76 6.24 8.96
C MET B 75 17.42 5.40 10.19
N GLU B 76 18.42 4.84 10.89
CA GLU B 76 18.17 4.15 12.14
C GLU B 76 17.60 5.10 13.21
N THR B 77 17.87 6.40 13.10
CA THR B 77 17.27 7.36 14.01
C THR B 77 15.77 7.56 13.76
N LEU B 78 15.21 7.03 12.67
CA LEU B 78 13.78 7.07 12.44
C LEU B 78 13.03 5.93 13.12
N ASN B 79 13.71 5.15 13.98
CA ASN B 79 13.10 3.95 14.55
C ASN B 79 11.98 4.28 15.54
N MET B 80 12.03 5.44 16.19
CA MET B 80 11.02 5.77 17.20
C MET B 80 9.69 6.21 16.59
N THR B 81 9.57 6.27 15.27
CA THR B 81 8.37 6.76 14.61
C THR B 81 7.79 5.81 13.57
N MET B 82 8.61 4.94 12.96
CA MET B 82 8.19 4.12 11.85
C MET B 82 8.99 2.83 11.78
N PRO B 83 8.50 1.79 11.09
CA PRO B 83 9.31 0.59 10.92
C PRO B 83 10.52 0.84 10.03
N LEU B 84 11.54 0.00 10.20
CA LEU B 84 12.75 0.04 9.38
C LEU B 84 13.08 -1.38 8.90
N SER B 85 13.25 -1.53 7.59
CA SER B 85 13.52 -2.82 6.97
C SER B 85 15.00 -2.93 6.62
N CYS B 86 15.56 -4.12 6.80
CA CYS B 86 16.93 -4.40 6.39
C CYS B 86 17.11 -5.89 6.14
N THR B 87 18.31 -6.25 5.67
CA THR B 87 18.67 -7.59 5.27
C THR B 87 19.99 -7.98 5.91
N LYS B 88 20.03 -9.17 6.53
CA LYS B 88 21.30 -9.74 6.98
C LYS B 88 21.96 -10.54 5.86
N ASN B 89 21.24 -11.54 5.37
CA ASN B 89 21.77 -12.41 4.30
C ASN B 89 20.64 -12.68 3.31
N ASN B 90 20.85 -13.59 2.37
CA ASN B 90 19.87 -13.84 1.31
C ASN B 90 18.58 -14.44 1.85
N SER B 91 18.63 -15.16 2.97
CA SER B 91 17.47 -15.85 3.52
C SER B 91 16.77 -15.09 4.63
N HIS B 92 17.51 -14.45 5.54
CA HIS B 92 16.95 -13.76 6.70
C HIS B 92 16.88 -12.27 6.43
N HIS B 93 15.71 -11.68 6.64
CA HIS B 93 15.44 -10.26 6.48
C HIS B 93 14.63 -9.82 7.68
N TYR B 94 14.69 -8.53 8.01
CA TYR B 94 14.12 -8.03 9.26
C TYR B 94 13.37 -6.72 9.05
N ILE B 95 12.32 -6.56 9.86
CA ILE B 95 11.56 -5.33 10.01
C ILE B 95 11.65 -5.02 11.49
N MET B 96 12.05 -3.80 11.84
CA MET B 96 12.17 -3.37 13.23
C MET B 96 11.24 -2.21 13.52
N VAL B 97 10.39 -2.40 14.53
CA VAL B 97 9.46 -1.39 15.01
C VAL B 97 10.08 -0.81 16.27
N GLY B 98 10.88 0.26 16.11
CA GLY B 98 11.65 0.75 17.23
C GLY B 98 12.66 -0.28 17.68
N ASN B 99 12.91 -0.31 18.99
CA ASN B 99 13.71 -1.34 19.62
C ASN B 99 12.79 -2.34 20.32
N GLU B 100 13.38 -3.42 20.83
CA GLU B 100 12.72 -4.42 21.66
C GLU B 100 11.67 -5.27 20.92
N THR B 101 11.47 -5.08 19.62
CA THR B 101 10.49 -5.85 18.88
C THR B 101 10.71 -5.71 17.37
N GLY B 102 10.05 -6.58 16.63
CA GLY B 102 10.14 -6.58 15.18
C GLY B 102 9.70 -7.91 14.62
N LEU B 103 9.80 -8.02 13.30
CA LEU B 103 9.49 -9.23 12.55
C LEU B 103 10.72 -9.73 11.81
N GLU B 104 10.89 -11.05 11.83
CA GLU B 104 11.91 -11.76 11.05
C GLU B 104 11.21 -12.48 9.92
N LEU B 105 11.55 -12.11 8.68
CA LEU B 105 11.03 -12.73 7.47
C LEU B 105 12.13 -13.65 6.93
N THR B 106 11.86 -14.95 6.89
CA THR B 106 12.84 -15.96 6.53
C THR B 106 12.31 -16.79 5.37
N LEU B 107 13.10 -16.86 4.29
CA LEU B 107 12.86 -17.80 3.21
C LEU B 107 13.54 -19.10 3.57
N THR B 108 12.78 -20.19 3.62
CA THR B 108 13.27 -21.45 4.15
C THR B 108 12.53 -22.62 3.51
N ASN B 109 13.22 -23.76 3.49
CA ASN B 109 12.64 -25.03 3.12
C ASN B 109 12.10 -25.82 4.31
N THR B 110 12.21 -25.28 5.53
CA THR B 110 11.73 -25.92 6.75
C THR B 110 10.46 -25.21 7.22
N SER B 111 9.35 -25.93 7.25
CA SER B 111 8.08 -25.37 7.72
C SER B 111 7.94 -25.60 9.22
N ILE B 112 7.34 -24.61 9.88
CA ILE B 112 7.05 -24.68 11.31
C ILE B 112 5.58 -24.92 11.61
N ILE B 113 4.69 -24.86 10.62
CA ILE B 113 3.26 -25.08 10.79
C ILE B 113 2.85 -26.18 9.82
N ASN B 114 2.21 -27.23 10.36
CA ASN B 114 1.77 -28.38 9.58
C ASN B 114 0.27 -28.31 9.27
N HIS B 115 -0.48 -27.46 9.96
CA HIS B 115 -1.93 -27.33 9.80
C HIS B 115 -2.22 -26.23 8.79
N LYS B 116 -3.49 -26.10 8.42
CA LYS B 116 -3.96 -25.10 7.48
C LYS B 116 -4.93 -24.09 8.11
N PHE B 117 -4.96 -24.03 9.44
CA PHE B 117 -5.69 -22.99 10.16
C PHE B 117 -4.84 -21.72 10.20
N CYS B 118 -5.51 -20.59 10.41
CA CYS B 118 -4.81 -19.37 10.79
C CYS B 118 -5.47 -18.71 12.00
N ASN B 119 -6.81 -18.68 12.06
CA ASN B 119 -7.55 -18.24 13.24
C ASN B 119 -7.24 -16.79 13.59
N LEU B 120 -7.54 -15.88 12.66
CA LEU B 120 -7.29 -14.46 12.90
C LEU B 120 -8.29 -13.87 13.89
N SER B 121 -9.56 -14.28 13.78
CA SER B 121 -10.60 -13.70 14.62
C SER B 121 -10.38 -14.02 16.10
N ASP B 122 -9.95 -15.24 16.42
CA ASP B 122 -9.64 -15.59 17.80
C ASP B 122 -8.49 -14.75 18.34
N ALA B 123 -7.46 -14.54 17.53
CA ALA B 123 -6.35 -13.69 17.95
C ALA B 123 -6.81 -12.26 18.19
N HIS B 124 -7.71 -11.75 17.33
CA HIS B 124 -8.25 -10.41 17.55
C HIS B 124 -9.06 -10.35 18.83
N LYS B 125 -9.85 -11.38 19.11
CA LYS B 125 -10.69 -11.37 20.31
C LYS B 125 -9.83 -11.42 21.57
N LYS B 126 -8.79 -12.26 21.59
CA LYS B 126 -7.96 -12.36 22.78
C LYS B 126 -7.11 -11.12 22.97
N ASN B 127 -6.59 -10.54 21.88
CA ASN B 127 -5.92 -9.25 21.92
C ASN B 127 -4.63 -9.29 22.74
N LEU B 128 -3.86 -10.37 22.57
CA LEU B 128 -2.60 -10.57 23.26
C LEU B 128 -1.39 -10.13 22.44
N TYR B 129 -1.58 -9.61 21.23
CA TYR B 129 -0.49 -9.38 20.29
C TYR B 129 -0.06 -7.91 20.31
N ASP B 130 1.10 -7.67 19.71
CA ASP B 130 1.59 -6.31 19.49
C ASP B 130 0.82 -5.72 18.31
N HIS B 131 0.23 -4.54 18.52
CA HIS B 131 -0.64 -3.97 17.48
C HIS B 131 0.16 -3.49 16.28
N ALA B 132 1.37 -2.97 16.48
CA ALA B 132 2.18 -2.53 15.35
C ALA B 132 2.59 -3.71 14.47
N LEU B 133 2.99 -4.82 15.07
CA LEU B 133 3.36 -6.00 14.30
C LEU B 133 2.18 -6.59 13.55
N MET B 134 1.00 -6.67 14.18
CA MET B 134 -0.18 -7.14 13.46
C MET B 134 -0.57 -6.17 12.35
N SER B 135 -0.36 -4.87 12.56
CA SER B 135 -0.59 -3.91 11.48
C SER B 135 0.33 -4.17 10.30
N ILE B 136 1.60 -4.48 10.59
CA ILE B 136 2.54 -4.78 9.52
C ILE B 136 2.13 -6.06 8.79
N ILE B 137 1.67 -7.07 9.53
CA ILE B 137 1.20 -8.30 8.91
C ILE B 137 -0.01 -8.04 8.03
N SER B 138 -0.95 -7.21 8.51
CA SER B 138 -2.12 -6.88 7.73
C SER B 138 -1.75 -6.14 6.45
N THR B 139 -0.81 -5.19 6.55
CA THR B 139 -0.34 -4.49 5.37
C THR B 139 0.30 -5.45 4.38
N PHE B 140 1.12 -6.38 4.89
CA PHE B 140 1.76 -7.36 4.03
C PHE B 140 0.73 -8.22 3.30
N HIS B 141 -0.24 -8.76 4.03
CA HIS B 141 -1.22 -9.65 3.40
C HIS B 141 -2.11 -8.90 2.42
N LEU B 142 -2.57 -7.70 2.78
CA LEU B 142 -3.40 -6.91 1.90
C LEU B 142 -2.63 -6.36 0.70
N SER B 143 -1.30 -6.34 0.75
CA SER B 143 -0.49 -5.94 -0.38
C SER B 143 -0.18 -7.07 -1.36
N ILE B 144 -0.62 -8.30 -1.08
CA ILE B 144 -0.37 -9.42 -1.99
C ILE B 144 -1.30 -9.26 -3.19
N PRO B 145 -0.82 -9.19 -4.43
CA PRO B 145 -1.76 -9.11 -5.56
C PRO B 145 -2.33 -10.47 -5.91
N ASN B 146 -3.66 -10.50 -6.08
CA ASN B 146 -4.37 -11.66 -6.61
C ASN B 146 -4.20 -12.89 -5.70
N PHE B 147 -4.32 -12.68 -4.40
CA PHE B 147 -4.26 -13.78 -3.44
C PHE B 147 -5.62 -14.50 -3.48
N ASN B 148 -5.59 -15.79 -3.83
CA ASN B 148 -6.81 -16.58 -3.95
C ASN B 148 -6.70 -17.99 -3.37
N GLN B 149 -5.54 -18.37 -2.82
CA GLN B 149 -5.33 -19.69 -2.23
C GLN B 149 -5.17 -19.49 -0.72
N TYR B 150 -6.28 -19.59 0.01
CA TYR B 150 -6.25 -19.36 1.44
C TYR B 150 -5.46 -20.42 2.18
N GLU B 151 -5.44 -21.66 1.68
CA GLU B 151 -4.64 -22.71 2.28
C GLU B 151 -3.15 -22.47 2.17
N ALA B 152 -2.71 -21.60 1.27
CA ALA B 152 -1.28 -21.32 1.13
C ALA B 152 -0.71 -20.64 2.36
N MET B 153 -1.49 -19.80 3.06
CA MET B 153 -1.04 -19.08 4.24
C MET B 153 -1.64 -19.74 5.46
N SER B 154 -0.78 -20.21 6.36
CA SER B 154 -1.16 -20.64 7.70
C SER B 154 -0.58 -19.65 8.68
N CYS B 155 -1.09 -19.65 9.90
CA CYS B 155 -0.50 -18.81 10.93
C CYS B 155 -0.90 -19.35 12.30
N ASP B 156 -0.30 -18.78 13.34
CA ASP B 156 -0.56 -19.22 14.71
C ASP B 156 -0.18 -18.10 15.66
N PHE B 157 -1.18 -17.54 16.37
CA PHE B 157 -1.02 -16.43 17.29
C PHE B 157 -1.23 -16.83 18.75
N ASN B 158 -1.01 -18.10 19.09
CA ASN B 158 -1.30 -18.55 20.45
C ASN B 158 -0.36 -17.90 21.44
N GLY B 159 -0.93 -17.29 22.49
CA GLY B 159 -0.17 -16.59 23.48
C GLY B 159 0.25 -15.18 23.12
N GLY B 160 -0.29 -14.62 22.04
CA GLY B 160 0.03 -13.27 21.62
C GLY B 160 1.19 -13.16 20.65
N LYS B 161 1.91 -14.24 20.37
CA LYS B 161 2.99 -14.18 19.41
C LYS B 161 2.43 -14.00 17.99
N ILE B 162 3.34 -13.87 17.04
CA ILE B 162 3.02 -13.80 15.63
C ILE B 162 3.90 -14.80 14.90
N SER B 163 3.28 -15.65 14.09
CA SER B 163 3.99 -16.66 13.32
C SER B 163 3.14 -16.99 12.10
N VAL B 164 3.49 -16.41 10.95
CA VAL B 164 2.79 -16.62 9.69
C VAL B 164 3.70 -17.45 8.79
N GLN B 165 3.10 -18.27 7.93
CA GLN B 165 3.83 -19.15 7.03
C GLN B 165 3.11 -19.18 5.70
N TYR B 166 3.75 -18.63 4.66
CA TYR B 166 3.25 -18.66 3.29
C TYR B 166 3.91 -19.81 2.55
N ASN B 167 3.09 -20.71 2.02
CA ASN B 167 3.56 -21.86 1.26
C ASN B 167 3.82 -21.43 -0.18
N LEU B 168 5.10 -21.36 -0.55
CA LEU B 168 5.50 -20.95 -1.89
C LEU B 168 5.62 -22.13 -2.86
N SER B 169 5.29 -23.34 -2.42
CA SER B 169 5.39 -24.51 -3.30
C SER B 169 4.31 -24.48 -4.36
N HIS B 179 5.19 -20.73 -13.35
CA HIS B 179 5.97 -19.90 -12.45
C HIS B 179 5.65 -18.42 -12.60
N CYS B 180 4.44 -18.10 -13.08
CA CYS B 180 4.03 -16.72 -13.35
C CYS B 180 2.66 -16.38 -12.78
N GLY B 181 1.77 -17.37 -12.64
CA GLY B 181 0.42 -17.18 -12.16
C GLY B 181 0.09 -17.82 -10.83
N THR B 182 1.09 -18.22 -10.04
CA THR B 182 0.87 -18.85 -8.74
C THR B 182 0.98 -17.83 -7.62
N VAL B 183 0.48 -18.21 -6.44
CA VAL B 183 0.46 -17.33 -5.28
C VAL B 183 1.87 -17.01 -4.82
N ALA B 184 2.83 -17.90 -5.08
CA ALA B 184 4.22 -17.66 -4.70
C ALA B 184 4.76 -16.38 -5.32
N ASN B 185 4.40 -16.11 -6.58
CA ASN B 185 4.82 -14.87 -7.21
C ASN B 185 4.31 -13.64 -6.46
N GLY B 186 3.01 -13.59 -6.13
CA GLY B 186 2.48 -12.44 -5.42
C GLY B 186 3.11 -12.27 -4.05
N VAL B 187 3.29 -13.37 -3.33
CA VAL B 187 3.92 -13.31 -2.02
C VAL B 187 5.35 -12.79 -2.14
N LEU B 188 6.09 -13.25 -3.15
CA LEU B 188 7.46 -12.78 -3.33
C LEU B 188 7.51 -11.32 -3.78
N GLN B 189 6.55 -10.87 -4.60
CA GLN B 189 6.49 -9.46 -4.96
C GLN B 189 6.29 -8.59 -3.74
N THR B 190 5.37 -8.97 -2.85
CA THR B 190 5.17 -8.18 -1.64
C THR B 190 6.38 -8.27 -0.71
N PHE B 191 7.00 -9.45 -0.66
CA PHE B 191 8.17 -9.64 0.19
C PHE B 191 9.33 -8.75 -0.24
N MET B 192 9.66 -8.76 -1.52
CA MET B 192 10.83 -8.01 -1.97
C MET B 192 10.61 -6.51 -1.96
N ARG B 193 9.37 -6.04 -1.75
CA ARG B 193 9.07 -4.63 -1.57
C ARG B 193 9.02 -4.24 -0.09
N MET B 194 8.53 -5.14 0.77
CA MET B 194 8.57 -4.87 2.21
C MET B 194 10.01 -4.81 2.73
N ALA B 195 10.91 -5.56 2.09
CA ALA B 195 12.33 -5.61 2.45
C ALA B 195 13.18 -5.14 1.26
N TRP B 196 12.80 -3.99 0.72
CA TRP B 196 13.37 -3.52 -0.55
C TRP B 196 14.85 -3.22 -0.49
N GLY B 197 15.40 -3.04 0.72
CA GLY B 197 16.80 -2.63 0.83
C GLY B 197 17.78 -3.65 0.29
N GLY B 198 17.55 -4.93 0.58
CA GLY B 198 18.44 -6.01 0.19
C GLY B 198 17.77 -7.30 -0.22
N SER B 199 16.53 -7.25 -0.72
CA SER B 199 15.83 -8.48 -1.08
C SER B 199 16.26 -9.03 -2.44
N TYR B 200 16.99 -8.24 -3.25
CA TYR B 200 17.35 -8.70 -4.58
C TYR B 200 18.28 -9.91 -4.55
N ILE B 201 19.12 -10.03 -3.52
CA ILE B 201 19.94 -11.23 -3.38
C ILE B 201 19.12 -12.46 -2.98
N ALA B 202 17.91 -12.26 -2.46
CA ALA B 202 17.07 -13.39 -2.04
C ALA B 202 16.38 -14.09 -3.19
N LEU B 203 16.45 -13.55 -4.40
CA LEU B 203 15.67 -14.03 -5.54
C LEU B 203 16.57 -14.75 -6.54
N ASP B 204 15.93 -15.52 -7.43
CA ASP B 204 16.67 -16.22 -8.47
C ASP B 204 17.36 -15.26 -9.43
N SER B 205 16.68 -14.17 -9.81
CA SER B 205 17.22 -13.14 -10.69
C SER B 205 17.10 -11.80 -9.99
N GLY B 206 18.15 -10.99 -10.07
CA GLY B 206 18.14 -9.70 -9.41
C GLY B 206 17.10 -8.75 -9.96
N CYS B 207 16.95 -8.70 -11.28
CA CYS B 207 16.00 -7.80 -11.92
C CYS B 207 15.63 -8.36 -13.28
N GLY B 208 14.68 -7.69 -13.93
CA GLY B 208 14.18 -8.10 -15.24
C GLY B 208 12.98 -9.02 -15.22
N ASN B 209 12.59 -9.53 -14.04
CA ASN B 209 11.41 -10.38 -13.89
C ASN B 209 10.54 -9.80 -12.78
N TRP B 210 9.27 -9.54 -13.12
CA TRP B 210 8.27 -9.08 -12.16
C TRP B 210 7.09 -10.02 -12.05
N ASP B 211 6.50 -10.42 -13.18
CA ASP B 211 5.33 -11.28 -13.13
C ASP B 211 5.72 -12.72 -12.79
N CYS B 212 6.90 -13.15 -13.22
CA CYS B 212 7.41 -14.50 -12.99
C CYS B 212 8.56 -14.51 -12.00
N ILE B 213 8.49 -13.70 -10.95
CA ILE B 213 9.47 -13.69 -9.87
C ILE B 213 9.40 -15.03 -9.15
N MET B 214 10.56 -15.59 -8.80
CA MET B 214 10.63 -16.87 -8.10
C MET B 214 11.87 -16.92 -7.22
N THR B 215 11.78 -17.77 -6.20
CA THR B 215 12.94 -18.18 -5.42
C THR B 215 12.86 -19.68 -5.20
N SER B 216 14.01 -20.31 -5.02
CA SER B 216 14.05 -21.74 -4.81
C SER B 216 13.45 -22.16 -3.46
N TYR B 217 13.41 -21.25 -2.48
CA TYR B 217 12.85 -21.58 -1.18
C TYR B 217 11.35 -21.83 -1.29
N GLN B 218 10.87 -22.74 -0.43
CA GLN B 218 9.49 -23.23 -0.50
C GLN B 218 8.54 -22.56 0.47
N TYR B 219 9.05 -21.86 1.50
CA TYR B 219 8.22 -21.23 2.51
C TYR B 219 8.78 -19.85 2.86
N LEU B 220 7.88 -18.91 3.11
CA LEU B 220 8.21 -17.60 3.66
C LEU B 220 7.57 -17.51 5.04
N ILE B 221 8.39 -17.42 6.09
CA ILE B 221 7.94 -17.51 7.47
C ILE B 221 8.23 -16.18 8.15
N ILE B 222 7.18 -15.58 8.72
CA ILE B 222 7.25 -14.25 9.34
C ILE B 222 6.96 -14.46 10.83
N GLN B 223 7.97 -14.23 11.67
CA GLN B 223 7.86 -14.47 13.10
C GLN B 223 8.31 -13.24 13.89
N ASN B 224 7.60 -12.94 14.97
CA ASN B 224 8.01 -11.84 15.84
C ASN B 224 9.31 -12.19 16.55
N THR B 225 10.14 -11.17 16.76
CA THR B 225 11.48 -11.35 17.31
C THR B 225 11.92 -10.11 18.08
N THR B 226 13.11 -10.17 18.68
CA THR B 226 13.69 -9.09 19.44
C THR B 226 14.67 -8.31 18.59
N TRP B 227 15.11 -7.17 19.12
CA TRP B 227 16.04 -6.31 18.41
C TRP B 227 17.48 -6.74 18.64
N GLU B 228 18.19 -7.00 17.54
CA GLU B 228 19.64 -7.13 17.55
C GLU B 228 20.16 -6.40 16.31
N ASP B 229 21.49 -6.38 16.17
CA ASP B 229 22.13 -5.67 15.07
C ASP B 229 22.17 -6.61 13.87
N HIS B 230 21.01 -6.79 13.23
CA HIS B 230 20.89 -7.68 12.07
C HIS B 230 21.25 -7.02 10.75
N CYS B 231 21.16 -5.70 10.63
CA CYS B 231 21.24 -5.04 9.33
C CYS B 231 22.68 -5.07 8.81
N GLN B 232 23.03 -6.24 8.26
CA GLN B 232 24.39 -6.49 7.76
C GLN B 232 24.53 -6.18 6.28
N PHE B 233 23.63 -6.68 5.44
CA PHE B 233 23.75 -6.54 4.00
C PHE B 233 23.22 -5.20 3.48
N SER B 234 22.12 -4.71 4.05
CA SER B 234 21.52 -3.43 3.67
C SER B 234 21.22 -2.63 4.92
N ARG B 235 21.26 -1.31 4.78
CA ARG B 235 21.02 -0.44 5.91
C ARG B 235 19.54 -0.44 6.28
N PRO B 236 19.20 -0.08 7.53
CA PRO B 236 17.78 0.08 7.87
C PRO B 236 17.16 1.22 7.06
N SER B 237 15.91 1.02 6.66
CA SER B 237 15.22 1.97 5.81
C SER B 237 13.72 1.80 5.98
N PRO B 238 12.92 2.88 6.04
CA PRO B 238 11.46 2.70 6.09
C PRO B 238 10.80 2.63 4.73
N ILE B 239 11.57 2.69 3.63
CA ILE B 239 11.00 3.03 2.33
C ILE B 239 10.07 1.93 1.83
N GLY B 240 10.43 0.66 2.05
CA GLY B 240 9.58 -0.42 1.60
C GLY B 240 8.21 -0.44 2.25
N TYR B 241 8.19 -0.35 3.58
CA TYR B 241 6.94 -0.38 4.30
C TYR B 241 6.09 0.85 3.97
N LEU B 242 6.72 2.03 3.93
CA LEU B 242 6.00 3.26 3.62
C LEU B 242 5.44 3.22 2.21
N GLY B 243 6.16 2.59 1.28
CA GLY B 243 5.64 2.39 -0.06
C GLY B 243 4.47 1.44 -0.13
N LEU B 244 4.49 0.36 0.65
CA LEU B 244 3.41 -0.62 0.63
C LEU B 244 2.14 -0.16 1.34
N LEU B 245 2.17 0.97 2.06
CA LEU B 245 0.95 1.44 2.71
C LEU B 245 -0.13 1.82 1.70
N SER B 246 0.26 2.44 0.59
CA SER B 246 -0.70 2.76 -0.46
C SER B 246 -1.16 1.54 -1.26
N GLN B 247 -0.52 0.38 -1.06
CA GLN B 247 -0.84 -0.83 -1.80
C GLN B 247 -1.90 -1.69 -1.12
N ARG B 248 -2.32 -1.34 0.09
CA ARG B 248 -3.30 -2.16 0.79
C ARG B 248 -4.65 -2.15 0.07
N THR B 249 -5.20 -3.35 -0.14
CA THR B 249 -6.49 -3.59 -0.76
C THR B 249 -6.56 -3.08 -2.19
N ARG B 250 -5.43 -2.97 -2.90
CA ARG B 250 -5.44 -2.43 -4.26
C ARG B 250 -5.56 -3.53 -5.30
N ASP B 251 -5.00 -4.71 -5.03
CA ASP B 251 -5.00 -5.84 -5.95
C ASP B 251 -5.61 -7.10 -5.31
N ILE B 252 -6.52 -6.92 -4.36
CA ILE B 252 -7.22 -8.04 -3.75
C ILE B 252 -8.39 -8.47 -4.63
N TYR B 253 -8.81 -9.72 -4.47
CA TYR B 253 -9.99 -10.25 -5.12
C TYR B 253 -11.18 -10.20 -4.17
N ILE B 254 -12.37 -10.17 -4.76
CA ILE B 254 -13.61 -10.20 -3.98
C ILE B 254 -13.92 -11.64 -3.62
N SER B 255 -14.21 -11.89 -2.34
CA SER B 255 -14.60 -13.20 -1.85
C SER B 255 -16.09 -13.31 -1.58
N ARG B 256 -16.71 -12.26 -1.07
CA ARG B 256 -18.14 -12.20 -0.80
C ARG B 256 -18.73 -11.04 -1.59
N ARG B 257 -20.03 -11.14 -1.87
CA ARG B 257 -20.69 -10.09 -2.64
C ARG B 257 -20.74 -8.78 -1.86
N LEU B 258 -20.98 -8.86 -0.55
CA LEU B 258 -20.94 -7.71 0.35
C LEU B 258 -19.68 -7.78 1.20
N LEU B 259 -18.73 -6.90 0.90
CA LEU B 259 -17.51 -6.78 1.70
C LEU B 259 -17.77 -5.82 2.85
N SER C 60 -4.89 26.59 -40.70
CA SER C 60 -5.16 27.73 -39.85
C SER C 60 -3.88 28.29 -39.26
N LEU C 61 -3.55 29.52 -39.63
CA LEU C 61 -2.35 30.22 -39.16
C LEU C 61 -2.72 31.23 -38.10
N TYR C 62 -1.95 31.26 -37.01
CA TYR C 62 -2.11 32.21 -35.92
C TYR C 62 -0.81 32.99 -35.78
N LYS C 63 -0.93 34.32 -35.69
CA LYS C 63 0.18 35.26 -35.67
C LYS C 63 0.99 35.25 -36.97
N GLY C 64 0.46 34.65 -38.04
CA GLY C 64 1.12 34.62 -39.33
C GLY C 64 2.17 33.53 -39.51
N VAL C 65 2.61 32.88 -38.43
CA VAL C 65 3.74 31.95 -38.49
C VAL C 65 3.47 30.61 -37.78
N TYR C 66 2.42 30.55 -36.96
CA TYR C 66 2.10 29.34 -36.19
C TYR C 66 0.89 28.65 -36.81
N GLU C 67 1.11 27.44 -37.32
CA GLU C 67 0.06 26.65 -37.94
C GLU C 67 -0.51 25.66 -36.94
N LEU C 68 -1.84 25.55 -36.92
CA LEU C 68 -2.52 24.63 -36.01
C LEU C 68 -2.49 23.22 -36.61
N GLN C 69 -2.01 22.27 -35.82
CA GLN C 69 -1.94 20.86 -36.22
C GLN C 69 -2.48 20.01 -35.09
N THR C 70 -2.90 18.79 -35.43
CA THR C 70 -3.64 17.91 -34.53
C THR C 70 -2.98 16.54 -34.46
N LEU C 71 -3.27 15.85 -33.36
CA LEU C 71 -2.82 14.49 -33.09
C LEU C 71 -4.02 13.60 -32.83
N GLU C 72 -3.84 12.30 -33.04
CA GLU C 72 -4.79 11.29 -32.57
C GLU C 72 -4.00 10.05 -32.17
N LEU C 73 -3.99 9.77 -30.87
CA LEU C 73 -3.18 8.70 -30.32
C LEU C 73 -3.80 7.34 -30.61
N ASN C 74 -2.95 6.38 -30.97
CA ASN C 74 -3.34 5.00 -31.21
C ASN C 74 -3.04 4.22 -29.93
N MET C 75 -4.09 3.92 -29.17
CA MET C 75 -3.97 3.27 -27.88
C MET C 75 -4.00 1.75 -27.97
N GLU C 76 -4.29 1.18 -29.15
CA GLU C 76 -4.11 -0.24 -29.38
C GLU C 76 -2.70 -0.72 -29.01
N THR C 77 -1.68 0.10 -29.24
CA THR C 77 -0.32 -0.28 -28.89
C THR C 77 -0.11 -0.44 -27.38
N LEU C 78 -1.03 0.05 -26.55
CA LEU C 78 -0.95 -0.14 -25.11
C LEU C 78 -1.56 -1.47 -24.65
N ASN C 79 -2.03 -2.31 -25.57
CA ASN C 79 -2.76 -3.57 -25.24
C ASN C 79 -1.93 -4.50 -24.36
N MET C 80 -0.63 -4.61 -24.59
CA MET C 80 0.24 -5.57 -23.87
C MET C 80 0.34 -5.24 -22.38
N THR C 81 0.38 -3.96 -22.00
CA THR C 81 0.62 -3.55 -20.59
C THR C 81 -0.66 -3.20 -19.84
N MET C 82 -1.74 -2.78 -20.50
CA MET C 82 -2.94 -2.26 -19.78
C MET C 82 -4.25 -2.77 -20.38
N PRO C 83 -5.35 -2.84 -19.60
CA PRO C 83 -6.66 -3.16 -20.16
C PRO C 83 -7.16 -1.99 -21.01
N LEU C 84 -7.71 -2.23 -22.20
CA LEU C 84 -8.26 -1.17 -23.09
C LEU C 84 -9.76 -1.40 -23.26
N SER C 85 -10.60 -0.41 -22.98
CA SER C 85 -12.08 -0.52 -23.06
C SER C 85 -12.61 0.25 -24.26
N CYS C 86 -13.69 -0.23 -24.89
CA CYS C 86 -14.33 0.44 -26.01
C CYS C 86 -15.77 -0.02 -26.13
N THR C 87 -16.46 0.57 -27.10
CA THR C 87 -17.88 0.34 -27.36
C THR C 87 -18.06 -0.07 -28.82
N LYS C 88 -18.93 -1.06 -29.05
CA LYS C 88 -19.35 -1.43 -30.39
C LYS C 88 -20.64 -0.71 -30.78
N ASN C 89 -21.67 -0.83 -29.95
CA ASN C 89 -22.94 -0.16 -30.17
C ASN C 89 -23.57 0.13 -28.80
N ASN C 90 -24.88 0.41 -28.78
CA ASN C 90 -25.53 0.87 -27.55
C ASN C 90 -25.46 -0.17 -26.44
N SER C 91 -25.65 -1.44 -26.76
CA SER C 91 -25.73 -2.49 -25.76
C SER C 91 -24.40 -3.18 -25.47
N HIS C 92 -23.60 -3.50 -26.47
CA HIS C 92 -22.36 -4.25 -26.29
C HIS C 92 -21.18 -3.31 -26.10
N HIS C 93 -20.41 -3.55 -25.04
CA HIS C 93 -19.17 -2.84 -24.74
C HIS C 93 -18.14 -3.89 -24.33
N TYR C 94 -16.85 -3.56 -24.47
CA TYR C 94 -15.80 -4.55 -24.30
C TYR C 94 -14.61 -3.96 -23.57
N ILE C 95 -13.85 -4.83 -22.91
CA ILE C 95 -12.60 -4.49 -22.23
C ILE C 95 -11.61 -5.59 -22.62
N MET C 96 -10.70 -5.29 -23.55
CA MET C 96 -9.73 -6.25 -24.03
C MET C 96 -8.47 -6.18 -23.18
N VAL C 97 -8.01 -7.35 -22.73
CA VAL C 97 -6.82 -7.47 -21.89
C VAL C 97 -5.75 -8.05 -22.79
N GLY C 98 -4.94 -7.18 -23.41
CA GLY C 98 -4.07 -7.66 -24.47
C GLY C 98 -4.91 -8.16 -25.63
N ASN C 99 -4.38 -9.15 -26.34
CA ASN C 99 -5.13 -9.91 -27.33
C ASN C 99 -5.53 -11.25 -26.72
N GLU C 100 -6.39 -11.96 -27.47
CA GLU C 100 -6.84 -13.31 -27.13
C GLU C 100 -7.75 -13.40 -25.90
N THR C 101 -8.06 -12.29 -25.24
CA THR C 101 -8.91 -12.35 -24.05
C THR C 101 -9.43 -10.97 -23.65
N GLY C 102 -10.58 -10.98 -22.99
CA GLY C 102 -11.19 -9.77 -22.49
C GLY C 102 -12.56 -10.07 -21.91
N LEU C 103 -13.23 -9.00 -21.51
CA LEU C 103 -14.60 -9.05 -20.99
C LEU C 103 -15.55 -8.33 -21.94
N GLU C 104 -16.78 -8.82 -21.96
CA GLU C 104 -17.87 -8.26 -22.75
C GLU C 104 -19.00 -7.89 -21.78
N LEU C 105 -19.35 -6.61 -21.77
CA LEU C 105 -20.40 -6.06 -20.92
C LEU C 105 -21.60 -5.74 -21.80
N THR C 106 -22.72 -6.41 -21.54
CA THR C 106 -23.95 -6.22 -22.30
C THR C 106 -25.06 -5.78 -21.36
N LEU C 107 -25.72 -4.68 -21.73
CA LEU C 107 -26.99 -4.28 -21.14
C LEU C 107 -28.08 -4.94 -21.95
N THR C 108 -28.86 -5.82 -21.32
CA THR C 108 -29.82 -6.65 -22.02
C THR C 108 -30.98 -6.99 -21.11
N ASN C 109 -32.11 -7.31 -21.74
CA ASN C 109 -33.31 -7.76 -21.07
C ASN C 109 -33.37 -9.28 -20.91
N THR C 110 -32.40 -10.02 -21.44
CA THR C 110 -32.35 -11.47 -21.38
C THR C 110 -31.33 -11.89 -20.32
N SER C 111 -31.81 -12.57 -19.29
CA SER C 111 -30.93 -13.06 -18.23
C SER C 111 -30.36 -14.42 -18.60
N ILE C 112 -29.11 -14.63 -18.21
CA ILE C 112 -28.42 -15.91 -18.40
C ILE C 112 -28.35 -16.75 -17.13
N ILE C 113 -28.48 -16.15 -15.95
CA ILE C 113 -28.42 -16.84 -14.67
C ILE C 113 -29.78 -16.67 -13.99
N ASN C 114 -30.44 -17.79 -13.70
CA ASN C 114 -31.75 -17.79 -13.06
C ASN C 114 -31.67 -18.08 -11.56
N HIS C 115 -30.46 -18.21 -11.00
CA HIS C 115 -30.24 -18.50 -9.59
C HIS C 115 -29.57 -17.29 -8.93
N LYS C 116 -29.41 -17.37 -7.61
CA LYS C 116 -28.93 -16.28 -6.78
C LYS C 116 -27.66 -16.66 -6.04
N PHE C 117 -26.73 -17.28 -6.74
CA PHE C 117 -25.44 -17.72 -6.19
C PHE C 117 -24.30 -16.96 -6.86
N CYS C 118 -23.28 -16.65 -6.07
CA CYS C 118 -22.00 -16.19 -6.59
C CYS C 118 -20.92 -16.88 -5.74
N ASN C 119 -20.51 -18.06 -6.19
CA ASN C 119 -19.57 -18.91 -5.46
C ASN C 119 -18.14 -18.48 -5.79
N LEU C 120 -17.77 -17.33 -5.26
CA LEU C 120 -16.42 -16.81 -5.48
C LEU C 120 -15.38 -17.65 -4.75
N SER C 121 -15.72 -18.18 -3.57
CA SER C 121 -14.77 -18.97 -2.80
C SER C 121 -14.37 -20.24 -3.53
N ASP C 122 -15.34 -20.97 -4.10
CA ASP C 122 -15.03 -22.16 -4.86
C ASP C 122 -14.23 -21.83 -6.12
N ALA C 123 -14.53 -20.69 -6.76
CA ALA C 123 -13.73 -20.27 -7.91
C ALA C 123 -12.29 -19.99 -7.51
N HIS C 124 -12.09 -19.35 -6.36
CA HIS C 124 -10.74 -19.05 -5.90
C HIS C 124 -9.98 -20.32 -5.54
N LYS C 125 -10.65 -21.29 -4.90
CA LYS C 125 -10.00 -22.55 -4.57
C LYS C 125 -9.55 -23.29 -5.82
N LYS C 126 -10.41 -23.37 -6.83
CA LYS C 126 -10.10 -24.10 -8.05
C LYS C 126 -9.21 -23.32 -9.01
N ASN C 127 -9.10 -21.99 -8.85
CA ASN C 127 -8.43 -21.12 -9.81
C ASN C 127 -9.14 -21.31 -11.16
N LEU C 128 -8.46 -21.82 -12.20
CA LEU C 128 -9.01 -22.07 -13.54
C LEU C 128 -9.37 -20.81 -14.34
N TYR C 129 -9.29 -19.62 -13.75
CA TYR C 129 -9.68 -18.39 -14.42
C TYR C 129 -8.46 -17.53 -14.70
N ASP C 130 -8.61 -16.61 -15.67
CA ASP C 130 -7.56 -15.66 -15.95
C ASP C 130 -7.52 -14.63 -14.83
N HIS C 131 -6.34 -14.43 -14.23
CA HIS C 131 -6.24 -13.57 -13.07
C HIS C 131 -6.49 -12.10 -13.43
N ALA C 132 -6.14 -11.69 -14.65
CA ALA C 132 -6.41 -10.32 -15.06
C ALA C 132 -7.91 -10.05 -15.15
N LEU C 133 -8.68 -10.98 -15.71
CA LEU C 133 -10.12 -10.78 -15.81
C LEU C 133 -10.79 -10.76 -14.44
N MET C 134 -10.37 -11.65 -13.54
CA MET C 134 -10.93 -11.61 -12.19
C MET C 134 -10.51 -10.34 -11.45
N SER C 135 -9.31 -9.83 -11.72
CA SER C 135 -8.91 -8.55 -11.15
C SER C 135 -9.81 -7.43 -11.65
N ILE C 136 -10.15 -7.45 -12.95
CA ILE C 136 -11.03 -6.43 -13.49
C ILE C 136 -12.43 -6.54 -12.87
N ILE C 137 -12.92 -7.77 -12.68
CA ILE C 137 -14.23 -7.96 -12.05
C ILE C 137 -14.19 -7.46 -10.62
N SER C 138 -13.11 -7.72 -9.89
CA SER C 138 -13.00 -7.26 -8.51
C SER C 138 -12.95 -5.74 -8.46
N THR C 139 -12.21 -5.11 -9.37
CA THR C 139 -12.18 -3.65 -9.43
C THR C 139 -13.56 -3.09 -9.74
N PHE C 140 -14.28 -3.72 -10.67
CA PHE C 140 -15.62 -3.28 -11.01
C PHE C 140 -16.54 -3.35 -9.79
N HIS C 141 -16.58 -4.51 -9.13
CA HIS C 141 -17.49 -4.69 -8.01
C HIS C 141 -17.14 -3.77 -6.84
N LEU C 142 -15.85 -3.67 -6.51
CA LEU C 142 -15.43 -2.80 -5.42
C LEU C 142 -15.57 -1.33 -5.76
N SER C 143 -15.73 -0.98 -7.04
CA SER C 143 -16.04 0.38 -7.46
C SER C 143 -17.52 0.71 -7.43
N ILE C 144 -18.40 -0.27 -7.16
CA ILE C 144 -19.83 0.02 -7.10
C ILE C 144 -20.07 0.76 -5.79
N PRO C 145 -20.65 1.97 -5.78
CA PRO C 145 -20.90 2.64 -4.51
C PRO C 145 -22.22 2.19 -3.88
N ASN C 146 -22.18 1.98 -2.57
CA ASN C 146 -23.37 1.69 -1.76
C ASN C 146 -24.07 0.41 -2.23
N PHE C 147 -23.29 -0.60 -2.59
CA PHE C 147 -23.85 -1.89 -2.94
C PHE C 147 -24.28 -2.62 -1.67
N ASN C 148 -25.57 -2.96 -1.59
CA ASN C 148 -26.13 -3.56 -0.39
C ASN C 148 -27.15 -4.67 -0.66
N GLN C 149 -27.33 -5.10 -1.91
CA GLN C 149 -28.29 -6.15 -2.28
C GLN C 149 -27.52 -7.28 -2.92
N TYR C 150 -27.23 -8.32 -2.14
CA TYR C 150 -26.41 -9.41 -2.67
C TYR C 150 -27.15 -10.24 -3.72
N GLU C 151 -28.49 -10.31 -3.65
CA GLU C 151 -29.24 -11.01 -4.68
C GLU C 151 -29.25 -10.26 -6.01
N ALA C 152 -28.90 -8.99 -6.03
CA ALA C 152 -28.80 -8.28 -7.29
C ALA C 152 -27.72 -8.84 -8.20
N MET C 153 -26.67 -9.42 -7.63
CA MET C 153 -25.53 -9.94 -8.36
C MET C 153 -25.49 -11.46 -8.21
N SER C 154 -25.46 -12.16 -9.35
CA SER C 154 -25.28 -13.59 -9.41
C SER C 154 -24.11 -13.88 -10.35
N CYS C 155 -23.53 -15.07 -10.21
CA CYS C 155 -22.30 -15.38 -10.95
C CYS C 155 -22.32 -16.84 -11.38
N ASP C 156 -21.38 -17.18 -12.25
CA ASP C 156 -21.16 -18.56 -12.68
C ASP C 156 -19.72 -18.67 -13.16
N PHE C 157 -18.87 -19.32 -12.35
CA PHE C 157 -17.45 -19.49 -12.64
C PHE C 157 -17.09 -20.95 -12.90
N ASN C 158 -18.05 -21.78 -13.30
CA ASN C 158 -17.79 -23.20 -13.48
C ASN C 158 -16.86 -23.41 -14.67
N GLY C 159 -15.82 -24.23 -14.46
CA GLY C 159 -14.85 -24.48 -15.49
C GLY C 159 -13.84 -23.38 -15.70
N GLY C 160 -13.80 -22.37 -14.82
CA GLY C 160 -12.87 -21.27 -14.94
C GLY C 160 -13.38 -20.08 -15.72
N LYS C 161 -14.57 -20.15 -16.31
CA LYS C 161 -15.11 -19.01 -17.03
C LYS C 161 -15.45 -17.88 -16.06
N ILE C 162 -15.88 -16.76 -16.63
CA ILE C 162 -16.40 -15.62 -15.89
C ILE C 162 -17.74 -15.26 -16.49
N SER C 163 -18.76 -15.20 -15.64
CA SER C 163 -20.11 -14.85 -16.09
C SER C 163 -20.83 -14.23 -14.90
N VAL C 164 -20.87 -12.90 -14.86
CA VAL C 164 -21.50 -12.13 -13.79
C VAL C 164 -22.76 -11.50 -14.37
N GLN C 165 -23.80 -11.39 -13.54
CA GLN C 165 -25.08 -10.82 -13.93
C GLN C 165 -25.58 -9.93 -12.80
N TYR C 166 -25.71 -8.64 -13.08
CA TYR C 166 -26.29 -7.67 -12.17
C TYR C 166 -27.73 -7.41 -12.58
N ASN C 167 -28.65 -7.66 -11.65
CA ASN C 167 -30.10 -7.40 -11.89
C ASN C 167 -30.35 -5.92 -11.67
N LEU C 168 -30.61 -5.18 -12.73
CA LEU C 168 -30.85 -3.75 -12.69
C LEU C 168 -32.32 -3.41 -12.48
N SER C 169 -33.15 -4.37 -12.07
CA SER C 169 -34.57 -4.12 -11.84
C SER C 169 -34.77 -3.17 -10.66
N HIS C 179 -36.90 5.69 -8.49
CA HIS C 179 -35.77 5.40 -9.36
C HIS C 179 -34.44 5.84 -8.77
N CYS C 180 -34.46 6.88 -7.93
CA CYS C 180 -33.23 7.51 -7.45
C CYS C 180 -32.75 6.86 -6.16
N GLY C 181 -31.44 6.62 -6.11
CA GLY C 181 -30.83 5.95 -4.97
C GLY C 181 -31.09 4.47 -4.91
N THR C 182 -30.63 3.71 -5.90
CA THR C 182 -30.84 2.27 -5.99
C THR C 182 -29.55 1.58 -6.42
N VAL C 183 -29.57 0.25 -6.37
CA VAL C 183 -28.39 -0.53 -6.72
C VAL C 183 -28.11 -0.45 -8.21
N ALA C 184 -29.16 -0.46 -9.03
CA ALA C 184 -29.00 -0.33 -10.47
C ALA C 184 -28.31 0.97 -10.84
N ASN C 185 -28.59 2.05 -10.10
CA ASN C 185 -27.94 3.33 -10.34
C ASN C 185 -26.42 3.22 -10.13
N GLY C 186 -25.99 2.64 -9.01
CA GLY C 186 -24.56 2.50 -8.78
C GLY C 186 -23.88 1.57 -9.77
N VAL C 187 -24.57 0.49 -10.15
CA VAL C 187 -24.01 -0.43 -11.13
C VAL C 187 -23.83 0.27 -12.48
N LEU C 188 -24.82 1.07 -12.88
CA LEU C 188 -24.69 1.80 -14.14
C LEU C 188 -23.63 2.89 -14.06
N GLN C 189 -23.49 3.53 -12.90
CA GLN C 189 -22.42 4.50 -12.70
C GLN C 189 -21.04 3.88 -12.86
N THR C 190 -20.80 2.71 -12.27
CA THR C 190 -19.52 2.03 -12.45
C THR C 190 -19.35 1.52 -13.87
N PHE C 191 -20.44 1.05 -14.47
CA PHE C 191 -20.40 0.58 -15.86
C PHE C 191 -19.96 1.68 -16.81
N MET C 192 -20.52 2.88 -16.66
CA MET C 192 -20.19 3.94 -17.61
C MET C 192 -18.80 4.52 -17.38
N ARG C 193 -18.16 4.26 -16.25
CA ARG C 193 -16.78 4.65 -16.03
C ARG C 193 -15.81 3.57 -16.47
N MET C 194 -16.21 2.30 -16.37
CA MET C 194 -15.38 1.22 -16.89
C MET C 194 -15.29 1.26 -18.41
N ALA C 195 -16.31 1.80 -19.07
CA ALA C 195 -16.39 1.92 -20.52
C ALA C 195 -16.65 3.36 -20.92
N TRP C 196 -15.83 4.27 -20.38
CA TRP C 196 -16.07 5.71 -20.48
C TRP C 196 -16.00 6.22 -21.91
N GLY C 197 -15.38 5.46 -22.82
CA GLY C 197 -15.22 5.94 -24.19
C GLY C 197 -16.54 6.18 -24.92
N GLY C 198 -17.47 5.23 -24.83
CA GLY C 198 -18.72 5.28 -25.57
C GLY C 198 -19.94 4.78 -24.82
N SER C 199 -19.92 4.86 -23.49
CA SER C 199 -21.05 4.37 -22.70
C SER C 199 -22.24 5.32 -22.74
N TYR C 200 -22.02 6.59 -23.06
CA TYR C 200 -23.08 7.59 -22.94
C TYR C 200 -24.27 7.31 -23.84
N ILE C 201 -24.05 6.62 -24.97
CA ILE C 201 -25.18 6.26 -25.84
C ILE C 201 -26.08 5.21 -25.19
N ALA C 202 -25.53 4.40 -24.29
CA ALA C 202 -26.28 3.31 -23.62
C ALA C 202 -27.25 3.86 -22.57
N LEU C 203 -26.86 4.88 -21.82
CA LEU C 203 -27.67 5.45 -20.72
C LEU C 203 -28.82 6.29 -21.28
N ASP C 204 -29.92 6.45 -20.52
CA ASP C 204 -31.14 7.14 -21.00
C ASP C 204 -30.89 8.61 -21.34
N SER C 205 -30.17 9.36 -20.51
CA SER C 205 -29.89 10.81 -20.72
C SER C 205 -28.50 11.03 -21.31
N GLY C 206 -27.48 10.42 -20.71
CA GLY C 206 -26.08 10.55 -21.18
C GLY C 206 -25.39 11.76 -20.59
N CYS C 207 -26.11 12.64 -19.87
CA CYS C 207 -25.54 13.88 -19.29
C CYS C 207 -26.49 14.51 -18.26
N GLY C 208 -26.01 15.40 -17.38
CA GLY C 208 -26.84 16.15 -16.42
C GLY C 208 -27.46 15.30 -15.34
N ASN C 209 -27.14 14.01 -15.30
CA ASN C 209 -27.72 13.05 -14.32
C ASN C 209 -26.64 12.09 -13.84
N TRP C 210 -26.34 12.08 -12.54
CA TRP C 210 -25.38 11.12 -11.96
C TRP C 210 -26.13 10.23 -10.98
N ASP C 211 -26.66 10.77 -9.89
CA ASP C 211 -27.32 9.98 -8.82
C ASP C 211 -28.53 9.22 -9.36
N CYS C 212 -29.31 9.78 -10.28
CA CYS C 212 -30.55 9.16 -10.81
C CYS C 212 -30.25 8.53 -12.18
N ILE C 213 -29.00 8.14 -12.46
CA ILE C 213 -28.60 7.46 -13.74
C ILE C 213 -29.46 6.22 -13.91
N MET C 214 -29.97 5.97 -15.11
CA MET C 214 -30.87 4.82 -15.35
C MET C 214 -30.75 4.32 -16.78
N THR C 215 -31.17 3.08 -17.04
CA THR C 215 -31.21 2.48 -18.40
C THR C 215 -32.48 1.63 -18.46
N SER C 216 -33.18 1.59 -19.60
CA SER C 216 -34.31 0.70 -19.78
C SER C 216 -33.95 -0.77 -19.64
N TYR C 217 -32.70 -1.13 -19.90
CA TYR C 217 -32.28 -2.53 -19.83
C TYR C 217 -32.32 -3.02 -18.39
N GLN C 218 -32.64 -4.31 -18.24
CA GLN C 218 -32.91 -4.91 -16.94
C GLN C 218 -31.70 -5.64 -16.33
N TYR C 219 -30.71 -6.03 -17.14
CA TYR C 219 -29.57 -6.79 -16.66
C TYR C 219 -28.28 -6.26 -17.28
N LEU C 220 -27.22 -6.25 -16.48
CA LEU C 220 -25.86 -6.01 -16.95
C LEU C 220 -25.10 -7.32 -16.81
N ILE C 221 -24.64 -7.86 -17.94
CA ILE C 221 -24.03 -9.19 -18.01
C ILE C 221 -22.58 -9.01 -18.45
N ILE C 222 -21.65 -9.53 -17.64
CA ILE C 222 -20.22 -9.41 -17.87
C ILE C 222 -19.68 -10.81 -18.08
N GLN C 223 -19.18 -11.10 -19.29
CA GLN C 223 -18.73 -12.44 -19.67
C GLN C 223 -17.36 -12.39 -20.33
N ASN C 224 -16.53 -13.38 -20.04
CA ASN C 224 -15.24 -13.49 -20.70
C ASN C 224 -15.44 -13.84 -22.17
N THR C 225 -14.56 -13.32 -23.03
CA THR C 225 -14.70 -13.47 -24.46
C THR C 225 -13.33 -13.47 -25.14
N THR C 226 -13.32 -13.55 -26.47
CA THR C 226 -12.12 -13.56 -27.29
C THR C 226 -11.95 -12.21 -27.98
N TRP C 227 -10.74 -11.97 -28.48
CA TRP C 227 -10.42 -10.70 -29.10
C TRP C 227 -10.96 -10.65 -30.52
N GLU C 228 -11.77 -9.63 -30.80
CA GLU C 228 -12.17 -9.28 -32.16
C GLU C 228 -12.11 -7.77 -32.29
N ASP C 229 -12.24 -7.28 -33.52
CA ASP C 229 -12.24 -5.85 -33.77
C ASP C 229 -13.60 -5.29 -33.37
N HIS C 230 -13.78 -5.09 -32.05
CA HIS C 230 -15.04 -4.64 -31.50
C HIS C 230 -15.23 -3.13 -31.52
N CYS C 231 -14.15 -2.36 -31.53
CA CYS C 231 -14.19 -0.94 -31.18
C CYS C 231 -14.74 -0.13 -32.35
N GLN C 232 -16.04 -0.29 -32.59
CA GLN C 232 -16.70 0.39 -33.71
C GLN C 232 -17.09 1.82 -33.36
N PHE C 233 -17.71 2.04 -32.21
CA PHE C 233 -18.26 3.35 -31.85
C PHE C 233 -17.24 4.27 -31.21
N SER C 234 -16.37 3.75 -30.35
CA SER C 234 -15.36 4.55 -29.65
C SER C 234 -14.03 3.81 -29.69
N ARG C 235 -12.95 4.58 -29.70
CA ARG C 235 -11.63 3.99 -29.80
C ARG C 235 -11.25 3.31 -28.48
N PRO C 236 -10.31 2.35 -28.51
CA PRO C 236 -9.85 1.76 -27.26
C PRO C 236 -9.14 2.78 -26.38
N SER C 237 -9.29 2.61 -25.07
CA SER C 237 -8.74 3.53 -24.09
C SER C 237 -8.55 2.79 -22.76
N PRO C 238 -7.40 2.94 -22.08
CA PRO C 238 -7.31 2.42 -20.71
C PRO C 238 -7.84 3.38 -19.66
N ILE C 239 -8.38 4.52 -20.06
CA ILE C 239 -8.62 5.61 -19.11
C ILE C 239 -9.70 5.25 -18.11
N GLY C 240 -10.73 4.52 -18.55
CA GLY C 240 -11.80 4.16 -17.63
C GLY C 240 -11.34 3.24 -16.52
N TYR C 241 -10.59 2.19 -16.89
CA TYR C 241 -10.12 1.24 -15.89
C TYR C 241 -9.11 1.89 -14.96
N LEU C 242 -8.17 2.65 -15.52
CA LEU C 242 -7.16 3.30 -14.70
C LEU C 242 -7.79 4.34 -13.77
N GLY C 243 -8.87 4.98 -14.21
CA GLY C 243 -9.61 5.85 -13.32
C GLY C 243 -10.31 5.10 -12.21
N LEU C 244 -10.93 3.96 -12.54
CA LEU C 244 -11.64 3.18 -11.53
C LEU C 244 -10.71 2.49 -10.54
N LEU C 245 -9.41 2.36 -10.85
CA LEU C 245 -8.49 1.74 -9.90
C LEU C 245 -8.44 2.49 -8.58
N SER C 246 -8.61 3.81 -8.60
CA SER C 246 -8.63 4.61 -7.38
C SER C 246 -9.98 4.59 -6.66
N GLN C 247 -11.05 4.16 -7.32
CA GLN C 247 -12.39 4.16 -6.74
C GLN C 247 -12.67 2.90 -5.91
N ARG C 248 -11.76 1.92 -5.91
CA ARG C 248 -12.00 0.67 -5.20
C ARG C 248 -12.13 0.90 -3.69
N THR C 249 -13.17 0.31 -3.11
CA THR C 249 -13.38 0.28 -1.67
C THR C 249 -13.57 1.68 -1.06
N ARG C 250 -13.95 2.66 -1.88
CA ARG C 250 -14.14 4.02 -1.36
C ARG C 250 -15.58 4.25 -0.90
N ASP C 251 -16.55 3.56 -1.51
CA ASP C 251 -17.96 3.72 -1.19
C ASP C 251 -18.63 2.38 -0.82
N ILE C 252 -17.84 1.38 -0.43
CA ILE C 252 -18.40 0.12 0.04
C ILE C 252 -18.92 0.28 1.47
N TYR C 253 -20.07 -0.31 1.74
CA TYR C 253 -20.61 -0.33 3.09
C TYR C 253 -19.91 -1.38 3.94
N ILE C 254 -19.95 -1.18 5.25
CA ILE C 254 -19.46 -2.17 6.19
C ILE C 254 -20.52 -3.23 6.42
N SER C 255 -20.12 -4.50 6.36
CA SER C 255 -20.97 -5.63 6.67
C SER C 255 -20.56 -6.38 7.93
N ARG C 256 -19.43 -6.02 8.56
CA ARG C 256 -18.93 -6.70 9.74
C ARG C 256 -18.20 -5.68 10.61
N ARG C 257 -18.07 -6.01 11.90
CA ARG C 257 -17.21 -5.23 12.77
C ARG C 257 -15.75 -5.35 12.36
N LEU C 258 -15.30 -6.55 11.99
CA LEU C 258 -13.94 -6.80 11.53
C LEU C 258 -14.00 -7.15 10.05
N LEU C 259 -13.53 -6.23 9.21
CA LEU C 259 -13.58 -6.43 7.78
C LEU C 259 -12.62 -7.54 7.36
N GLY D 1 -3.37 11.06 -7.01
CA GLY D 1 -3.11 12.17 -7.90
C GLY D 1 -3.04 13.50 -7.18
N THR D 2 -3.32 14.58 -7.92
CA THR D 2 -3.34 15.93 -7.36
C THR D 2 -4.56 16.65 -7.91
N PHE D 3 -4.89 17.79 -7.29
CA PHE D 3 -6.07 18.55 -7.67
C PHE D 3 -5.96 19.02 -9.12
N THR D 4 -7.12 19.05 -9.79
CA THR D 4 -7.21 19.50 -11.19
C THR D 4 -8.35 20.45 -11.48
N TRP D 5 -9.33 20.60 -10.56
CA TRP D 5 -10.52 21.38 -10.84
C TRP D 5 -10.18 22.84 -11.11
N THR D 6 -10.73 23.37 -12.20
CA THR D 6 -10.44 24.72 -12.68
C THR D 6 -11.61 25.64 -12.36
N LEU D 7 -11.29 26.81 -11.82
CA LEU D 7 -12.29 27.82 -11.51
C LEU D 7 -12.68 28.59 -12.76
N SER D 8 -13.95 28.98 -12.83
CA SER D 8 -14.50 29.68 -13.98
C SER D 8 -15.46 30.75 -13.49
N ASP D 9 -14.96 31.98 -13.37
CA ASP D 9 -15.77 33.14 -12.96
C ASP D 9 -15.38 34.34 -13.81
N SER D 10 -15.26 34.13 -15.13
CA SER D 10 -14.69 35.12 -16.03
C SER D 10 -15.69 36.08 -16.64
N GLU D 11 -16.95 35.69 -16.78
CA GLU D 11 -17.93 36.49 -17.50
C GLU D 11 -18.22 37.79 -16.77
N GLY D 12 -18.29 38.90 -17.51
CA GLY D 12 -18.60 40.19 -16.96
C GLY D 12 -17.46 40.90 -16.26
N LYS D 13 -16.24 40.37 -16.33
CA LYS D 13 -15.11 40.89 -15.59
C LYS D 13 -14.27 41.83 -16.46
N ASP D 14 -13.35 42.53 -15.80
CA ASP D 14 -12.40 43.38 -16.51
C ASP D 14 -11.33 42.56 -17.21
N THR D 15 -10.91 41.44 -16.62
CA THR D 15 -9.87 40.56 -17.12
C THR D 15 -10.38 39.13 -17.10
N PRO D 16 -9.93 38.26 -18.06
CA PRO D 16 -10.45 36.88 -18.02
C PRO D 16 -9.76 36.02 -16.95
N GLY D 17 -10.23 36.14 -15.72
CA GLY D 17 -9.67 35.38 -14.64
C GLY D 17 -10.22 35.85 -13.30
N GLY D 18 -9.60 35.36 -12.24
CA GLY D 18 -10.00 35.69 -10.89
C GLY D 18 -11.19 34.89 -10.45
N TYR D 19 -11.66 35.20 -9.23
CA TYR D 19 -12.83 34.52 -8.68
C TYR D 19 -13.47 35.42 -7.64
N CYS D 20 -14.80 35.36 -7.54
CA CYS D 20 -15.56 36.19 -6.62
C CYS D 20 -16.34 35.31 -5.65
N LEU D 21 -16.08 35.50 -4.35
CA LEU D 21 -16.88 34.94 -3.28
C LEU D 21 -18.10 35.83 -3.10
N THR D 22 -19.27 35.27 -3.37
CA THR D 22 -20.51 36.03 -3.33
C THR D 22 -20.97 36.23 -1.88
N ARG D 23 -22.14 36.84 -1.73
CA ARG D 23 -22.65 37.19 -0.41
C ARG D 23 -22.95 35.97 0.45
N TRP D 24 -23.24 34.82 -0.16
CA TRP D 24 -23.62 33.61 0.57
C TRP D 24 -22.43 32.74 0.95
N MET D 25 -21.28 32.91 0.32
CA MET D 25 -20.08 32.13 0.64
C MET D 25 -19.26 32.75 1.77
N LEU D 26 -19.69 33.87 2.35
CA LEU D 26 -18.90 34.64 3.31
C LEU D 26 -19.75 35.00 4.52
N ILE D 27 -19.10 35.01 5.69
CA ILE D 27 -19.72 35.58 6.88
C ILE D 27 -19.69 37.10 6.75
N GLU D 28 -20.68 37.76 7.35
CA GLU D 28 -20.94 39.20 7.34
C GLU D 28 -21.57 39.66 6.02
N ALA D 29 -21.81 38.77 5.05
CA ALA D 29 -22.59 39.08 3.85
C ALA D 29 -21.96 40.21 3.02
N GLU D 30 -20.77 39.94 2.49
CA GLU D 30 -20.08 40.83 1.57
C GLU D 30 -19.62 40.07 0.34
N LEU D 31 -19.41 40.81 -0.75
CA LEU D 31 -18.92 40.28 -2.01
C LEU D 31 -17.44 40.64 -2.15
N LYS D 32 -16.61 39.62 -2.39
CA LYS D 32 -15.15 39.79 -2.43
C LYS D 32 -14.60 39.15 -3.69
N CYS D 33 -14.04 39.97 -4.57
CA CYS D 33 -13.46 39.53 -5.84
C CYS D 33 -11.95 39.60 -5.78
N PHE D 34 -11.29 38.53 -6.20
CA PHE D 34 -9.84 38.43 -6.25
C PHE D 34 -9.40 38.27 -7.69
N GLY D 35 -8.40 39.06 -8.09
CA GLY D 35 -8.02 39.18 -9.47
C GLY D 35 -7.38 37.93 -10.02
N ASN D 36 -7.02 38.01 -11.31
CA ASN D 36 -6.44 36.87 -12.00
C ASN D 36 -5.07 36.50 -11.42
N THR D 37 -4.27 37.50 -11.03
CA THR D 37 -2.93 37.22 -10.54
C THR D 37 -2.95 36.42 -9.25
N ALA D 38 -3.85 36.78 -8.33
CA ALA D 38 -3.94 36.06 -7.06
C ALA D 38 -4.48 34.65 -7.27
N VAL D 39 -5.56 34.51 -8.03
CA VAL D 39 -6.24 33.23 -8.17
C VAL D 39 -5.41 32.28 -9.04
N ALA D 40 -4.56 32.81 -9.92
CA ALA D 40 -3.77 31.97 -10.80
C ALA D 40 -2.75 31.15 -10.03
N LYS D 41 -2.34 31.59 -8.84
CA LYS D 41 -1.43 30.79 -8.03
C LYS D 41 -2.08 29.51 -7.51
N CYS D 42 -3.41 29.45 -7.49
CA CYS D 42 -4.09 28.23 -7.05
C CYS D 42 -3.87 27.07 -8.01
N ASN D 43 -3.54 27.35 -9.28
CA ASN D 43 -3.29 26.28 -10.24
C ASN D 43 -2.04 25.48 -9.88
N GLU D 44 -1.03 26.13 -9.31
CA GLU D 44 0.26 25.52 -9.04
C GLU D 44 0.47 25.12 -7.58
N LYS D 45 0.20 26.01 -6.63
CA LYS D 45 0.59 25.79 -5.24
C LYS D 45 -0.21 24.65 -4.63
N HIS D 46 0.47 23.85 -3.79
CA HIS D 46 -0.10 22.67 -3.16
C HIS D 46 -0.34 22.83 -1.67
N ASP D 47 -0.14 24.02 -1.09
CA ASP D 47 -0.20 24.24 0.34
C ASP D 47 -1.03 25.48 0.70
N GLU D 48 -2.09 25.75 -0.06
CA GLU D 48 -2.98 26.88 0.18
C GLU D 48 -4.37 26.32 0.49
N GLU D 49 -4.83 26.55 1.72
CA GLU D 49 -6.17 26.10 2.11
C GLU D 49 -7.25 26.90 1.39
N PHE D 50 -7.00 28.19 1.15
CA PHE D 50 -8.00 29.03 0.51
C PHE D 50 -8.31 28.54 -0.90
N CYS D 51 -7.29 28.08 -1.62
CA CYS D 51 -7.51 27.57 -2.97
C CYS D 51 -8.36 26.31 -2.96
N ASP D 52 -8.10 25.42 -1.99
CA ASP D 52 -8.93 24.23 -1.84
C ASP D 52 -10.37 24.61 -1.54
N MET D 53 -10.58 25.60 -0.68
CA MET D 53 -11.94 26.04 -0.39
C MET D 53 -12.59 26.68 -1.60
N LEU D 54 -11.84 27.44 -2.40
CA LEU D 54 -12.38 27.99 -3.63
C LEU D 54 -12.83 26.89 -4.58
N ARG D 55 -12.02 25.83 -4.71
CA ARG D 55 -12.43 24.71 -5.55
C ARG D 55 -13.67 24.03 -5.00
N LEU D 56 -13.76 23.88 -3.68
CA LEU D 56 -14.96 23.28 -3.09
C LEU D 56 -16.21 24.12 -3.35
N PHE D 57 -16.12 25.43 -3.15
CA PHE D 57 -17.29 26.30 -3.38
C PHE D 57 -17.68 26.32 -4.84
N ASP D 58 -16.70 26.37 -5.75
CA ASP D 58 -17.01 26.36 -7.17
C ASP D 58 -17.63 25.02 -7.58
N PHE D 59 -17.13 23.91 -7.03
CA PHE D 59 -17.72 22.61 -7.34
C PHE D 59 -19.14 22.51 -6.82
N ASN D 60 -19.39 23.06 -5.63
CA ASN D 60 -20.75 23.07 -5.09
C ASN D 60 -21.68 23.85 -6.01
N LYS D 61 -21.23 25.03 -6.47
CA LYS D 61 -22.02 25.84 -7.39
C LYS D 61 -22.33 25.08 -8.67
N GLN D 62 -21.29 24.50 -9.29
CA GLN D 62 -21.48 23.82 -10.56
C GLN D 62 -22.34 22.56 -10.41
N ALA D 63 -22.17 21.82 -9.30
CA ALA D 63 -22.94 20.61 -9.09
C ALA D 63 -24.41 20.92 -8.83
N ILE D 64 -24.70 21.99 -8.08
CA ILE D 64 -26.08 22.39 -7.87
C ILE D 64 -26.69 22.88 -9.19
N GLN D 65 -25.91 23.59 -9.99
CA GLN D 65 -26.45 24.18 -11.22
C GLN D 65 -26.72 23.12 -12.28
N ARG D 66 -25.77 22.21 -12.50
CA ARG D 66 -25.73 21.41 -13.72
C ARG D 66 -26.19 19.97 -13.55
N LEU D 67 -26.27 19.45 -12.33
CA LEU D 67 -26.68 18.08 -12.05
C LEU D 67 -28.04 18.07 -11.38
N LYS D 68 -28.92 17.17 -11.84
CA LYS D 68 -30.25 17.07 -11.26
C LYS D 68 -30.16 16.58 -9.83
N ALA D 69 -30.83 17.27 -8.92
CA ALA D 69 -30.79 16.88 -7.53
C ALA D 69 -31.61 15.60 -7.33
N PRO D 70 -31.11 14.61 -6.59
CA PRO D 70 -31.97 13.45 -6.27
C PRO D 70 -33.03 13.83 -5.26
N ALA D 71 -34.07 12.98 -5.19
CA ALA D 71 -35.18 13.23 -4.28
C ALA D 71 -34.71 13.22 -2.82
N GLN D 72 -33.90 12.24 -2.46
CA GLN D 72 -33.18 12.19 -1.19
C GLN D 72 -31.73 12.54 -1.45
N MET D 73 -31.13 13.31 -0.54
CA MET D 73 -29.76 13.74 -0.72
C MET D 73 -28.81 12.54 -0.76
N SER D 74 -27.78 12.67 -1.59
CA SER D 74 -26.69 11.72 -1.66
C SER D 74 -25.38 12.48 -1.54
N ILE D 75 -24.46 11.92 -0.77
CA ILE D 75 -23.08 12.41 -0.66
C ILE D 75 -22.16 11.63 -1.59
N GLN D 76 -22.73 11.03 -2.64
CA GLN D 76 -22.00 10.15 -3.53
C GLN D 76 -21.09 10.93 -4.48
N LEU D 77 -21.46 12.16 -4.81
CA LEU D 77 -20.68 12.94 -5.77
C LEU D 77 -19.42 13.50 -5.14
N ILE D 78 -19.50 13.96 -3.89
CA ILE D 78 -18.32 14.53 -3.24
C ILE D 78 -17.31 13.44 -2.90
N ASN D 79 -17.78 12.24 -2.57
CA ASN D 79 -16.87 11.16 -2.18
C ASN D 79 -15.88 10.82 -3.27
N LYS D 80 -16.35 10.58 -4.49
CA LYS D 80 -15.49 10.41 -5.65
C LYS D 80 -14.67 11.65 -5.98
N ALA D 81 -15.26 12.84 -5.88
CA ALA D 81 -14.66 14.03 -6.48
C ALA D 81 -13.74 14.79 -5.52
N VAL D 82 -13.62 14.35 -4.27
CA VAL D 82 -12.91 15.15 -3.25
C VAL D 82 -11.44 15.32 -3.62
N ASN D 83 -10.79 14.27 -4.11
CA ASN D 83 -9.36 14.34 -4.37
C ASN D 83 -9.02 15.26 -5.54
N ALA D 84 -9.97 15.56 -6.42
CA ALA D 84 -9.78 16.53 -7.49
C ALA D 84 -10.03 17.97 -7.07
N LEU D 85 -10.65 18.18 -5.90
CA LEU D 85 -11.02 19.50 -5.41
C LEU D 85 -10.11 20.02 -4.30
N ILE D 86 -9.53 19.13 -3.50
CA ILE D 86 -8.74 19.50 -2.35
C ILE D 86 -7.52 18.60 -2.26
N ASN D 87 -6.51 19.08 -1.54
CA ASN D 87 -5.39 18.27 -1.09
C ASN D 87 -5.72 17.77 0.31
N ASP D 88 -6.12 16.50 0.41
CA ASP D 88 -6.44 15.92 1.71
C ASP D 88 -5.22 15.88 2.65
N GLN D 89 -4.01 15.86 2.10
CA GLN D 89 -2.82 15.91 2.93
C GLN D 89 -2.54 17.30 3.48
N LEU D 90 -3.11 18.35 2.90
CA LEU D 90 -3.11 19.65 3.56
C LEU D 90 -3.96 19.63 4.82
N ILE D 91 -5.14 18.99 4.74
CA ILE D 91 -5.95 18.74 5.92
C ILE D 91 -5.16 17.91 6.92
N MET D 92 -4.40 16.93 6.41
CA MET D 92 -3.59 16.12 7.31
C MET D 92 -2.51 16.95 7.99
N LYS D 93 -1.88 17.89 7.25
CA LYS D 93 -0.89 18.75 7.87
C LYS D 93 -1.51 19.58 8.98
N ASN D 94 -2.71 20.11 8.73
CA ASN D 94 -3.33 20.95 9.75
C ASN D 94 -3.74 20.11 10.96
N HIS D 95 -4.19 18.88 10.74
CA HIS D 95 -4.48 18.00 11.88
C HIS D 95 -3.22 17.66 12.66
N LEU D 96 -2.12 17.40 11.96
CA LEU D 96 -0.85 17.11 12.63
C LEU D 96 -0.40 18.31 13.46
N ARG D 97 -0.47 19.51 12.88
CA ARG D 97 -0.12 20.71 13.65
C ARG D 97 -1.07 20.93 14.82
N ASP D 98 -2.33 20.48 14.69
CA ASP D 98 -3.26 20.59 15.80
C ASP D 98 -2.84 19.69 16.95
N ILE D 99 -2.53 18.43 16.67
CA ILE D 99 -2.25 17.48 17.75
C ILE D 99 -0.89 17.68 18.42
N MET D 100 0.03 18.41 17.78
CA MET D 100 1.33 18.77 18.37
C MET D 100 1.34 20.17 18.97
N CYS D 101 0.19 20.76 19.25
CA CYS D 101 0.10 22.07 19.91
C CYS D 101 0.77 23.18 19.08
N ILE D 102 0.77 23.01 17.76
CA ILE D 102 1.28 24.01 16.83
C ILE D 102 0.06 24.77 16.32
N PRO D 103 0.15 26.07 16.00
CA PRO D 103 -0.98 26.73 15.36
C PRO D 103 -1.31 26.10 14.02
N TYR D 104 -2.61 26.02 13.71
CA TYR D 104 -3.10 25.31 12.54
C TYR D 104 -4.29 26.07 11.96
N CYS D 105 -4.57 25.78 10.70
CA CYS D 105 -5.74 26.33 10.01
C CYS D 105 -6.92 25.40 10.20
N ASN D 106 -8.07 25.97 10.57
CA ASN D 106 -9.35 25.21 10.68
C ASN D 106 -10.21 25.54 9.46
N TYR D 107 -9.67 26.28 8.47
CA TYR D 107 -10.32 26.57 7.20
C TYR D 107 -11.43 27.61 7.30
N SER D 108 -11.57 28.30 8.44
CA SER D 108 -12.63 29.29 8.60
C SER D 108 -12.20 30.70 8.20
N LYS D 109 -11.11 31.20 8.78
CA LYS D 109 -10.72 32.60 8.65
C LYS D 109 -9.46 32.70 7.80
N TYR D 110 -9.41 33.74 6.97
CA TYR D 110 -8.28 34.00 6.07
C TYR D 110 -7.97 35.50 6.11
N TRP D 111 -6.73 35.83 5.75
CA TRP D 111 -6.27 37.23 5.69
C TRP D 111 -5.58 37.48 4.36
N TYR D 112 -5.67 38.73 3.90
CA TYR D 112 -5.04 39.16 2.67
C TYR D 112 -4.73 40.64 2.76
N LEU D 113 -3.69 41.06 2.06
CA LEU D 113 -3.36 42.46 1.89
C LEU D 113 -4.22 43.06 0.78
N ASN D 114 -4.49 44.35 0.88
CA ASN D 114 -5.30 45.09 -0.09
C ASN D 114 -4.63 46.43 -0.36
N HIS D 115 -4.25 46.66 -1.61
CA HIS D 115 -3.63 47.93 -1.95
C HIS D 115 -4.67 49.04 -1.84
N THR D 116 -4.27 50.19 -1.30
CA THR D 116 -5.23 51.23 -0.95
C THR D 116 -5.90 51.82 -2.19
N THR D 117 -5.11 52.24 -3.18
CA THR D 117 -5.64 52.93 -4.35
C THR D 117 -6.01 51.99 -5.50
N THR D 118 -5.14 51.05 -5.87
CA THR D 118 -5.40 50.18 -7.00
C THR D 118 -6.39 49.06 -6.69
N GLY D 119 -6.63 48.73 -5.43
CA GLY D 119 -7.52 47.65 -5.09
C GLY D 119 -6.95 46.26 -5.29
N ARG D 120 -5.66 46.15 -5.61
CA ARG D 120 -5.04 44.86 -5.83
C ARG D 120 -4.92 44.11 -4.51
N THR D 121 -5.11 42.79 -4.56
CA THR D 121 -5.09 41.94 -3.39
C THR D 121 -4.24 40.70 -3.65
N SER D 122 -3.68 40.16 -2.58
CA SER D 122 -2.92 38.92 -2.64
C SER D 122 -3.85 37.72 -2.53
N LEU D 123 -3.28 36.54 -2.74
CA LEU D 123 -4.02 35.32 -2.45
C LEU D 123 -4.22 35.22 -0.94
N PRO D 124 -5.45 35.06 -0.43
CA PRO D 124 -5.62 34.95 1.03
C PRO D 124 -4.91 33.74 1.61
N LYS D 125 -4.33 33.94 2.79
CA LYS D 125 -3.70 32.90 3.59
C LYS D 125 -4.52 32.69 4.85
N CYS D 126 -4.49 31.47 5.37
CA CYS D 126 -5.38 31.11 6.46
C CYS D 126 -4.89 31.69 7.78
N TRP D 127 -5.84 32.18 8.57
CA TRP D 127 -5.55 32.63 9.92
C TRP D 127 -5.53 31.44 10.86
N LEU D 128 -4.36 31.17 11.44
CA LEU D 128 -4.18 29.96 12.23
C LEU D 128 -4.81 30.10 13.61
N VAL D 129 -5.16 28.96 14.20
CA VAL D 129 -5.71 28.88 15.55
C VAL D 129 -4.87 27.90 16.36
N SER D 130 -4.82 28.16 17.66
CA SER D 130 -4.23 27.24 18.64
C SER D 130 -5.20 27.13 19.79
N ASN D 131 -5.60 25.89 20.12
CA ASN D 131 -6.61 25.64 21.13
C ASN D 131 -7.91 26.29 20.66
N GLY D 132 -8.44 27.29 21.37
CA GLY D 132 -9.70 27.93 21.01
C GLY D 132 -9.61 29.37 20.57
N SER D 133 -8.41 29.91 20.34
CA SER D 133 -8.20 31.33 20.07
C SER D 133 -7.42 31.52 18.78
N TYR D 134 -7.86 32.50 18.00
CA TYR D 134 -7.10 32.94 16.83
C TYR D 134 -5.80 33.59 17.26
N LEU D 135 -4.79 33.48 16.39
CA LEU D 135 -3.55 34.21 16.63
C LEU D 135 -3.75 35.70 16.41
N ASN D 136 -3.08 36.50 17.23
CA ASN D 136 -3.00 37.91 16.93
C ASN D 136 -2.19 38.14 15.67
N GLU D 137 -2.42 39.29 15.02
CA GLU D 137 -1.63 39.62 13.84
C GLU D 137 -0.16 39.82 14.16
N THR D 138 0.17 40.16 15.41
CA THR D 138 1.55 40.27 15.84
C THR D 138 2.29 38.93 15.82
N HIS D 139 1.58 37.82 15.91
CA HIS D 139 2.22 36.50 15.87
C HIS D 139 2.74 36.12 14.50
N PHE D 140 2.26 36.77 13.43
CA PHE D 140 2.72 36.49 12.07
C PHE D 140 2.88 37.78 11.26
N SER D 141 3.25 38.88 11.92
CA SER D 141 3.43 40.16 11.23
C SER D 141 4.55 40.11 10.20
N ASP D 142 5.60 39.33 10.45
CA ASP D 142 6.67 39.19 9.46
C ASP D 142 6.20 38.50 8.20
N ASP D 143 5.28 37.54 8.32
CA ASP D 143 4.66 36.96 7.12
C ASP D 143 3.87 38.01 6.34
N ILE D 144 3.17 38.90 7.04
CA ILE D 144 2.44 39.97 6.35
C ILE D 144 3.42 40.89 5.64
N GLU D 145 4.55 41.21 6.30
CA GLU D 145 5.57 42.03 5.66
C GLU D 145 6.15 41.36 4.43
N GLN D 146 6.37 40.04 4.50
CA GLN D 146 6.88 39.31 3.34
C GLN D 146 5.85 39.31 2.21
N GLN D 147 4.56 39.20 2.56
CA GLN D 147 3.52 39.27 1.54
C GLN D 147 3.49 40.65 0.88
N ALA D 148 3.67 41.71 1.68
CA ALA D 148 3.75 43.05 1.12
C ALA D 148 4.95 43.21 0.21
N ASP D 149 6.09 42.61 0.58
CA ASP D 149 7.24 42.60 -0.30
C ASP D 149 6.96 41.86 -1.60
N ASN D 150 6.28 40.72 -1.52
CA ASN D 150 5.95 39.95 -2.72
C ASN D 150 5.04 40.74 -3.65
N MET D 151 4.04 41.43 -3.11
CA MET D 151 3.17 42.25 -3.95
C MET D 151 3.91 43.42 -4.58
N ILE D 152 4.84 44.04 -3.86
CA ILE D 152 5.64 45.12 -4.43
C ILE D 152 6.57 44.59 -5.53
N THR D 153 7.06 43.37 -5.36
CA THR D 153 7.94 42.78 -6.38
C THR D 153 7.22 42.63 -7.71
N GLU D 154 5.97 42.15 -7.68
CA GLU D 154 5.17 41.99 -8.89
C GLU D 154 4.46 43.29 -9.22
N GLY E 1 -3.12 14.05 -1.64
CA GLY E 1 -2.71 14.04 -3.03
C GLY E 1 -1.30 14.54 -3.27
N THR E 2 -0.79 15.37 -2.37
CA THR E 2 0.54 15.95 -2.49
C THR E 2 1.10 16.23 -1.10
N PHE E 3 2.41 16.10 -0.95
CA PHE E 3 3.06 16.42 0.31
C PHE E 3 2.83 17.88 0.68
N THR E 4 2.70 18.14 1.98
CA THR E 4 2.48 19.48 2.50
C THR E 4 3.34 19.82 3.70
N TRP E 5 4.04 18.86 4.29
CA TRP E 5 4.82 19.11 5.50
C TRP E 5 5.94 20.11 5.23
N THR E 6 6.06 21.09 6.13
CA THR E 6 7.00 22.20 5.98
C THR E 6 8.13 22.06 6.97
N LEU E 7 9.35 22.31 6.50
CA LEU E 7 10.54 22.26 7.33
C LEU E 7 10.74 23.59 8.04
N SER E 8 11.27 23.53 9.26
CA SER E 8 11.48 24.70 10.09
C SER E 8 12.75 24.52 10.92
N ASP E 9 13.82 25.20 10.50
CA ASP E 9 15.10 25.17 11.19
C ASP E 9 15.69 26.58 11.21
N SER E 10 14.85 27.56 11.54
CA SER E 10 15.20 28.98 11.40
C SER E 10 16.01 29.53 12.57
N GLU E 11 16.11 28.81 13.67
CA GLU E 11 16.69 29.39 14.88
C GLU E 11 18.21 29.53 14.74
N GLY E 12 18.73 30.70 15.08
CA GLY E 12 20.15 30.94 15.12
C GLY E 12 20.84 31.09 13.80
N LYS E 13 20.09 31.18 12.70
CA LYS E 13 20.66 31.20 11.36
C LYS E 13 20.81 32.63 10.85
N ASP E 14 21.61 32.78 9.80
CA ASP E 14 21.77 34.05 9.10
C ASP E 14 20.60 34.36 8.17
N THR E 15 19.80 33.36 7.80
CA THR E 15 18.63 33.52 6.95
C THR E 15 17.50 32.72 7.58
N PRO E 16 16.23 33.14 7.43
CA PRO E 16 15.15 32.36 8.07
C PRO E 16 15.02 30.93 7.56
N GLY E 17 15.44 30.63 6.34
CA GLY E 17 15.24 29.33 5.74
C GLY E 17 16.38 28.36 6.00
N GLY E 18 16.44 27.32 5.19
CA GLY E 18 17.46 26.30 5.29
C GLY E 18 17.07 25.18 6.22
N TYR E 19 17.91 24.14 6.23
CA TYR E 19 17.71 22.99 7.10
C TYR E 19 19.05 22.32 7.35
N CYS E 20 19.21 21.76 8.55
CA CYS E 20 20.45 21.14 8.98
C CYS E 20 20.22 19.69 9.41
N LEU E 21 21.01 18.80 8.83
CA LEU E 21 21.09 17.41 9.26
C LEU E 21 22.20 17.29 10.30
N THR E 22 21.84 16.84 11.49
CA THR E 22 22.81 16.68 12.57
C THR E 22 23.65 15.43 12.34
N ARG E 23 24.61 15.21 13.23
CA ARG E 23 25.48 14.04 13.12
C ARG E 23 24.71 12.74 13.35
N TRP E 24 23.57 12.81 14.04
CA TRP E 24 22.76 11.61 14.24
C TRP E 24 21.99 11.24 12.99
N MET E 25 21.60 12.21 12.17
CA MET E 25 20.88 11.95 10.93
C MET E 25 21.79 11.49 9.80
N LEU E 26 23.12 11.48 10.00
CA LEU E 26 24.10 11.16 8.97
C LEU E 26 25.01 10.03 9.43
N ILE E 27 25.56 9.31 8.47
CA ILE E 27 26.42 8.16 8.73
C ILE E 27 27.86 8.62 8.57
N GLU E 28 28.61 8.59 9.66
CA GLU E 28 30.05 8.92 9.67
C GLU E 28 30.29 10.32 9.11
N ALA E 29 29.54 11.28 9.64
CA ALA E 29 29.65 12.67 9.20
C ALA E 29 29.21 13.59 10.32
N GLU E 30 29.62 14.85 10.21
CA GLU E 30 29.29 15.89 11.17
C GLU E 30 28.03 16.63 10.71
N LEU E 31 27.75 17.75 11.36
CA LEU E 31 26.61 18.59 10.99
C LEU E 31 26.74 19.08 9.56
N LYS E 32 25.65 19.04 8.81
CA LYS E 32 25.60 19.54 7.44
C LYS E 32 24.35 20.41 7.26
N CYS E 33 24.55 21.68 6.92
CA CYS E 33 23.48 22.66 6.77
C CYS E 33 23.36 23.08 5.31
N PHE E 34 22.12 23.17 4.83
CA PHE E 34 21.79 23.60 3.48
C PHE E 34 20.94 24.85 3.55
N GLY E 35 21.24 25.81 2.68
CA GLY E 35 20.60 27.11 2.74
C GLY E 35 19.19 27.12 2.19
N ASN E 36 18.58 28.31 2.24
CA ASN E 36 17.22 28.47 1.75
C ASN E 36 17.10 28.28 0.26
N THR E 37 18.12 28.66 -0.52
CA THR E 37 18.03 28.57 -1.97
C THR E 37 17.87 27.12 -2.45
N ALA E 38 18.43 26.16 -1.73
CA ALA E 38 18.30 24.74 -2.05
C ALA E 38 17.09 24.10 -1.38
N VAL E 39 16.88 24.36 -0.09
CA VAL E 39 15.80 23.72 0.64
C VAL E 39 14.45 24.22 0.17
N ALA E 40 14.39 25.46 -0.32
CA ALA E 40 13.12 26.01 -0.79
C ALA E 40 12.61 25.29 -2.03
N LYS E 41 13.49 24.64 -2.78
CA LYS E 41 13.05 23.85 -3.93
C LYS E 41 12.19 22.67 -3.51
N CYS E 42 12.37 22.18 -2.27
CA CYS E 42 11.58 21.05 -1.80
C CYS E 42 10.10 21.37 -1.71
N ASN E 43 9.73 22.65 -1.61
CA ASN E 43 8.32 23.00 -1.55
C ASN E 43 7.59 22.67 -2.86
N GLU E 44 8.31 22.68 -3.99
CA GLU E 44 7.72 22.51 -5.32
C GLU E 44 8.09 21.20 -5.99
N LYS E 45 9.34 20.73 -5.86
CA LYS E 45 9.78 19.55 -6.59
C LYS E 45 9.03 18.31 -6.11
N HIS E 46 8.54 17.52 -7.07
CA HIS E 46 7.78 16.30 -6.80
C HIS E 46 8.56 15.03 -7.05
N ASP E 47 9.86 15.12 -7.38
CA ASP E 47 10.67 13.95 -7.75
C ASP E 47 12.06 14.00 -7.11
N GLU E 48 12.18 14.59 -5.92
CA GLU E 48 13.43 14.67 -5.18
C GLU E 48 13.32 13.76 -3.95
N GLU E 49 14.14 12.72 -3.92
CA GLU E 49 14.12 11.80 -2.79
C GLU E 49 14.66 12.45 -1.52
N PHE E 50 15.64 13.34 -1.66
CA PHE E 50 16.24 13.97 -0.49
C PHE E 50 15.23 14.84 0.24
N CYS E 51 14.36 15.53 -0.50
CA CYS E 51 13.34 16.34 0.14
C CYS E 51 12.37 15.50 0.94
N ASP E 52 11.97 14.35 0.39
CA ASP E 52 11.11 13.42 1.12
C ASP E 52 11.80 12.93 2.39
N MET E 53 13.09 12.62 2.31
CA MET E 53 13.83 12.21 3.49
C MET E 53 13.93 13.34 4.51
N LEU E 54 14.11 14.58 4.06
CA LEU E 54 14.13 15.72 4.98
C LEU E 54 12.80 15.84 5.71
N ARG E 55 11.69 15.69 5.00
CA ARG E 55 10.38 15.73 5.65
C ARG E 55 10.23 14.59 6.65
N LEU E 56 10.71 13.40 6.31
CA LEU E 56 10.66 12.28 7.26
C LEU E 56 11.46 12.57 8.52
N PHE E 57 12.69 13.07 8.37
CA PHE E 57 13.52 13.34 9.53
C PHE E 57 12.94 14.46 10.39
N ASP E 58 12.43 15.52 9.76
CA ASP E 58 11.83 16.61 10.51
C ASP E 58 10.58 16.14 11.24
N PHE E 59 9.74 15.33 10.58
CA PHE E 59 8.55 14.81 11.23
C PHE E 59 8.91 13.92 12.40
N ASN E 60 9.95 13.10 12.24
CA ASN E 60 10.40 12.26 13.35
C ASN E 60 10.86 13.12 14.53
N LYS E 61 11.64 14.17 14.24
CA LYS E 61 12.15 15.03 15.31
C LYS E 61 11.01 15.70 16.06
N GLN E 62 10.03 16.24 15.34
CA GLN E 62 8.93 16.93 16.01
C GLN E 62 7.96 15.95 16.66
N ALA E 63 7.87 14.71 16.14
CA ALA E 63 6.96 13.74 16.71
C ALA E 63 7.48 13.19 18.04
N ILE E 64 8.78 12.89 18.11
CA ILE E 64 9.33 12.42 19.38
C ILE E 64 9.35 13.49 20.46
N GLN E 65 9.24 14.76 20.08
CA GLN E 65 9.28 15.88 21.02
C GLN E 65 7.90 16.32 21.46
N ARG E 66 6.97 16.54 20.51
CA ARG E 66 5.72 17.23 20.79
C ARG E 66 4.56 16.30 21.11
N LEU E 67 4.72 14.99 20.98
CA LEU E 67 3.68 14.01 21.26
C LEU E 67 4.14 13.05 22.33
N LYS E 68 3.25 12.76 23.29
CA LYS E 68 3.58 11.84 24.36
C LYS E 68 3.73 10.42 23.80
N ALA E 69 4.84 9.78 24.14
CA ALA E 69 5.06 8.43 23.64
C ALA E 69 4.19 7.43 24.42
N PRO E 70 3.64 6.41 23.77
CA PRO E 70 2.95 5.36 24.53
C PRO E 70 3.95 4.41 25.19
N ALA E 71 3.42 3.54 26.04
CA ALA E 71 4.27 2.57 26.73
C ALA E 71 4.93 1.60 25.76
N GLN E 72 4.15 1.05 24.83
CA GLN E 72 4.66 0.26 23.72
C GLN E 72 4.34 1.02 22.44
N MET E 73 5.33 1.12 21.55
CA MET E 73 5.22 2.06 20.45
C MET E 73 4.17 1.60 19.44
N SER E 74 3.48 2.58 18.87
CA SER E 74 2.50 2.36 17.80
C SER E 74 3.00 3.05 16.54
N ILE E 75 2.66 2.47 15.39
CA ILE E 75 3.04 3.00 14.08
C ILE E 75 1.85 3.67 13.41
N GLN E 76 0.81 4.01 14.18
CA GLN E 76 -0.39 4.61 13.61
C GLN E 76 -0.08 5.98 13.00
N LEU E 77 0.78 6.75 13.67
CA LEU E 77 1.08 8.11 13.25
C LEU E 77 1.68 8.15 11.86
N ILE E 78 2.75 7.38 11.61
CA ILE E 78 3.34 7.37 10.28
C ILE E 78 2.39 6.72 9.27
N ASN E 79 1.62 5.72 9.71
CA ASN E 79 0.69 5.06 8.81
C ASN E 79 -0.35 6.00 8.24
N LYS E 80 -0.86 6.94 9.03
CA LYS E 80 -1.71 7.99 8.45
C LYS E 80 -0.92 9.07 7.73
N ALA E 81 0.25 9.47 8.26
CA ALA E 81 0.86 10.73 7.85
C ALA E 81 1.92 10.58 6.78
N VAL E 82 2.14 9.36 6.26
CA VAL E 82 3.18 9.14 5.26
C VAL E 82 2.93 9.98 4.01
N ASN E 83 1.68 10.10 3.60
CA ASN E 83 1.37 10.79 2.36
C ASN E 83 1.56 12.30 2.44
N ALA E 84 1.56 12.87 3.64
CA ALA E 84 1.87 14.28 3.83
C ALA E 84 3.36 14.57 3.90
N LEU E 85 4.19 13.55 4.08
CA LEU E 85 5.64 13.69 4.21
C LEU E 85 6.40 13.36 2.94
N ILE E 86 5.98 12.30 2.23
CA ILE E 86 6.72 11.76 1.10
C ILE E 86 5.77 11.57 -0.07
N ASN E 87 6.36 11.45 -1.26
CA ASN E 87 5.66 11.01 -2.45
C ASN E 87 5.89 9.50 -2.60
N ASP E 88 4.87 8.71 -2.28
CA ASP E 88 4.98 7.27 -2.40
C ASP E 88 5.19 6.81 -3.85
N GLN E 89 4.75 7.59 -4.82
CA GLN E 89 4.98 7.26 -6.21
C GLN E 89 6.42 7.51 -6.64
N LEU E 90 7.17 8.34 -5.91
CA LEU E 90 8.62 8.39 -6.12
C LEU E 90 9.28 7.08 -5.71
N ILE E 91 8.84 6.51 -4.59
CA ILE E 91 9.29 5.17 -4.20
C ILE E 91 8.87 4.15 -5.27
N MET E 92 7.67 4.33 -5.83
CA MET E 92 7.22 3.44 -6.90
C MET E 92 8.10 3.57 -8.13
N LYS E 93 8.51 4.79 -8.48
CA LYS E 93 9.43 4.98 -9.60
C LYS E 93 10.75 4.27 -9.36
N ASN E 94 11.29 4.41 -8.15
CA ASN E 94 12.56 3.75 -7.87
C ASN E 94 12.42 2.23 -7.91
N HIS E 95 11.30 1.71 -7.42
CA HIS E 95 11.01 0.27 -7.53
C HIS E 95 10.92 -0.17 -8.99
N LEU E 96 10.23 0.62 -9.82
CA LEU E 96 10.11 0.28 -11.24
C LEU E 96 11.47 0.30 -11.93
N ARG E 97 12.30 1.28 -11.61
CA ARG E 97 13.65 1.32 -12.17
C ARG E 97 14.48 0.14 -11.67
N ASP E 98 14.23 -0.31 -10.44
CA ASP E 98 14.95 -1.46 -9.92
C ASP E 98 14.60 -2.73 -10.69
N ILE E 99 13.31 -3.00 -10.86
CA ILE E 99 12.93 -4.27 -11.50
C ILE E 99 13.29 -4.28 -12.98
N MET E 100 13.32 -3.12 -13.63
CA MET E 100 13.70 -3.03 -15.04
C MET E 100 15.22 -2.93 -15.25
N CYS E 101 16.02 -3.24 -14.23
CA CYS E 101 17.49 -3.23 -14.33
C CYS E 101 18.03 -1.86 -14.72
N ILE E 102 17.33 -0.80 -14.31
CA ILE E 102 17.76 0.58 -14.52
C ILE E 102 18.39 1.03 -13.20
N PRO E 103 19.38 1.94 -13.21
CA PRO E 103 19.85 2.49 -11.94
C PRO E 103 18.74 3.22 -11.20
N TYR E 104 18.72 3.06 -9.87
CA TYR E 104 17.65 3.56 -9.04
C TYR E 104 18.21 4.05 -7.71
N CYS E 105 17.41 4.87 -7.02
CA CYS E 105 17.82 5.42 -5.71
C CYS E 105 17.24 4.54 -4.59
N ASN E 106 18.10 4.01 -3.71
CA ASN E 106 17.62 3.17 -2.58
C ASN E 106 17.43 4.05 -1.34
N TYR E 107 17.68 5.36 -1.45
CA TYR E 107 17.42 6.32 -0.33
C TYR E 107 18.53 6.24 0.74
N SER E 108 19.77 6.00 0.33
CA SER E 108 20.89 6.00 1.28
C SER E 108 21.87 7.15 1.03
N LYS E 109 22.41 7.23 -0.18
CA LYS E 109 23.52 8.13 -0.51
C LYS E 109 23.03 9.23 -1.44
N TYR E 110 23.57 10.43 -1.23
CA TYR E 110 23.24 11.62 -2.02
C TYR E 110 24.51 12.37 -2.33
N TRP E 111 24.46 13.21 -3.37
CA TRP E 111 25.58 14.04 -3.78
C TRP E 111 25.12 15.47 -4.03
N TYR E 112 26.03 16.40 -3.78
CA TYR E 112 25.77 17.82 -4.00
C TYR E 112 27.07 18.52 -4.33
N LEU E 113 26.96 19.66 -5.01
CA LEU E 113 28.09 20.52 -5.31
C LEU E 113 28.19 21.62 -4.26
N ASN E 114 29.39 21.78 -3.70
CA ASN E 114 29.68 22.75 -2.65
C ASN E 114 30.68 23.76 -3.21
N HIS E 115 30.30 25.04 -3.18
CA HIS E 115 31.20 26.08 -3.65
C HIS E 115 32.38 26.20 -2.68
N THR E 116 33.58 26.36 -3.23
CA THR E 116 34.79 26.28 -2.40
C THR E 116 34.87 27.43 -1.40
N THR E 117 34.71 28.67 -1.86
CA THR E 117 34.91 29.85 -1.03
C THR E 117 33.65 30.37 -0.36
N THR E 118 32.47 30.14 -0.96
CA THR E 118 31.22 30.70 -0.46
C THR E 118 30.51 29.78 0.52
N GLY E 119 30.65 28.47 0.36
CA GLY E 119 29.92 27.51 1.18
C GLY E 119 28.52 27.22 0.70
N ARG E 120 28.05 27.87 -0.36
CA ARG E 120 26.73 27.59 -0.91
C ARG E 120 26.72 26.20 -1.52
N THR E 121 25.56 25.54 -1.44
CA THR E 121 25.39 24.16 -1.88
C THR E 121 24.12 24.00 -2.68
N SER E 122 24.09 22.97 -3.51
CA SER E 122 22.90 22.59 -4.25
C SER E 122 21.98 21.73 -3.38
N LEU E 123 20.77 21.54 -3.87
CA LEU E 123 19.91 20.52 -3.28
C LEU E 123 20.53 19.15 -3.58
N PRO E 124 20.81 18.31 -2.58
CA PRO E 124 21.38 16.99 -2.89
C PRO E 124 20.47 16.14 -3.75
N LYS E 125 21.09 15.45 -4.71
CA LYS E 125 20.44 14.46 -5.57
C LYS E 125 20.93 13.08 -5.19
N CYS E 126 20.07 12.09 -5.39
CA CYS E 126 20.36 10.74 -4.92
C CYS E 126 21.37 10.05 -5.81
N TRP E 127 22.27 9.30 -5.19
CA TRP E 127 23.26 8.49 -5.89
C TRP E 127 22.63 7.12 -6.17
N LEU E 128 22.60 6.74 -7.45
CA LEU E 128 21.84 5.59 -7.88
C LEU E 128 22.63 4.30 -7.71
N VAL E 129 21.91 3.18 -7.70
CA VAL E 129 22.44 1.85 -7.42
C VAL E 129 21.93 0.88 -8.48
N SER E 130 22.78 -0.07 -8.86
CA SER E 130 22.40 -1.17 -9.73
C SER E 130 23.06 -2.45 -9.23
N ASN E 131 22.25 -3.37 -8.72
CA ASN E 131 22.73 -4.66 -8.21
C ASN E 131 23.73 -4.47 -7.08
N GLY E 132 23.44 -3.52 -6.21
CA GLY E 132 24.27 -3.27 -5.05
C GLY E 132 25.50 -2.42 -5.28
N SER E 133 25.76 -2.01 -6.52
CA SER E 133 26.91 -1.18 -6.86
C SER E 133 26.45 0.24 -7.14
N TYR E 134 27.05 1.20 -6.45
CA TYR E 134 26.81 2.60 -6.74
C TYR E 134 27.39 2.96 -8.10
N LEU E 135 26.84 4.01 -8.70
CA LEU E 135 27.44 4.55 -9.91
C LEU E 135 28.78 5.20 -9.57
N ASN E 136 29.61 5.38 -10.59
CA ASN E 136 31.04 5.59 -10.42
C ASN E 136 31.47 7.05 -10.58
N GLU E 137 30.52 8.00 -10.58
CA GLU E 137 30.70 9.46 -10.76
C GLU E 137 30.99 9.86 -12.21
N THR E 138 31.26 8.88 -13.09
CA THR E 138 31.38 9.12 -14.52
C THR E 138 30.11 8.74 -15.26
N HIS E 139 29.23 7.96 -14.64
CA HIS E 139 27.97 7.58 -15.25
C HIS E 139 26.97 8.72 -15.27
N PHE E 140 27.18 9.77 -14.45
CA PHE E 140 26.28 10.93 -14.40
C PHE E 140 27.07 12.23 -14.28
N SER E 141 28.27 12.27 -14.87
CA SER E 141 29.09 13.48 -14.80
C SER E 141 28.45 14.67 -15.50
N ASP E 142 27.69 14.43 -16.57
CA ASP E 142 26.99 15.52 -17.24
C ASP E 142 25.89 16.11 -16.37
N ASP E 143 25.25 15.31 -15.54
CA ASP E 143 24.31 15.85 -14.55
C ASP E 143 25.01 16.75 -13.56
N ILE E 144 26.22 16.39 -13.14
CA ILE E 144 26.98 17.24 -12.23
C ILE E 144 27.35 18.54 -12.93
N GLU E 145 27.74 18.45 -14.20
CA GLU E 145 28.03 19.66 -14.99
C GLU E 145 26.81 20.56 -15.08
N GLN E 146 25.64 19.97 -15.33
CA GLN E 146 24.41 20.75 -15.42
C GLN E 146 24.07 21.40 -14.08
N GLN E 147 24.30 20.69 -12.98
CA GLN E 147 24.05 21.28 -11.67
C GLN E 147 25.00 22.45 -11.40
N ALA E 148 26.27 22.30 -11.77
CA ALA E 148 27.23 23.41 -11.61
C ALA E 148 26.81 24.62 -12.44
N ASP E 149 26.37 24.37 -13.68
CA ASP E 149 25.84 25.46 -14.51
C ASP E 149 24.61 26.10 -13.88
N ASN E 150 23.74 25.29 -13.26
CA ASN E 150 22.57 25.85 -12.61
C ASN E 150 22.94 26.76 -11.45
N MET E 151 23.91 26.36 -10.63
CA MET E 151 24.31 27.23 -9.54
C MET E 151 25.04 28.48 -10.04
N ILE E 152 25.81 28.35 -11.13
CA ILE E 152 26.45 29.53 -11.71
C ILE E 152 25.39 30.49 -12.25
N THR E 153 24.29 29.96 -12.78
CA THR E 153 23.20 30.82 -13.22
C THR E 153 22.60 31.58 -12.05
N GLU E 154 22.47 30.92 -10.89
CA GLU E 154 22.00 31.58 -9.69
C GLU E 154 23.09 32.50 -9.13
N GLY F 1 0.36 9.63 -4.55
CA GLY F 1 0.84 11.01 -4.39
C GLY F 1 0.78 11.79 -5.68
N THR F 2 1.94 11.98 -6.30
CA THR F 2 2.09 12.75 -7.53
C THR F 2 2.92 11.94 -8.51
N PHE F 3 2.67 12.14 -9.81
CA PHE F 3 3.41 11.42 -10.84
C PHE F 3 4.89 11.74 -10.75
N THR F 4 5.73 10.74 -11.06
CA THR F 4 7.18 10.88 -11.03
C THR F 4 7.88 10.31 -12.25
N TRP F 5 7.22 9.48 -13.06
CA TRP F 5 7.88 8.80 -14.16
C TRP F 5 8.41 9.81 -15.18
N THR F 6 9.66 9.63 -15.58
CA THR F 6 10.38 10.54 -16.45
C THR F 6 10.54 9.92 -17.84
N LEU F 7 10.35 10.74 -18.86
CA LEU F 7 10.51 10.33 -20.24
C LEU F 7 11.98 10.33 -20.62
N SER F 8 12.39 9.30 -21.36
CA SER F 8 13.78 9.09 -21.76
C SER F 8 13.83 8.87 -23.26
N ASP F 9 14.13 9.93 -24.01
CA ASP F 9 14.29 9.85 -25.46
C ASP F 9 15.24 10.97 -25.87
N SER F 10 16.52 10.61 -26.07
CA SER F 10 17.57 11.56 -26.41
C SER F 10 18.54 11.06 -27.49
N GLU F 11 18.48 9.79 -27.87
CA GLU F 11 19.43 9.27 -28.85
C GLU F 11 19.18 9.88 -30.22
N GLY F 12 20.25 10.33 -30.87
CA GLY F 12 20.17 10.84 -32.23
C GLY F 12 19.53 12.19 -32.37
N LYS F 13 19.22 12.88 -31.27
CA LYS F 13 18.53 14.15 -31.30
C LYS F 13 19.54 15.30 -31.29
N ASP F 14 19.09 16.45 -31.81
CA ASP F 14 19.90 17.66 -31.77
C ASP F 14 20.08 18.22 -30.37
N THR F 15 19.19 17.87 -29.42
CA THR F 15 19.33 18.28 -28.04
C THR F 15 18.59 17.26 -27.19
N PRO F 16 19.01 16.99 -25.95
CA PRO F 16 18.26 16.05 -25.12
C PRO F 16 17.01 16.70 -24.53
N GLY F 17 16.10 15.84 -24.06
CA GLY F 17 14.92 16.28 -23.34
C GLY F 17 13.61 16.26 -24.11
N GLY F 18 13.64 16.02 -25.42
CA GLY F 18 12.44 15.92 -26.22
C GLY F 18 11.79 14.56 -26.09
N TYR F 19 10.77 14.34 -26.93
CA TYR F 19 10.13 13.04 -27.00
C TYR F 19 9.45 12.88 -28.35
N CYS F 20 9.50 11.67 -28.89
CA CYS F 20 8.99 11.37 -30.22
C CYS F 20 7.94 10.28 -30.16
N LEU F 21 6.75 10.59 -30.69
CA LEU F 21 5.70 9.61 -30.91
C LEU F 21 5.92 8.99 -32.29
N THR F 22 6.05 7.67 -32.32
CA THR F 22 6.30 6.96 -33.56
C THR F 22 4.99 6.79 -34.34
N ARG F 23 5.11 6.16 -35.52
CA ARG F 23 3.92 5.94 -36.35
C ARG F 23 2.94 5.00 -35.67
N TRP F 24 3.41 4.10 -34.81
CA TRP F 24 2.54 3.13 -34.17
C TRP F 24 1.68 3.75 -33.08
N MET F 25 2.14 4.85 -32.46
CA MET F 25 1.41 5.51 -31.39
C MET F 25 0.39 6.52 -31.89
N LEU F 26 0.15 6.62 -33.21
CA LEU F 26 -0.69 7.65 -33.79
C LEU F 26 -1.64 7.05 -34.82
N ILE F 27 -2.81 7.66 -34.94
CA ILE F 27 -3.84 7.23 -35.90
C ILE F 27 -3.62 7.98 -37.21
N GLU F 28 -3.20 7.24 -38.24
CA GLU F 28 -3.07 7.76 -39.60
C GLU F 28 -2.11 8.95 -39.64
N ALA F 29 -0.95 8.79 -39.00
CA ALA F 29 0.05 9.84 -38.96
C ALA F 29 1.43 9.20 -38.84
N GLU F 30 2.44 9.99 -39.19
CA GLU F 30 3.82 9.55 -39.19
C GLU F 30 4.50 9.95 -37.88
N LEU F 31 5.82 9.75 -37.83
CA LEU F 31 6.60 10.11 -36.64
C LEU F 31 6.52 11.60 -36.38
N LYS F 32 6.41 11.97 -35.10
CA LYS F 32 6.25 13.36 -34.67
C LYS F 32 7.03 13.57 -33.39
N CYS F 33 7.98 14.52 -33.43
CA CYS F 33 8.87 14.81 -32.31
C CYS F 33 8.57 16.19 -31.73
N PHE F 34 8.58 16.27 -30.41
CA PHE F 34 8.38 17.50 -29.66
C PHE F 34 9.63 17.81 -28.87
N GLY F 35 10.08 19.06 -28.97
CA GLY F 35 11.36 19.47 -28.41
C GLY F 35 11.36 19.46 -26.90
N ASN F 36 12.54 19.78 -26.35
CA ASN F 36 12.72 19.77 -24.91
C ASN F 36 11.90 20.84 -24.22
N THR F 37 11.72 22.01 -24.85
CA THR F 37 10.97 23.10 -24.23
C THR F 37 9.53 22.74 -23.95
N ALA F 38 8.88 21.94 -24.80
CA ALA F 38 7.50 21.54 -24.60
C ALA F 38 7.40 20.32 -23.68
N VAL F 39 8.24 19.31 -23.90
CA VAL F 39 8.14 18.07 -23.13
C VAL F 39 8.58 18.31 -21.69
N ALA F 40 9.52 19.24 -21.47
CA ALA F 40 9.97 19.53 -20.12
C ALA F 40 8.88 20.12 -19.24
N LYS F 41 7.85 20.73 -19.84
CA LYS F 41 6.72 21.22 -19.06
C LYS F 41 5.93 20.10 -18.41
N CYS F 42 6.03 18.87 -18.92
CA CYS F 42 5.34 17.73 -18.34
C CYS F 42 5.87 17.34 -16.95
N ASN F 43 7.07 17.78 -16.59
CA ASN F 43 7.62 17.45 -15.28
C ASN F 43 6.97 18.22 -14.14
N GLU F 44 6.33 19.36 -14.44
CA GLU F 44 5.74 20.24 -13.43
C GLU F 44 4.22 20.24 -13.44
N LYS F 45 3.60 20.50 -14.58
CA LYS F 45 2.17 20.76 -14.61
C LYS F 45 1.37 19.49 -14.35
N HIS F 46 0.20 19.66 -13.73
CA HIS F 46 -0.61 18.56 -13.20
C HIS F 46 -1.96 18.42 -13.90
N ASP F 47 -2.19 19.13 -15.01
CA ASP F 47 -3.50 19.18 -15.67
C ASP F 47 -3.40 19.04 -17.18
N GLU F 48 -2.40 18.29 -17.66
CA GLU F 48 -2.21 18.03 -19.09
C GLU F 48 -2.44 16.54 -19.34
N GLU F 49 -3.46 16.25 -20.14
CA GLU F 49 -3.74 14.86 -20.50
C GLU F 49 -2.64 14.28 -21.39
N PHE F 50 -2.06 15.13 -22.25
CA PHE F 50 -1.05 14.66 -23.19
C PHE F 50 0.19 14.17 -22.46
N CYS F 51 0.58 14.85 -21.39
CA CYS F 51 1.74 14.42 -20.62
C CYS F 51 1.49 13.07 -19.96
N ASP F 52 0.28 12.87 -19.43
CA ASP F 52 -0.10 11.57 -18.88
C ASP F 52 -0.02 10.49 -19.95
N MET F 53 -0.51 10.79 -21.15
CA MET F 53 -0.43 9.82 -22.23
C MET F 53 1.02 9.53 -22.64
N LEU F 54 1.87 10.55 -22.67
CA LEU F 54 3.29 10.32 -22.98
C LEU F 54 3.92 9.41 -21.95
N ARG F 55 3.63 9.63 -20.67
CA ARG F 55 4.16 8.75 -19.63
C ARG F 55 3.62 7.33 -19.76
N LEU F 56 2.34 7.19 -20.13
CA LEU F 56 1.77 5.87 -20.36
C LEU F 56 2.45 5.15 -21.52
N PHE F 57 2.63 5.83 -22.66
CA PHE F 57 3.28 5.20 -23.81
C PHE F 57 4.72 4.84 -23.50
N ASP F 58 5.45 5.73 -22.82
CA ASP F 58 6.84 5.45 -22.46
C ASP F 58 6.92 4.27 -21.50
N PHE F 59 6.02 4.20 -20.52
CA PHE F 59 6.03 3.08 -19.59
C PHE F 59 5.71 1.77 -20.31
N ASN F 60 4.76 1.81 -21.26
CA ASN F 60 4.45 0.62 -22.04
C ASN F 60 5.66 0.15 -22.84
N LYS F 61 6.36 1.10 -23.47
CA LYS F 61 7.54 0.76 -24.24
C LYS F 61 8.61 0.14 -23.34
N GLN F 62 8.90 0.76 -22.20
CA GLN F 62 9.93 0.25 -21.31
C GLN F 62 9.53 -1.10 -20.71
N ALA F 63 8.25 -1.28 -20.39
CA ALA F 63 7.80 -2.53 -19.80
C ALA F 63 7.90 -3.67 -20.80
N ILE F 64 7.48 -3.44 -22.05
CA ILE F 64 7.63 -4.46 -23.09
C ILE F 64 9.09 -4.74 -23.40
N GLN F 65 9.96 -3.73 -23.36
CA GLN F 65 11.37 -3.90 -23.66
C GLN F 65 12.14 -4.63 -22.56
N ARG F 66 11.93 -4.28 -21.29
CA ARG F 66 12.86 -4.63 -20.23
C ARG F 66 12.39 -5.74 -19.31
N LEU F 67 11.09 -5.95 -19.17
CA LEU F 67 10.55 -6.99 -18.29
C LEU F 67 10.22 -8.23 -19.08
N LYS F 68 10.49 -9.39 -18.47
CA LYS F 68 10.17 -10.67 -19.10
C LYS F 68 8.65 -10.81 -19.21
N ALA F 69 8.18 -11.16 -20.41
CA ALA F 69 6.76 -11.30 -20.62
C ALA F 69 6.25 -12.60 -19.99
N PRO F 70 5.10 -12.60 -19.31
CA PRO F 70 4.55 -13.86 -18.81
C PRO F 70 3.90 -14.67 -19.92
N ALA F 71 3.60 -15.93 -19.60
CA ALA F 71 2.92 -16.80 -20.56
C ALA F 71 1.53 -16.27 -20.86
N GLN F 72 0.76 -15.94 -19.82
CA GLN F 72 -0.52 -15.27 -19.94
C GLN F 72 -0.39 -13.85 -19.40
N MET F 73 -1.04 -12.90 -20.07
CA MET F 73 -0.88 -11.50 -19.71
C MET F 73 -1.44 -11.25 -18.30
N SER F 74 -0.72 -10.44 -17.54
CA SER F 74 -1.14 -9.98 -16.22
C SER F 74 -1.10 -8.46 -16.19
N ILE F 75 -2.09 -7.89 -15.52
CA ILE F 75 -2.22 -6.43 -15.39
C ILE F 75 -1.74 -5.95 -14.02
N GLN F 76 -0.95 -6.76 -13.31
CA GLN F 76 -0.46 -6.35 -11.99
C GLN F 76 0.48 -5.15 -12.11
N LEU F 77 1.30 -5.11 -13.16
CA LEU F 77 2.30 -4.06 -13.30
C LEU F 77 1.65 -2.69 -13.41
N ILE F 78 0.67 -2.54 -14.29
CA ILE F 78 0.00 -1.25 -14.42
C ILE F 78 -0.84 -0.95 -13.17
N ASN F 79 -1.45 -1.98 -12.59
CA ASN F 79 -2.25 -1.78 -11.38
C ASN F 79 -1.41 -1.22 -10.23
N LYS F 80 -0.12 -1.58 -10.20
CA LYS F 80 0.78 -1.01 -9.20
C LYS F 80 1.34 0.35 -9.66
N ALA F 81 1.62 0.51 -10.95
CA ALA F 81 2.40 1.63 -11.43
C ALA F 81 1.58 2.80 -11.94
N VAL F 82 0.25 2.72 -11.95
CA VAL F 82 -0.57 3.71 -12.64
C VAL F 82 -0.41 5.09 -12.01
N ASN F 83 -0.38 5.17 -10.68
CA ASN F 83 -0.35 6.46 -10.01
C ASN F 83 0.97 7.19 -10.20
N ALA F 84 2.05 6.50 -10.56
CA ALA F 84 3.31 7.13 -10.89
C ALA F 84 3.37 7.65 -12.33
N LEU F 85 2.44 7.25 -13.19
CA LEU F 85 2.41 7.64 -14.60
C LEU F 85 1.45 8.75 -14.90
N ILE F 86 0.28 8.77 -14.25
CA ILE F 86 -0.82 9.65 -14.61
C ILE F 86 -1.41 10.30 -13.36
N ASN F 87 -2.17 11.37 -13.59
CA ASN F 87 -3.00 11.99 -12.57
C ASN F 87 -4.41 11.45 -12.74
N ASP F 88 -4.80 10.50 -11.90
CA ASP F 88 -6.15 9.94 -11.98
C ASP F 88 -7.23 10.98 -11.68
N GLN F 89 -6.90 12.04 -10.95
CA GLN F 89 -7.87 13.10 -10.71
C GLN F 89 -8.06 13.98 -11.94
N LEU F 90 -7.13 13.98 -12.89
CA LEU F 90 -7.40 14.58 -14.19
C LEU F 90 -8.48 13.80 -14.94
N ILE F 91 -8.42 12.47 -14.89
CA ILE F 91 -9.50 11.65 -15.42
C ILE F 91 -10.79 11.94 -14.70
N MET F 92 -10.71 12.13 -13.37
CA MET F 92 -11.90 12.45 -12.60
C MET F 92 -12.49 13.80 -13.04
N LYS F 93 -11.64 14.79 -13.28
CA LYS F 93 -12.13 16.08 -13.76
C LYS F 93 -12.81 15.93 -15.10
N ASN F 94 -12.20 15.18 -16.03
CA ASN F 94 -12.80 15.03 -17.34
C ASN F 94 -14.15 14.32 -17.25
N HIS F 95 -14.27 13.33 -16.36
CA HIS F 95 -15.53 12.63 -16.21
C HIS F 95 -16.58 13.52 -15.53
N LEU F 96 -16.16 14.34 -14.56
CA LEU F 96 -17.07 15.30 -13.95
C LEU F 96 -17.58 16.31 -14.96
N ARG F 97 -16.69 16.78 -15.84
CA ARG F 97 -17.12 17.66 -16.92
C ARG F 97 -18.07 16.95 -17.88
N ASP F 98 -17.84 15.66 -18.11
CA ASP F 98 -18.71 14.89 -19.00
C ASP F 98 -20.13 14.80 -18.44
N ILE F 99 -20.26 14.44 -17.17
CA ILE F 99 -21.60 14.28 -16.60
C ILE F 99 -22.30 15.63 -16.45
N MET F 100 -21.53 16.72 -16.32
CA MET F 100 -22.10 18.06 -16.15
C MET F 100 -22.42 18.76 -17.48
N CYS F 101 -22.29 18.07 -18.61
CA CYS F 101 -22.54 18.65 -19.94
C CYS F 101 -21.60 19.83 -20.21
N ILE F 102 -20.37 19.72 -19.74
CA ILE F 102 -19.28 20.63 -20.09
C ILE F 102 -18.39 19.90 -21.09
N PRO F 103 -17.76 20.60 -22.04
CA PRO F 103 -16.79 19.89 -22.91
C PRO F 103 -15.65 19.29 -22.10
N TYR F 104 -15.24 18.09 -22.49
CA TYR F 104 -14.27 17.31 -21.75
C TYR F 104 -13.33 16.60 -22.72
N CYS F 105 -12.17 16.23 -22.21
CA CYS F 105 -11.17 15.47 -22.95
C CYS F 105 -11.41 13.99 -22.74
N ASN F 106 -11.43 13.24 -23.86
CA ASN F 106 -11.55 11.76 -23.84
C ASN F 106 -10.17 11.15 -24.08
N TYR F 107 -9.12 11.97 -24.10
CA TYR F 107 -7.74 11.53 -24.22
C TYR F 107 -7.38 11.02 -25.61
N SER F 108 -8.21 11.25 -26.62
CA SER F 108 -7.97 10.73 -27.97
C SER F 108 -7.27 11.72 -28.88
N LYS F 109 -7.76 12.96 -28.95
CA LYS F 109 -7.31 13.95 -29.92
C LYS F 109 -6.66 15.13 -29.19
N TYR F 110 -5.57 15.64 -29.76
CA TYR F 110 -4.82 16.75 -29.19
C TYR F 110 -4.45 17.70 -30.31
N TRP F 111 -4.23 18.97 -29.95
CA TRP F 111 -3.83 20.01 -30.90
C TRP F 111 -2.63 20.78 -30.37
N TYR F 112 -1.79 21.20 -31.30
CA TYR F 112 -0.60 21.98 -31.00
C TYR F 112 -0.36 22.98 -32.11
N LEU F 113 0.35 24.05 -31.79
CA LEU F 113 0.85 25.00 -32.77
C LEU F 113 2.21 24.56 -33.24
N ASN F 114 2.56 24.94 -34.47
CA ASN F 114 3.82 24.53 -35.10
C ASN F 114 4.33 25.68 -35.96
N HIS F 115 5.49 26.21 -35.59
CA HIS F 115 6.07 27.30 -36.35
C HIS F 115 6.50 26.78 -37.72
N THR F 116 6.11 27.50 -38.77
CA THR F 116 6.29 27.01 -40.13
C THR F 116 7.76 26.84 -40.52
N THR F 117 8.61 27.82 -40.20
CA THR F 117 10.01 27.77 -40.60
C THR F 117 10.92 27.07 -39.60
N THR F 118 10.81 27.38 -38.32
CA THR F 118 11.69 26.80 -37.31
C THR F 118 11.28 25.39 -36.89
N GLY F 119 10.00 25.04 -37.01
CA GLY F 119 9.53 23.73 -36.62
C GLY F 119 9.26 23.55 -35.14
N ARG F 120 9.47 24.59 -34.33
CA ARG F 120 9.19 24.50 -32.91
C ARG F 120 7.70 24.41 -32.68
N THR F 121 7.31 23.67 -31.64
CA THR F 121 5.91 23.39 -31.34
C THR F 121 5.64 23.62 -29.86
N SER F 122 4.37 23.91 -29.55
CA SER F 122 3.90 23.97 -28.19
C SER F 122 3.54 22.57 -27.69
N LEU F 123 3.36 22.46 -26.39
CA LEU F 123 2.89 21.21 -25.81
C LEU F 123 1.46 20.96 -26.31
N PRO F 124 1.15 19.78 -26.86
CA PRO F 124 -0.23 19.55 -27.32
C PRO F 124 -1.25 19.60 -26.18
N LYS F 125 -2.34 20.32 -26.42
CA LYS F 125 -3.49 20.38 -25.54
C LYS F 125 -4.62 19.53 -26.11
N CYS F 126 -5.46 19.01 -25.24
CA CYS F 126 -6.46 18.06 -25.67
C CYS F 126 -7.62 18.74 -26.36
N TRP F 127 -8.12 18.11 -27.42
CA TRP F 127 -9.31 18.58 -28.12
C TRP F 127 -10.54 18.01 -27.43
N LEU F 128 -11.39 18.89 -26.91
CA LEU F 128 -12.50 18.48 -26.08
C LEU F 128 -13.67 17.99 -26.94
N VAL F 129 -14.52 17.16 -26.33
CA VAL F 129 -15.72 16.61 -26.94
C VAL F 129 -16.91 16.89 -26.03
N SER F 130 -18.10 16.82 -26.62
CA SER F 130 -19.35 16.96 -25.86
C SER F 130 -20.43 16.19 -26.59
N ASN F 131 -20.84 15.07 -26.01
CA ASN F 131 -21.87 14.21 -26.59
C ASN F 131 -21.44 13.68 -27.96
N GLY F 132 -20.17 13.31 -28.07
CA GLY F 132 -19.65 12.66 -29.25
C GLY F 132 -19.12 13.58 -30.34
N SER F 133 -19.30 14.90 -30.20
CA SER F 133 -18.88 15.87 -31.20
C SER F 133 -17.68 16.64 -30.69
N TYR F 134 -16.63 16.69 -31.51
CA TYR F 134 -15.47 17.52 -31.21
C TYR F 134 -15.85 18.99 -31.29
N LEU F 135 -15.13 19.82 -30.53
CA LEU F 135 -15.25 21.25 -30.70
C LEU F 135 -14.73 21.66 -32.07
N ASN F 136 -15.26 22.77 -32.59
CA ASN F 136 -15.17 23.09 -34.00
C ASN F 136 -14.07 24.10 -34.33
N GLU F 137 -13.07 24.26 -33.44
CA GLU F 137 -11.89 25.12 -33.61
C GLU F 137 -12.20 26.62 -33.46
N THR F 138 -13.48 27.00 -33.41
CA THR F 138 -13.89 28.35 -33.04
C THR F 138 -14.34 28.44 -31.59
N HIS F 139 -14.68 27.30 -30.97
CA HIS F 139 -15.08 27.28 -29.57
C HIS F 139 -13.93 27.58 -28.62
N PHE F 140 -12.68 27.41 -29.08
CA PHE F 140 -11.49 27.68 -28.27
C PHE F 140 -10.42 28.40 -29.09
N SER F 141 -10.83 29.25 -30.03
CA SER F 141 -9.86 30.01 -30.83
C SER F 141 -9.06 30.98 -29.98
N ASP F 142 -9.66 31.57 -28.94
CA ASP F 142 -8.92 32.42 -28.04
C ASP F 142 -7.85 31.65 -27.27
N ASP F 143 -8.10 30.39 -26.92
CA ASP F 143 -7.05 29.57 -26.32
C ASP F 143 -5.90 29.36 -27.28
N ILE F 144 -6.19 29.14 -28.57
CA ILE F 144 -5.12 28.98 -29.55
C ILE F 144 -4.35 30.28 -29.68
N GLU F 145 -5.04 31.43 -29.67
CA GLU F 145 -4.37 32.71 -29.74
C GLU F 145 -3.47 32.94 -28.53
N GLN F 146 -3.94 32.59 -27.35
CA GLN F 146 -3.13 32.72 -26.14
C GLN F 146 -1.91 31.80 -26.21
N GLN F 147 -2.09 30.58 -26.72
CA GLN F 147 -0.97 29.67 -26.87
C GLN F 147 0.06 30.22 -27.85
N ALA F 148 -0.40 30.80 -28.97
CA ALA F 148 0.52 31.44 -29.90
C ALA F 148 1.25 32.61 -29.26
N ASP F 149 0.53 33.38 -28.45
CA ASP F 149 1.14 34.49 -27.71
C ASP F 149 2.15 34.00 -26.67
N ASN F 150 2.03 32.77 -26.18
CA ASN F 150 2.98 32.21 -25.23
C ASN F 150 4.30 31.79 -25.87
N MET F 151 4.29 31.35 -27.13
CA MET F 151 5.51 30.91 -27.79
C MET F 151 6.36 32.05 -28.31
N ILE F 152 5.75 33.17 -28.73
CA ILE F 152 6.53 34.32 -29.18
C ILE F 152 7.39 34.90 -28.06
N THR F 153 6.95 34.82 -26.81
CA THR F 153 7.74 35.25 -25.67
C THR F 153 8.93 34.33 -25.40
N GLU F 154 8.88 33.09 -25.86
CA GLU F 154 9.98 32.15 -25.67
C GLU F 154 11.07 32.36 -26.73
N UNK G 1 7.69 -41.09 2.31
CA UNK G 1 8.93 -40.69 3.03
C UNK G 1 10.16 -41.02 2.19
N UNK G 2 11.24 -40.28 2.42
CA UNK G 2 12.46 -40.50 1.67
C UNK G 2 13.11 -41.82 2.10
N UNK G 3 13.53 -42.61 1.10
CA UNK G 3 14.22 -43.87 1.32
C UNK G 3 15.71 -43.65 1.16
N UNK G 4 16.43 -43.65 2.28
CA UNK G 4 17.88 -43.45 2.30
C UNK G 4 18.55 -44.81 2.39
N UNK G 5 19.24 -45.21 1.32
CA UNK G 5 19.91 -46.51 1.23
C UNK G 5 21.41 -46.30 1.38
N UNK G 6 22.00 -46.98 2.36
CA UNK G 6 23.43 -46.91 2.62
C UNK G 6 24.11 -48.08 1.91
N UNK G 7 25.15 -47.77 1.13
CA UNK G 7 25.79 -48.79 0.30
C UNK G 7 26.51 -49.82 1.15
N UNK G 8 27.35 -49.37 2.08
CA UNK G 8 28.22 -50.25 2.86
C UNK G 8 27.49 -50.66 4.14
N UNK G 9 26.87 -51.84 4.11
CA UNK G 9 26.22 -52.37 5.32
C UNK G 9 27.26 -52.71 6.37
N UNK G 10 28.39 -53.31 5.96
CA UNK G 10 29.49 -53.65 6.85
C UNK G 10 30.80 -53.32 6.16
N UNK G 11 31.76 -52.85 6.95
CA UNK G 11 33.05 -52.44 6.40
C UNK G 11 34.10 -52.51 7.49
N UNK G 12 35.13 -53.33 7.26
CA UNK G 12 36.26 -53.48 8.17
C UNK G 12 37.51 -52.91 7.51
N UNK G 13 38.37 -52.31 8.33
CA UNK G 13 39.59 -51.68 7.85
C UNK G 13 40.65 -51.78 8.92
N UNK G 14 41.90 -51.66 8.49
CA UNK G 14 43.02 -51.73 9.42
C UNK G 14 43.02 -50.51 10.34
N UNK G 15 43.64 -50.67 11.50
CA UNK G 15 43.76 -49.57 12.44
C UNK G 15 44.59 -48.44 11.83
N UNK G 16 44.13 -47.20 12.04
CA UNK G 16 44.71 -46.00 11.46
C UNK G 16 44.69 -46.01 9.94
N UNK G 17 43.69 -46.64 9.34
CA UNK G 17 43.47 -46.62 7.89
C UNK G 17 42.19 -45.87 7.56
N UNK G 18 42.09 -45.43 6.31
CA UNK G 18 40.92 -44.70 5.86
C UNK G 18 39.73 -45.65 5.68
N UNK G 19 38.54 -45.15 6.02
CA UNK G 19 37.29 -45.87 5.79
C UNK G 19 36.28 -44.90 5.20
N UNK G 20 35.31 -45.45 4.46
CA UNK G 20 34.33 -44.63 3.76
C UNK G 20 33.02 -45.37 3.63
N UNK G 21 31.93 -44.61 3.74
CA UNK G 21 30.58 -45.12 3.55
C UNK G 21 29.82 -44.13 2.68
N UNK G 22 28.80 -44.64 1.99
CA UNK G 22 28.03 -43.86 1.04
C UNK G 22 26.54 -44.10 1.28
N UNK G 23 25.74 -43.10 0.91
CA UNK G 23 24.29 -43.14 1.03
C UNK G 23 23.67 -42.48 -0.19
N UNK G 24 22.46 -42.92 -0.51
CA UNK G 24 21.70 -42.39 -1.65
C UNK G 24 20.26 -42.18 -1.21
N UNK G 25 19.73 -41.00 -1.53
CA UNK G 25 18.37 -40.62 -1.18
C UNK G 25 17.43 -40.83 -2.36
N UNK G 26 16.20 -41.24 -2.06
CA UNK G 26 15.20 -41.41 -3.10
C UNK G 26 14.86 -40.08 -3.77
N UNK G 27 14.86 -38.99 -2.99
CA UNK G 27 14.61 -37.65 -3.50
C UNK G 27 15.71 -36.73 -3.01
N UNK G 28 15.93 -35.64 -3.75
CA UNK G 28 17.00 -34.71 -3.42
C UNK G 28 16.68 -34.01 -2.10
N UNK G 29 17.43 -34.36 -1.06
CA UNK G 29 17.27 -33.77 0.27
C UNK G 29 18.09 -32.50 0.47
N UNK G 30 18.94 -32.12 -0.49
CA UNK G 30 19.78 -30.93 -0.42
C UNK G 30 20.70 -31.08 0.79
N UNK G 31 20.93 -30.04 1.59
CA UNK G 31 21.80 -30.13 2.76
C UNK G 31 21.09 -30.67 4.00
N UNK G 32 19.83 -31.09 3.89
CA UNK G 32 19.09 -31.66 5.02
C UNK G 32 19.47 -33.12 5.19
N UNK G 33 20.72 -33.34 5.59
CA UNK G 33 21.25 -34.68 5.82
C UNK G 33 22.35 -34.57 6.88
N UNK G 34 22.44 -35.61 7.71
CA UNK G 34 23.38 -35.63 8.81
C UNK G 34 23.90 -37.04 9.02
N UNK G 35 25.18 -37.12 9.38
CA UNK G 35 25.84 -38.38 9.71
C UNK G 35 26.02 -38.46 11.22
N UNK G 36 25.60 -39.59 11.80
CA UNK G 36 25.62 -39.80 13.24
C UNK G 36 26.30 -41.13 13.53
N UNK G 37 26.86 -41.23 14.73
CA UNK G 37 27.56 -42.42 15.19
C UNK G 37 26.92 -42.90 16.49
N UNK G 38 26.90 -44.23 16.65
CA UNK G 38 26.34 -44.86 17.83
C UNK G 38 27.09 -46.15 18.11
N UNK G 39 27.75 -46.21 19.25
CA UNK G 39 28.39 -47.45 19.69
C UNK G 39 27.32 -48.41 20.22
N UNK G 40 27.76 -49.64 20.50
CA UNK G 40 26.83 -50.64 21.01
C UNK G 40 26.35 -50.24 22.40
N UNK G 41 25.02 -50.21 22.56
CA UNK G 41 24.39 -49.83 23.82
C UNK G 41 24.80 -48.43 24.26
N UNK G 42 24.60 -47.46 23.38
CA UNK G 42 24.92 -46.07 23.68
C UNK G 42 24.06 -45.16 22.81
N UNK G 43 23.81 -43.96 23.31
CA UNK G 43 23.00 -42.99 22.57
C UNK G 43 23.73 -42.53 21.32
N UNK G 44 22.96 -42.19 20.30
CA UNK G 44 23.53 -41.70 19.05
C UNK G 44 24.16 -40.33 19.26
N UNK G 45 25.18 -40.04 18.44
CA UNK G 45 25.90 -38.78 18.49
C UNK G 45 26.08 -38.24 17.08
N UNK G 46 25.74 -36.96 16.90
CA UNK G 46 25.88 -36.34 15.58
C UNK G 46 27.34 -36.11 15.26
N UNK G 47 27.79 -36.72 14.15
CA UNK G 47 29.15 -36.58 13.66
C UNK G 47 29.32 -35.45 12.67
N UNK G 48 28.35 -35.25 11.78
CA UNK G 48 28.41 -34.18 10.78
C UNK G 48 27.01 -33.71 10.47
N UNK G 49 26.86 -32.39 10.36
CA UNK G 49 25.59 -31.73 10.09
C UNK G 49 25.71 -30.95 8.78
N UNK G 50 24.56 -30.71 8.15
CA UNK G 50 24.47 -29.96 6.89
C UNK G 50 25.26 -30.64 5.76
N UNK G 51 25.49 -31.95 5.89
CA UNK G 51 26.09 -32.82 4.88
C UNK G 51 27.58 -32.61 4.65
N UNK G 52 28.20 -31.55 5.20
CA UNK G 52 29.65 -31.37 5.12
C UNK G 52 30.25 -30.70 6.35
N UNK G 53 29.45 -30.38 7.37
CA UNK G 53 29.93 -29.59 8.50
C UNK G 53 30.08 -30.46 9.73
N UNK G 54 31.30 -30.47 10.29
CA UNK G 54 31.57 -31.27 11.47
C UNK G 54 30.83 -30.72 12.68
N UNK G 55 30.31 -31.65 13.49
CA UNK G 55 29.60 -31.27 14.70
C UNK G 55 30.58 -30.72 15.74
N UNK G 56 30.03 -30.10 16.78
CA UNK G 56 30.86 -29.52 17.83
C UNK G 56 31.63 -30.61 18.56
N UNK G 57 32.93 -30.39 18.73
CA UNK G 57 33.85 -31.30 19.40
C UNK G 57 34.01 -32.63 18.66
N UNK G 58 33.61 -32.70 17.39
CA UNK G 58 33.82 -33.91 16.61
C UNK G 58 35.27 -33.98 16.12
N UNK G 59 35.76 -35.20 15.96
CA UNK G 59 37.13 -35.40 15.52
C UNK G 59 37.32 -34.89 14.09
N UNK G 60 38.49 -34.30 13.83
CA UNK G 60 38.80 -33.81 12.49
C UNK G 60 38.96 -34.93 11.48
N UNK G 61 39.13 -36.17 11.93
CA UNK G 61 39.21 -37.30 11.00
C UNK G 61 37.93 -37.46 10.19
N UNK G 62 36.78 -37.28 10.83
CA UNK G 62 35.50 -37.43 10.13
C UNK G 62 35.29 -36.29 9.14
N UNK G 63 34.86 -36.65 7.93
CA UNK G 63 34.54 -35.68 6.90
C UNK G 63 33.37 -36.21 6.08
N UNK G 64 32.71 -35.31 5.37
CA UNK G 64 31.53 -35.67 4.59
C UNK G 64 31.44 -34.78 3.35
N UNK G 65 30.73 -35.26 2.33
CA UNK G 65 30.54 -34.50 1.09
C UNK G 65 29.41 -35.15 0.31
N UNK G 66 28.41 -34.37 -0.11
CA UNK G 66 27.26 -34.90 -0.85
C UNK G 66 27.14 -34.22 -2.20
N UNK G 67 27.07 -35.00 -3.29
CA UNK G 67 26.83 -34.46 -4.64
C UNK G 67 25.46 -34.97 -5.06
N UNK G 68 24.51 -34.07 -5.36
CA UNK G 68 23.13 -34.44 -5.76
C UNK G 68 22.47 -35.22 -4.62
N UNK G 69 21.85 -36.37 -4.88
CA UNK G 69 21.21 -37.23 -3.86
C UNK G 69 22.23 -38.23 -3.33
N UNK G 70 23.46 -38.22 -3.85
CA UNK G 70 24.54 -39.15 -3.41
C UNK G 70 25.38 -38.46 -2.35
N UNK G 71 25.49 -39.05 -1.17
CA UNK G 71 26.25 -38.49 -0.03
C UNK G 71 27.33 -39.49 0.35
N UNK G 72 28.40 -39.03 0.99
CA UNK G 72 29.48 -39.89 1.45
C UNK G 72 30.07 -39.33 2.73
N UNK G 73 30.46 -40.24 3.61
CA UNK G 73 31.21 -39.91 4.82
C UNK G 73 32.49 -40.72 4.82
N UNK G 74 33.53 -40.15 5.40
CA UNK G 74 34.85 -40.78 5.43
C UNK G 74 35.51 -40.50 6.76
N UNK G 75 36.36 -41.44 7.17
CA UNK G 75 37.13 -41.34 8.41
C UNK G 75 38.57 -41.73 8.10
N UNK G 76 39.44 -40.73 8.07
CA UNK G 76 40.87 -40.95 7.90
C UNK G 76 41.51 -41.27 9.25
N UNK G 77 42.46 -42.20 9.23
CA UNK G 77 43.10 -42.71 10.45
C UNK G 77 42.05 -43.29 11.40
N UNK G 78 41.33 -44.31 10.92
CA UNK G 78 40.21 -44.88 11.64
C UNK G 78 40.75 -45.71 12.80
N UNK G 79 40.92 -45.04 13.94
CA UNK G 79 41.41 -45.70 15.14
C UNK G 79 40.37 -46.68 15.67
N UNK G 80 40.77 -47.44 16.70
CA UNK G 80 39.86 -48.41 17.30
C UNK G 80 38.66 -47.74 17.95
N UNK G 81 38.84 -46.51 18.43
CA UNK G 81 37.72 -45.78 19.05
C UNK G 81 36.64 -45.41 18.04
N UNK G 82 36.95 -45.40 16.75
CA UNK G 82 35.98 -45.03 15.71
C UNK G 82 35.09 -46.19 15.30
N UNK G 83 35.26 -47.38 15.87
CA UNK G 83 34.42 -48.52 15.52
C UNK G 83 33.05 -48.37 16.17
N UNK G 84 32.03 -48.17 15.34
CA UNK G 84 30.68 -47.97 15.83
C UNK G 84 29.72 -47.94 14.65
N UNK G 85 28.44 -48.13 14.93
CA UNK G 85 27.44 -48.02 13.89
C UNK G 85 27.31 -46.59 13.40
N UNK G 86 27.20 -46.43 12.08
CA UNK G 86 27.12 -45.11 11.43
C UNK G 86 25.83 -45.03 10.64
N UNK G 87 25.05 -43.97 10.90
CA UNK G 87 23.77 -43.75 10.26
C UNK G 87 23.76 -42.42 9.52
N UNK G 88 23.29 -42.48 8.26
CA UNK G 88 23.15 -41.31 7.39
C UNK G 88 21.66 -41.00 7.29
N UNK G 89 21.21 -40.00 8.06
CA UNK G 89 19.80 -39.67 8.18
C UNK G 89 19.48 -38.36 7.48
N UNK G 90 18.49 -38.40 6.60
CA UNK G 90 17.89 -37.17 6.11
C UNK G 90 17.04 -36.55 7.20
N UNK G 91 17.02 -35.21 7.23
CA UNK G 91 16.37 -34.46 8.30
C UNK G 91 15.30 -33.52 7.77
N UNK G 92 14.70 -33.81 6.61
CA UNK G 92 13.65 -32.99 6.01
C UNK G 92 12.30 -33.54 6.41
N UNK G 93 11.40 -32.64 6.82
CA UNK G 93 10.05 -33.01 7.22
C UNK G 93 8.97 -32.05 6.76
N UNK G 94 9.30 -31.03 5.96
CA UNK G 94 8.30 -30.03 5.60
C UNK G 94 7.26 -30.60 4.64
N UNK G 95 7.70 -31.03 3.46
CA UNK G 95 6.81 -31.58 2.43
C UNK G 95 6.87 -33.10 2.36
N UNK G 96 7.89 -33.73 2.96
CA UNK G 96 7.99 -35.18 2.97
C UNK G 96 8.84 -35.60 4.15
N UNK G 97 8.47 -36.72 4.76
CA UNK G 97 9.20 -37.27 5.88
C UNK G 97 10.51 -37.89 5.41
N UNK G 98 11.48 -37.95 6.31
CA UNK G 98 12.81 -38.46 5.98
C UNK G 98 13.03 -39.78 6.70
N UNK G 99 14.25 -40.28 6.71
CA UNK G 99 14.56 -41.59 7.32
C UNK G 99 16.01 -41.66 7.72
N UNK G 100 16.38 -42.63 8.56
CA UNK G 100 17.77 -42.88 8.93
C UNK G 100 18.18 -44.17 8.20
N UNK G 101 19.28 -44.13 7.45
CA UNK G 101 19.82 -45.31 6.73
C UNK G 101 20.58 -46.17 7.75
N UNK G 102 20.86 -47.44 7.43
CA UNK G 102 21.52 -48.38 8.37
C UNK G 102 22.87 -48.85 7.82
N UNK G 103 23.96 -48.65 8.57
CA UNK G 103 25.31 -49.15 8.20
C UNK G 103 26.13 -49.43 9.45
N UNK G 104 27.17 -50.25 9.35
CA UNK G 104 27.99 -50.67 10.51
C UNK G 104 29.44 -50.87 10.07
N UNK G 105 30.40 -50.59 10.95
CA UNK G 105 31.82 -50.77 10.65
C UNK G 105 32.51 -51.38 11.86
N UNK G 106 33.65 -52.02 11.61
CA UNK G 106 34.46 -52.65 12.65
C UNK G 106 35.79 -51.92 12.78
N UNK H 1 23.36 -28.34 27.18
CA UNK H 1 22.00 -28.77 27.61
C UNK H 1 21.94 -30.28 27.76
N UNK H 2 20.77 -30.81 28.16
CA UNK H 2 20.60 -32.24 28.30
C UNK H 2 19.13 -32.60 28.16
N UNK H 3 18.88 -33.88 27.91
CA UNK H 3 17.52 -34.40 27.82
C UNK H 3 17.51 -35.83 28.32
N UNK H 4 16.38 -36.31 28.87
CA UNK H 4 16.30 -37.68 29.43
C UNK H 4 14.94 -38.34 29.18
N UNK H 5 14.91 -39.59 28.69
CA UNK H 5 13.66 -40.36 28.49
C UNK H 5 13.09 -40.70 29.87
N UNK H 6 11.78 -40.66 30.08
CA UNK H 6 11.16 -40.84 31.41
C UNK H 6 10.16 -42.00 31.49
N UNK H 7 10.08 -42.92 30.51
CA UNK H 7 9.03 -43.96 30.67
C UNK H 7 9.18 -45.17 29.73
N UNK H 8 9.43 -46.36 30.27
CA UNK H 8 9.44 -47.63 29.50
C UNK H 8 8.93 -48.74 30.42
N UNK H 9 8.14 -49.69 29.91
CA UNK H 9 7.52 -50.74 30.74
C UNK H 9 7.22 -51.97 29.89
N UNK H 10 6.90 -53.11 30.51
CA UNK H 10 6.54 -54.35 29.80
C UNK H 10 5.03 -54.35 29.52
N UNK H 11 4.55 -53.45 28.65
CA UNK H 11 3.11 -53.35 28.30
C UNK H 11 2.62 -54.72 27.82
N UNK H 12 1.35 -55.04 28.02
CA UNK H 12 0.78 -56.33 27.66
C UNK H 12 -0.03 -56.16 26.37
N UNK H 13 0.63 -56.39 25.24
CA UNK H 13 0.00 -56.39 23.91
C UNK H 13 -0.58 -55.00 23.66
N UNK H 14 -1.79 -54.87 23.10
CA UNK H 14 -2.35 -53.58 22.73
C UNK H 14 -2.79 -52.85 24.00
N UNK H 15 -1.82 -52.22 24.66
CA UNK H 15 -2.05 -51.36 25.81
C UNK H 15 -1.37 -50.02 25.54
N UNK H 16 -2.11 -48.93 25.74
CA UNK H 16 -1.57 -47.61 25.47
C UNK H 16 -0.46 -47.27 26.44
N UNK H 17 0.66 -46.79 25.92
CA UNK H 17 1.83 -46.42 26.70
C UNK H 17 2.17 -44.96 26.39
N UNK H 18 2.79 -44.28 27.35
CA UNK H 18 3.13 -42.86 27.22
C UNK H 18 4.50 -42.62 27.85
N UNK H 19 5.47 -42.29 27.02
CA UNK H 19 6.80 -41.89 27.45
C UNK H 19 6.93 -40.37 27.38
N UNK H 20 7.88 -39.85 28.14
CA UNK H 20 8.09 -38.40 28.25
C UNK H 20 9.58 -38.11 28.29
N UNK H 21 9.96 -37.06 27.57
CA UNK H 21 11.33 -36.56 27.53
C UNK H 21 11.37 -35.20 28.22
N UNK H 22 12.19 -35.10 29.27
CA UNK H 22 12.37 -33.89 30.04
C UNK H 22 13.70 -33.25 29.68
N UNK H 23 13.65 -31.95 29.39
CA UNK H 23 14.82 -31.17 29.04
C UNK H 23 15.47 -30.60 30.28
N UNK H 24 16.73 -30.20 30.14
CA UNK H 24 17.51 -29.60 31.23
C UNK H 24 18.47 -28.59 30.65
N UNK H 25 18.51 -27.40 31.28
CA UNK H 25 19.30 -26.26 30.80
C UNK H 25 18.91 -25.89 29.38
N UNK H 26 17.61 -25.98 29.08
CA UNK H 26 17.08 -25.61 27.77
C UNK H 26 15.57 -25.57 27.87
N UNK H 27 14.97 -24.58 27.21
CA UNK H 27 13.53 -24.38 27.21
C UNK H 27 12.92 -25.00 25.95
N UNK H 28 11.80 -25.70 26.13
CA UNK H 28 11.10 -26.33 25.02
C UNK H 28 10.27 -25.29 24.26
N UNK H 29 10.98 -24.40 23.57
CA UNK H 29 10.37 -23.36 22.77
C UNK H 29 11.41 -22.82 21.81
N UNK H 30 10.98 -22.58 20.57
CA UNK H 30 11.87 -22.20 19.48
C UNK H 30 12.97 -23.25 19.27
N UNK H 31 12.58 -24.51 19.42
CA UNK H 31 13.50 -25.63 19.25
C UNK H 31 12.69 -26.87 18.91
N UNK H 32 13.28 -27.76 18.12
CA UNK H 32 12.62 -28.97 17.69
C UNK H 32 12.94 -30.12 18.63
N UNK H 33 11.97 -31.02 18.80
CA UNK H 33 12.15 -32.24 19.58
C UNK H 33 11.73 -33.42 18.72
N UNK H 34 12.66 -34.37 18.57
CA UNK H 34 12.47 -35.51 17.69
C UNK H 34 12.49 -36.79 18.51
N UNK H 35 11.48 -37.63 18.29
CA UNK H 35 11.38 -38.94 18.90
C UNK H 35 11.73 -39.99 17.87
N UNK H 36 12.63 -40.90 18.24
CA UNK H 36 13.06 -41.99 17.38
C UNK H 36 13.15 -43.25 18.21
N UNK H 37 13.38 -44.38 17.55
CA UNK H 37 13.45 -45.66 18.22
C UNK H 37 14.36 -46.60 17.45
N UNK H 38 15.04 -47.47 18.19
CA UNK H 38 15.87 -48.53 17.64
C UNK H 38 15.37 -49.86 18.18
N UNK H 39 14.95 -50.75 17.29
CA UNK H 39 14.52 -52.08 17.71
C UNK H 39 15.72 -52.94 18.09
N UNK H 40 15.44 -54.04 18.76
CA UNK H 40 16.51 -54.93 19.21
C UNK H 40 17.23 -55.53 18.00
N UNK H 41 18.54 -55.32 17.94
CA UNK H 41 19.37 -55.77 16.83
C UNK H 41 18.88 -55.18 15.51
N UNK H 42 18.75 -53.86 15.47
CA UNK H 42 18.32 -53.15 14.28
C UNK H 42 18.76 -51.71 14.36
N UNK H 43 18.67 -51.02 13.22
CA UNK H 43 19.12 -49.64 13.15
C UNK H 43 18.06 -48.68 13.70
N UNK H 44 18.51 -47.48 14.07
CA UNK H 44 17.60 -46.46 14.55
C UNK H 44 16.72 -45.96 13.41
N UNK H 45 15.49 -45.58 13.77
CA UNK H 45 14.51 -45.06 12.82
C UNK H 45 13.79 -43.87 13.43
N UNK H 46 13.65 -42.80 12.67
CA UNK H 46 12.97 -41.62 13.15
C UNK H 46 11.47 -41.83 13.14
N UNK H 47 10.84 -41.60 14.30
CA UNK H 47 9.40 -41.76 14.47
C UNK H 47 8.62 -40.47 14.25
N UNK H 48 9.05 -39.36 14.84
CA UNK H 48 8.31 -38.12 14.70
C UNK H 48 9.21 -36.94 15.09
N UNK H 49 8.76 -35.75 14.69
CA UNK H 49 9.40 -34.50 15.08
C UNK H 49 8.30 -33.52 15.48
N UNK H 50 8.66 -32.55 16.31
CA UNK H 50 7.70 -31.56 16.79
C UNK H 50 8.40 -30.23 17.00
N UNK H 51 7.84 -29.19 16.39
CA UNK H 51 8.21 -27.81 16.67
C UNK H 51 7.41 -27.35 17.87
N UNK H 52 8.11 -26.99 18.95
CA UNK H 52 7.45 -26.69 20.21
C UNK H 52 6.79 -25.32 20.20
N UNK H 53 7.36 -24.37 19.44
CA UNK H 53 6.78 -23.03 19.38
C UNK H 53 5.38 -23.05 18.79
N UNK H 54 5.22 -23.65 17.62
CA UNK H 54 3.92 -23.82 16.99
C UNK H 54 3.17 -25.07 17.47
N UNK H 55 3.83 -25.94 18.24
CA UNK H 55 3.26 -27.22 18.66
C UNK H 55 2.85 -28.05 17.44
N UNK H 56 3.67 -27.98 16.39
CA UNK H 56 3.36 -28.59 15.09
C UNK H 56 4.17 -29.88 14.98
N UNK H 57 3.46 -31.00 14.83
CA UNK H 57 4.07 -32.32 14.81
C UNK H 57 4.00 -32.93 13.41
N UNK H 58 5.12 -33.48 12.97
CA UNK H 58 5.21 -34.27 11.75
C UNK H 58 5.64 -35.68 12.11
N UNK H 59 5.18 -36.65 11.33
CA UNK H 59 5.40 -38.06 11.63
C UNK H 59 5.68 -38.81 10.34
N UNK H 60 6.35 -39.95 10.50
CA UNK H 60 6.65 -40.80 9.35
C UNK H 60 5.41 -41.55 8.91
N UNK H 61 5.51 -42.20 7.75
CA UNK H 61 4.39 -42.97 7.21
C UNK H 61 4.02 -44.12 8.13
N UNK H 62 5.03 -44.80 8.69
CA UNK H 62 4.76 -45.94 9.56
C UNK H 62 4.05 -45.53 10.84
N UNK H 63 4.50 -44.43 11.46
CA UNK H 63 4.04 -44.02 12.78
C UNK H 63 3.04 -42.87 12.74
N UNK H 64 2.40 -42.61 11.59
CA UNK H 64 1.44 -41.53 11.51
C UNK H 64 0.23 -41.78 12.40
N UNK H 65 -0.28 -43.01 12.40
CA UNK H 65 -1.49 -43.34 13.16
C UNK H 65 -1.15 -43.92 14.52
N UNK H 66 -0.11 -44.77 14.58
CA UNK H 66 0.16 -45.51 15.81
C UNK H 66 0.64 -44.60 16.93
N UNK H 67 1.60 -43.72 16.64
CA UNK H 67 2.26 -42.89 17.65
C UNK H 67 1.85 -41.44 17.47
N UNK H 68 1.70 -40.73 18.59
CA UNK H 68 1.36 -39.31 18.60
C UNK H 68 2.26 -38.60 19.61
N UNK H 69 2.80 -37.45 19.20
CA UNK H 69 3.70 -36.65 20.03
C UNK H 69 3.05 -35.32 20.37
N UNK H 70 3.26 -34.85 21.59
CA UNK H 70 2.67 -33.59 22.05
C UNK H 70 3.55 -32.99 23.13
N UNK H 71 3.39 -31.69 23.34
CA UNK H 71 4.13 -30.98 24.37
C UNK H 71 3.39 -31.06 25.70
N UNK H 72 4.07 -31.60 26.71
CA UNK H 72 3.49 -31.78 28.04
C UNK H 72 3.67 -30.57 28.95
N UNK H 73 4.79 -29.86 28.83
CA UNK H 73 5.06 -28.72 29.68
C UNK H 73 6.26 -27.96 29.10
N UNK H 74 6.54 -26.80 29.69
CA UNK H 74 7.54 -25.88 29.17
C UNK H 74 8.93 -26.49 29.10
N UNK H 75 9.20 -27.54 29.87
CA UNK H 75 10.44 -28.32 29.78
C UNK H 75 10.16 -29.81 29.72
N UNK H 76 9.15 -30.21 28.96
CA UNK H 76 8.84 -31.63 28.82
C UNK H 76 7.95 -31.87 27.61
N UNK H 77 8.34 -32.85 26.81
CA UNK H 77 7.55 -33.32 25.68
C UNK H 77 7.16 -34.77 25.94
N UNK H 78 6.17 -35.25 25.19
CA UNK H 78 5.61 -36.58 25.40
C UNK H 78 5.35 -37.27 24.07
N UNK H 79 5.41 -38.60 24.11
CA UNK H 79 5.01 -39.46 23.01
C UNK H 79 4.11 -40.54 23.55
N UNK H 80 3.12 -40.94 22.75
CA UNK H 80 2.08 -41.88 23.18
C UNK H 80 1.94 -42.96 22.12
N UNK H 81 2.33 -44.18 22.48
CA UNK H 81 2.11 -45.34 21.61
C UNK H 81 0.75 -45.95 21.91
N UNK H 82 -0.14 -45.89 20.91
CA UNK H 82 -1.49 -46.41 21.00
C UNK H 82 -1.56 -47.75 20.27
N UNK H 83 -2.17 -48.74 20.92
CA UNK H 83 -2.24 -50.11 20.39
C UNK H 83 -0.84 -50.66 20.14
N UNK H 84 -0.03 -50.67 21.19
CA UNK H 84 1.35 -51.16 21.06
C UNK H 84 1.36 -52.65 20.75
N UNK H 85 2.19 -53.02 19.79
CA UNK H 85 2.35 -54.39 19.33
C UNK H 85 3.72 -54.92 19.76
N UNK H 86 3.90 -56.23 19.63
CA UNK H 86 5.19 -56.84 19.97
C UNK H 86 6.30 -56.34 19.06
N UNK H 87 5.97 -55.99 17.82
CA UNK H 87 6.96 -55.40 16.93
C UNK H 87 7.41 -54.01 17.38
N UNK H 88 6.61 -53.33 18.21
CA UNK H 88 6.95 -51.99 18.67
C UNK H 88 7.90 -51.97 19.86
N UNK H 89 8.31 -53.14 20.38
CA UNK H 89 9.29 -53.16 21.44
C UNK H 89 10.63 -52.67 20.93
N UNK H 90 11.22 -51.70 21.64
CA UNK H 90 12.41 -51.03 21.14
C UNK H 90 12.93 -50.08 22.21
N UNK H 91 14.13 -49.55 21.97
CA UNK H 91 14.70 -48.47 22.79
C UNK H 91 14.33 -47.15 22.13
N UNK H 92 13.48 -46.37 22.79
CA UNK H 92 13.00 -45.10 22.28
C UNK H 92 13.81 -43.96 22.89
N UNK H 93 14.21 -43.01 22.06
CA UNK H 93 15.07 -41.91 22.46
C UNK H 93 14.54 -40.61 21.89
N UNK H 94 14.56 -39.57 22.73
CA UNK H 94 14.26 -38.21 22.32
C UNK H 94 15.56 -37.47 22.02
N UNK H 95 15.43 -36.38 21.26
CA UNK H 95 16.59 -35.58 20.89
C UNK H 95 16.17 -34.15 20.62
N UNK H 96 16.92 -33.21 21.20
CA UNK H 96 16.76 -31.80 20.87
C UNK H 96 17.49 -31.48 19.57
N UNK H 97 16.79 -30.81 18.67
CA UNK H 97 17.23 -30.58 17.30
C UNK H 97 16.95 -29.12 16.93
N UNK H 98 17.76 -28.62 16.00
CA UNK H 98 17.59 -27.28 15.44
C UNK H 98 17.64 -27.38 13.92
N UNK H 99 16.77 -26.61 13.26
CA UNK H 99 16.63 -26.62 11.82
C UNK H 99 16.93 -25.23 11.28
N UNK H 100 17.81 -25.18 10.28
CA UNK H 100 18.24 -23.96 9.62
C UNK H 100 17.33 -23.67 8.43
N UNK H 101 17.78 -22.74 7.57
CA UNK H 101 17.01 -22.42 6.38
C UNK H 101 16.85 -23.62 5.45
N UNK H 102 17.94 -24.37 5.27
CA UNK H 102 17.90 -25.58 4.44
C UNK H 102 18.76 -26.67 5.06
N UNK H 103 18.66 -26.83 6.38
CA UNK H 103 19.40 -27.88 7.06
C UNK H 103 18.73 -28.17 8.40
N UNK H 104 19.05 -29.34 8.95
CA UNK H 104 18.53 -29.75 10.24
C UNK H 104 19.36 -30.92 10.75
N UNK H 105 19.34 -31.10 12.07
CA UNK H 105 20.11 -32.17 12.70
C UNK H 105 19.68 -32.29 14.16
N UNK H 106 19.75 -33.51 14.68
CA UNK H 106 19.43 -33.79 16.07
C UNK H 106 20.71 -33.57 16.89
N UNK H 107 20.74 -32.48 17.66
CA UNK H 107 21.96 -32.10 18.36
C UNK H 107 22.17 -32.89 19.64
N UNK H 108 21.24 -32.80 20.59
CA UNK H 108 21.43 -33.35 21.95
C UNK H 108 20.50 -34.55 22.11
N UNK H 109 21.07 -35.75 22.05
CA UNK H 109 20.30 -36.98 22.15
C UNK H 109 20.21 -37.44 23.60
N UNK H 110 19.03 -37.89 24.00
CA UNK H 110 18.76 -38.32 25.37
C UNK H 110 19.04 -39.81 25.53
N UNK H 111 19.15 -40.23 26.79
CA UNK H 111 19.26 -41.65 27.10
C UNK H 111 17.94 -42.35 26.76
N UNK H 112 18.05 -43.53 26.16
CA UNK H 112 16.87 -44.23 25.67
C UNK H 112 16.16 -44.97 26.79
N UNK H 113 14.88 -45.28 26.54
CA UNK H 113 14.05 -46.11 27.42
C UNK H 113 13.67 -47.36 26.65
N UNK H 114 13.93 -48.53 27.24
CA UNK H 114 13.78 -49.81 26.55
C UNK H 114 12.40 -50.38 26.86
N UNK H 115 11.44 -50.08 26.00
CA UNK H 115 10.05 -50.51 26.18
C UNK H 115 9.83 -51.86 25.52
N UNK H 116 9.24 -52.79 26.28
CA UNK H 116 8.84 -54.11 25.81
C UNK H 116 7.33 -54.19 25.74
N UNK H 117 6.83 -54.92 24.73
CA UNK H 117 5.42 -54.96 24.42
C UNK H 117 4.98 -56.41 24.17
N UNK H 118 5.35 -57.31 25.09
CA UNK H 118 4.95 -58.71 25.03
C UNK H 118 4.55 -59.17 26.42
N UNK H 119 3.66 -60.16 26.47
CA UNK H 119 3.19 -60.71 27.73
C UNK H 119 4.28 -61.54 28.40
C1 NAG I . -27.68 24.93 2.01
C2 NAG I . -28.35 25.97 2.90
C3 NAG I . -29.34 26.79 2.07
C4 NAG I . -28.67 27.35 0.82
C5 NAG I . -27.93 26.25 0.07
C6 NAG I . -27.12 26.74 -1.11
C7 NAG I . -28.83 25.57 5.31
C8 NAG I . -29.68 24.75 6.25
N2 NAG I . -29.04 25.32 3.99
O3 NAG I . -29.84 27.82 2.89
O4 NAG I . -29.71 27.87 0.01
O5 NAG I . -27.04 25.60 0.95
O6 NAG I . -26.39 25.67 -1.66
O7 NAG I . -28.03 26.39 5.73
C1 NAG I . -29.52 29.28 -0.18
C2 NAG I . -30.16 29.66 -1.52
C3 NAG I . -30.06 31.16 -1.75
C4 NAG I . -30.65 31.89 -0.54
C5 NAG I . -29.95 31.41 0.73
C6 NAG I . -30.48 32.06 2.00
C7 NAG I . -30.04 27.85 -3.22
C8 NAG I . -29.20 27.28 -4.34
N2 NAG I . -29.54 28.95 -2.61
O3 NAG I . -30.72 31.48 -2.94
O4 NAG I . -30.47 33.27 -0.76
O5 NAG I . -30.11 30.02 0.85
O6 NAG I . -31.84 31.76 2.15
O7 NAG I . -31.11 27.33 -2.91
C1 NAG J . -25.34 19.74 25.36
C2 NAG J . -25.65 19.59 26.86
C3 NAG J . -26.73 18.53 27.05
C4 NAG J . -27.98 18.92 26.27
C5 NAG J . -27.62 19.26 24.82
C6 NAG J . -28.78 19.83 24.04
C7 NAG J . -23.79 20.10 28.41
C8 NAG J . -22.55 19.53 29.07
N2 NAG J . -24.45 19.26 27.59
O3 NAG J . -26.98 18.43 28.43
O4 NAG J . -28.86 17.82 26.37
O5 NAG J . -26.53 20.17 24.75
O6 NAG J . -28.42 21.05 23.44
O7 NAG J . -24.13 21.25 28.63
C1 NAG J . -30.19 18.27 26.71
C2 NAG J . -31.19 17.31 26.07
C3 NAG J . -32.62 17.75 26.40
C4 NAG J . -32.78 17.90 27.91
C5 NAG J . -31.67 18.81 28.45
C6 NAG J . -31.73 19.00 29.95
C7 NAG J . -30.46 16.23 23.95
C8 NAG J . -30.38 16.41 22.45
N2 NAG J . -31.02 17.26 24.64
O3 NAG J . -33.50 16.80 25.87
O4 NAG J . -34.06 18.43 28.14
O5 NAG J . -30.41 18.27 28.11
O6 NAG J . -31.63 17.76 30.60
O7 NAG J . -30.05 15.21 24.48
C1 NAG K . -18.75 8.94 33.54
C2 NAG K . -18.65 10.23 34.35
C3 NAG K . -17.20 10.50 34.72
C4 NAG K . -16.55 9.27 35.37
C5 NAG K . -16.80 8.03 34.51
C6 NAG K . -16.29 6.73 35.12
C7 NAG K . -20.32 11.98 33.82
C8 NAG K . -20.62 13.12 32.86
N2 NAG K . -19.16 11.34 33.58
O3 NAG K . -17.17 11.62 35.55
O4 NAG K . -15.18 9.57 35.48
O5 NAG K . -18.18 7.89 34.29
O6 NAG K . -17.12 6.40 36.22
O7 NAG K . -21.09 11.69 34.72
C1 NAG K . -14.70 9.21 36.79
C2 NAG K . -13.19 8.98 36.70
C3 NAG K . -12.62 8.64 38.07
C4 NAG K . -13.03 9.72 39.09
C5 NAG K . -14.56 9.91 39.04
C6 NAG K . -15.07 10.98 39.98
C7 NAG K . -12.39 8.09 34.53
C8 NAG K . -12.17 6.82 33.74
N2 NAG K . -12.90 7.92 35.76
O3 NAG K . -11.23 8.53 37.96
O4 NAG K . -12.60 9.29 40.34
O5 NAG K . -14.94 10.24 37.73
O6 NAG K . -14.45 12.21 39.68
O7 NAG K . -12.12 9.18 34.04
C1 FUC K . -16.59 5.22 36.87
C2 FUC K . -17.54 4.88 38.02
C3 FUC K . -18.91 4.48 37.48
C4 FUC K . -18.77 3.31 36.51
C5 FUC K . -17.76 3.70 35.42
C6 FUC K . -17.45 2.59 34.46
O2 FUC K . -17.62 6.00 38.87
O3 FUC K . -19.74 4.18 38.58
O4 FUC K . -18.36 2.17 37.23
O5 FUC K . -16.54 4.12 36.00
C1 NAG L . -19.02 -1.98 28.13
C2 NAG L . -20.24 -2.85 28.50
C3 NAG L . -20.23 -3.14 30.00
C4 NAG L . -18.87 -3.70 30.44
C5 NAG L . -17.74 -2.79 29.94
C6 NAG L . -16.36 -3.32 30.25
C7 NAG L . -22.33 -2.62 27.20
C8 NAG L . -23.54 -1.74 26.99
N2 NAG L . -21.47 -2.19 28.12
O3 NAG L . -21.27 -4.03 30.27
O4 NAG L . -18.91 -3.75 31.85
O5 NAG L . -17.85 -2.64 28.54
O6 NAG L . -16.20 -4.60 29.70
O7 NAG L . -22.18 -3.64 26.52
C1 NAG L . -18.60 -5.09 32.30
C2 NAG L . -18.05 -4.96 33.72
C3 NAG L . -17.82 -6.35 34.33
C4 NAG L . -19.09 -7.18 34.21
C5 NAG L . -19.53 -7.21 32.74
C6 NAG L . -20.79 -8.02 32.50
C7 NAG L . -16.70 -2.92 34.11
C8 NAG L . -15.31 -2.33 34.02
N2 NAG L . -16.82 -4.21 33.72
O3 NAG L . -17.42 -6.19 35.66
O4 NAG L . -18.79 -8.47 34.70
O5 NAG L . -19.75 -5.89 32.31
O6 NAG L . -21.84 -7.50 33.27
O7 NAG L . -17.64 -2.23 34.48
C1 NAG M . -33.98 8.17 12.42
C2 NAG M . -34.97 9.22 12.94
C3 NAG M . -36.38 8.63 13.12
C4 NAG M . -36.82 7.90 11.86
C5 NAG M . -35.76 6.86 11.52
C6 NAG M . -36.07 6.01 10.31
C7 NAG M . -34.55 11.07 14.55
C8 NAG M . -34.03 11.37 15.93
N2 NAG M . -34.53 9.76 14.20
O3 NAG M . -37.25 9.67 13.45
O4 NAG M . -38.07 7.32 12.15
O5 NAG M . -34.54 7.53 11.29
O6 NAG M . -36.14 6.83 9.16
O7 NAG M . -34.96 11.95 13.82
C1 NAG M . -38.96 7.48 11.02
C2 NAG M . -40.13 6.50 11.20
C3 NAG M . -41.15 6.68 10.09
C4 NAG M . -41.58 8.14 10.02
C5 NAG M . -40.34 9.02 9.86
C6 NAG M . -40.64 10.50 9.77
C7 NAG M . -39.62 4.33 12.29
C8 NAG M . -39.08 2.94 12.05
N2 NAG M . -39.65 5.13 11.20
O3 NAG M . -42.23 5.82 10.34
O4 NAG M . -42.46 8.27 8.92
O5 NAG M . -39.47 8.80 10.95
O6 NAG M . -39.46 11.23 9.65
O7 NAG M . -39.98 4.67 13.41
C1 NAG N . 14.66 -26.05 -1.27
C2 NAG N . 16.11 -26.08 -1.76
C3 NAG N . 16.16 -25.90 -3.27
C4 NAG N . 15.17 -26.79 -4.01
C5 NAG N . 13.79 -26.69 -3.36
C6 NAG N . 12.74 -27.61 -3.96
C7 NAG N . 17.98 -25.18 -0.40
C8 NAG N . 18.61 -23.88 0.05
N2 NAG N . 16.90 -25.03 -1.18
O3 NAG N . 17.48 -26.13 -3.69
O4 NAG N . 15.13 -26.32 -5.34
O5 NAG N . 13.91 -26.99 -1.99
O6 NAG N . 13.09 -28.93 -3.68
O7 NAG N . 18.43 -26.26 -0.05
C1 NAG N . 15.64 -27.33 -6.23
C2 NAG N . 15.06 -27.05 -7.62
C3 NAG N . 15.62 -28.05 -8.62
C4 NAG N . 17.14 -28.07 -8.56
C5 NAG N . 17.59 -28.31 -7.11
C6 NAG N . 19.09 -28.32 -6.93
C7 NAG N . 12.82 -26.01 -7.57
C8 NAG N . 11.34 -26.31 -7.53
N2 NAG N . 13.62 -27.10 -7.59
O3 NAG N . 15.15 -27.70 -9.90
O4 NAG N . 17.59 -29.09 -9.42
O5 NAG N . 17.04 -27.30 -6.29
O6 NAG N . 19.62 -27.08 -7.31
O7 NAG N . 13.22 -24.86 -7.58
C1 FUC N . 12.21 -29.82 -4.39
C2 FUC N . 12.67 -31.25 -4.10
C3 FUC N . 12.46 -31.59 -2.62
C4 FUC N . 11.00 -31.35 -2.23
C5 FUC N . 10.63 -29.92 -2.59
C6 FUC N . 9.17 -29.60 -2.33
O2 FUC N . 14.01 -31.36 -4.49
O3 FUC N . 12.89 -32.91 -2.43
O4 FUC N . 10.21 -32.31 -2.90
O5 FUC N . 10.88 -29.66 -3.96
C1 NAG O . 7.24 -13.25 20.17
C2 NAG O . 8.55 -13.42 20.95
C3 NAG O . 8.34 -14.21 22.24
C4 NAG O . 7.15 -13.69 23.04
C5 NAG O . 5.94 -13.65 22.12
C6 NAG O . 4.66 -13.17 22.78
C7 NAG O . 10.84 -13.78 20.09
C8 NAG O . 11.66 -14.65 19.18
N2 NAG O . 9.53 -14.10 20.14
O3 NAG O . 9.53 -14.15 22.97
O4 NAG O . 6.97 -14.59 24.11
O5 NAG O . 6.22 -12.80 21.04
O6 NAG O . 4.84 -11.85 23.25
O7 NAG O . 11.34 -12.88 20.73
C1 NAG O . 6.71 -13.89 25.33
C2 NAG O . 6.03 -14.86 26.30
C3 NAG O . 5.77 -14.16 27.63
C4 NAG O . 7.07 -13.57 28.18
C5 NAG O . 7.68 -12.67 27.11
C6 NAG O . 9.01 -12.06 27.52
C7 NAG O . 4.65 -16.62 25.25
C8 NAG O . 3.28 -16.94 24.73
N2 NAG O . 4.80 -15.38 25.76
O3 NAG O . 5.21 -15.11 28.51
O4 NAG O . 6.75 -12.87 29.35
O5 NAG O . 7.89 -13.41 25.92
O6 NAG O . 9.55 -11.31 26.46
O7 NAG O . 5.55 -17.45 25.20
C1 NAG P . 16.20 5.26 17.54
C2 NAG P . 17.67 4.90 17.79
C3 NAG P . 18.20 5.67 19.00
C4 NAG P . 17.89 7.15 18.91
C5 NAG P . 16.42 7.37 18.52
C6 NAG P . 16.04 8.81 18.29
C7 NAG P . 18.87 2.75 17.63
C8 NAG P . 18.79 1.28 17.96
N2 NAG P . 17.81 3.48 18.00
O3 NAG P . 19.57 5.43 19.09
O4 NAG P . 18.15 7.70 20.17
O5 NAG P . 16.12 6.65 17.36
O6 NAG P . 16.86 9.38 17.30
O7 NAG P . 19.85 3.23 17.08
C1 NAG P . 19.23 8.64 20.08
C2 NAG P . 19.03 9.72 21.13
C3 NAG P . 20.19 10.70 21.08
C4 NAG P . 21.48 9.94 21.27
C5 NAG P . 21.60 8.85 20.21
C6 NAG P . 22.85 8.03 20.43
C7 NAG P . 16.66 10.08 21.50
C8 NAG P . 15.46 10.92 21.17
N2 NAG P . 17.79 10.44 20.91
O3 NAG P . 20.02 11.68 22.11
O4 NAG P . 22.60 10.84 21.18
O5 NAG P . 20.47 7.99 20.29
O6 NAG P . 22.72 7.31 21.65
O7 NAG P . 16.60 9.12 22.25
C1 NAG Q . 21.63 -15.89 7.84
C2 NAG Q . 22.43 -17.15 8.11
C3 NAG Q . 21.70 -17.99 9.12
C4 NAG Q . 21.52 -17.18 10.38
C5 NAG Q . 20.74 -15.92 10.03
C6 NAG Q . 20.54 -15.06 11.27
C7 NAG Q . 23.66 -17.74 6.11
C8 NAG Q . 23.40 -17.74 4.63
N2 NAG Q . 22.59 -17.90 6.89
O3 NAG Q . 22.48 -19.15 9.41
O4 NAG Q . 20.75 -17.93 11.32
O5 NAG Q . 21.47 -15.18 9.06
O6 NAG Q . 21.82 -14.70 11.80
O7 NAG Q . 24.78 -17.59 6.57
C1 NAG Q . 21.59 -18.42 12.36
C2 NAG Q . 20.70 -18.88 13.49
C3 NAG Q . 21.53 -19.48 14.61
C4 NAG Q . 22.40 -20.59 14.08
C5 NAG Q . 23.23 -20.08 12.92
C6 NAG Q . 24.06 -21.20 12.32
C7 NAG Q . 18.82 -17.32 13.49
C8 NAG Q . 18.37 -15.97 13.95
N2 NAG Q . 19.95 -17.74 14.01
O3 NAG Q . 20.62 -19.99 15.59
O4 NAG Q . 23.33 -21.00 15.07
O5 NAG Q . 22.42 -19.50 11.91
O6 NAG Q . 23.20 -22.15 11.71
O7 NAG Q . 18.17 -17.98 12.70
C1 BMA Q . 22.96 -22.19 15.78
C2 BMA Q . 24.10 -22.42 16.77
C3 BMA Q . 23.80 -23.58 17.70
C4 BMA Q . 22.48 -23.32 18.39
C5 BMA Q . 21.39 -23.08 17.36
C6 BMA Q . 20.09 -22.73 18.06
O2 BMA Q . 24.27 -21.23 17.54
O3 BMA Q . 24.83 -23.62 18.68
O4 BMA Q . 22.15 -24.47 19.17
O5 BMA Q . 21.76 -22.00 16.51
O6 BMA Q . 20.37 -22.02 19.27
C1 MAN Q . 25.44 -24.92 18.73
C2 MAN Q . 26.49 -24.99 19.83
C3 MAN Q . 27.66 -24.08 19.47
C4 MAN Q . 28.22 -24.52 18.13
C5 MAN Q . 27.10 -24.47 17.10
C6 MAN Q . 27.60 -24.88 15.72
O2 MAN Q . 26.93 -26.33 20.02
O3 MAN Q . 28.68 -24.16 20.46
O4 MAN Q . 29.29 -23.67 17.76
O5 MAN Q . 26.01 -25.31 17.48
O6 MAN Q . 26.68 -24.36 14.75
C1 MAN Q . 25.74 -27.13 20.04
C2 MAN Q . 25.59 -28.01 21.27
C3 MAN Q . 26.50 -29.21 21.17
C4 MAN Q . 26.25 -29.95 19.87
C5 MAN Q . 26.38 -29.00 18.68
C6 MAN Q . 26.01 -29.67 17.37
O2 MAN Q . 24.24 -28.46 21.36
O3 MAN Q . 26.23 -30.07 22.28
O4 MAN Q . 27.17 -31.03 19.71
O5 MAN Q . 25.51 -27.88 18.85
O6 MAN Q . 26.15 -28.70 16.33
C1 MAN Q . 20.15 -20.63 19.05
C2 MAN Q . 21.22 -19.87 19.80
C3 MAN Q . 21.10 -20.14 21.27
C4 MAN Q . 19.72 -19.73 21.72
C5 MAN Q . 18.67 -20.48 20.90
C6 MAN Q . 17.26 -20.07 21.32
O2 MAN Q . 21.09 -18.47 19.55
O3 MAN Q . 22.08 -19.40 22.00
O4 MAN Q . 19.55 -20.03 23.11
O5 MAN Q . 18.86 -20.22 19.52
O6 MAN Q . 16.31 -20.82 20.55
C1 NAG R . -7.79 -22.84 15.09
C2 NAG R . -6.89 -23.66 16.03
C3 NAG R . -7.30 -25.13 16.04
C4 NAG R . -8.80 -25.30 16.25
C5 NAG R . -9.54 -24.42 15.23
C6 NAG R . -11.03 -24.50 15.34
C7 NAG R . -4.57 -22.81 16.22
C8 NAG R . -3.20 -22.88 15.58
N2 NAG R . -5.51 -23.55 15.62
O3 NAG R . -6.57 -25.76 17.06
O4 NAG R . -9.07 -26.66 16.05
O5 NAG R . -9.14 -23.08 15.41
O6 NAG R . -11.42 -24.11 16.64
O7 NAG R . -4.78 -22.12 17.21
C1 NAG R . -9.82 -27.19 17.15
C2 NAG R . -10.51 -28.47 16.67
C3 NAG R . -11.33 -29.07 17.80
C4 NAG R . -10.42 -29.31 19.00
C5 NAG R . -9.71 -28.01 19.37
C6 NAG R . -8.74 -28.16 20.52
C7 NAG R . -11.02 -28.55 14.25
C8 NAG R . -12.04 -28.16 13.20
N2 NAG R . -11.33 -28.21 15.51
O3 NAG R . -11.92 -30.26 17.34
O4 NAG R . -11.21 -29.79 20.05
O5 NAG R . -9.00 -27.51 18.25
O6 NAG R . -9.42 -28.60 21.66
O7 NAG R . -10.01 -29.14 13.93
C1 FUC R . -12.81 -24.42 16.84
C2 FUC R . -13.19 -23.94 18.25
C3 FUC R . -13.09 -22.43 18.34
C4 FUC R . -13.97 -21.78 17.26
C5 FUC R . -13.55 -22.34 15.90
C6 FUC R . -14.41 -21.85 14.77
O2 FUC R . -12.34 -24.59 19.17
O3 FUC R . -13.46 -22.06 19.65
O4 FUC R . -15.32 -22.05 17.57
O5 FUC R . -13.62 -23.77 15.90
C1 NAG S . 2.80 -26.73 0.86
C2 NAG S . 2.37 -27.77 1.90
C3 NAG S . 2.84 -29.14 1.45
C4 NAG S . 2.36 -29.45 0.03
C5 NAG S . 2.72 -28.29 -0.91
C6 NAG S . 2.16 -28.45 -2.30
C7 NAG S . 2.18 -27.06 4.27
C8 NAG S . 2.99 -26.81 5.52
N2 NAG S . 2.90 -27.46 3.20
O3 NAG S . 2.36 -30.09 2.37
O4 NAG S . 3.01 -30.64 -0.36
O5 NAG S . 2.24 -27.07 -0.37
O6 NAG S . 2.40 -27.28 -3.04
O7 NAG S . 0.97 -26.91 4.26
C1 NAG S . 2.06 -31.59 -0.87
C2 NAG S . 2.80 -32.53 -1.83
C3 NAG S . 1.85 -33.60 -2.35
C4 NAG S . 1.18 -34.30 -1.18
C5 NAG S . 0.52 -33.28 -0.27
C6 NAG S . -0.15 -33.88 0.95
C7 NAG S . 4.67 -31.40 -3.00
C8 NAG S . 5.05 -30.63 -4.23
N2 NAG S . 3.38 -31.78 -2.92
O3 NAG S . 2.59 -34.47 -3.15
O4 NAG S . 0.24 -35.21 -1.73
O5 NAG S . 1.48 -32.35 0.17
O6 NAG S . -0.61 -32.86 1.79
O7 NAG S . 5.51 -31.65 -2.13
C1 NAG T . -0.64 -4.68 -29.23
C2 NAG T . -1.06 -4.79 -30.70
C3 NAG T . 0.15 -5.20 -31.54
C4 NAG T . 1.39 -4.37 -31.24
C5 NAG T . 1.62 -4.27 -29.73
C6 NAG T . 2.75 -3.35 -29.32
C7 NAG T . -3.37 -5.48 -31.24
C8 NAG T . -4.30 -6.67 -31.30
N2 NAG T . -2.11 -5.74 -30.83
O3 NAG T . -0.21 -5.11 -32.89
O4 NAG T . 2.47 -5.05 -31.84
O5 NAG T . 0.44 -3.79 -29.12
O6 NAG T . 2.46 -2.03 -29.69
O7 NAG T . -3.77 -4.36 -31.55
C1 NAG T . 3.08 -4.23 -32.85
C2 NAG T . 4.54 -4.71 -32.97
C3 NAG T . 5.23 -4.00 -34.12
C4 NAG T . 4.41 -4.16 -35.39
C5 NAG T . 3.00 -3.63 -35.14
C6 NAG T . 2.10 -3.74 -36.35
C7 NAG T . 5.48 -5.45 -30.80
C8 NAG T . 6.24 -4.99 -29.58
N2 NAG T . 5.24 -4.49 -31.73
O3 NAG T . 6.53 -4.55 -34.24
O4 NAG T . 5.08 -3.44 -36.40
O5 NAG T . 2.42 -4.36 -34.08
O6 NAG T . 1.98 -5.09 -36.74
O7 NAG T . 5.12 -6.61 -30.92
C1 NAG U . -24.23 -4.76 -31.10
C2 NAG U . -25.65 -5.15 -31.52
C3 NAG U . -25.90 -6.62 -31.21
C4 NAG U . -24.81 -7.49 -31.81
C5 NAG U . -23.45 -6.98 -31.35
C6 NAG U . -22.29 -7.77 -31.91
C7 NAG U . -27.41 -3.41 -31.45
C8 NAG U . -28.34 -2.66 -30.53
N2 NAG U . -26.63 -4.32 -30.85
O3 NAG U . -27.18 -6.95 -31.73
O4 NAG U . -25.05 -8.80 -31.36
O5 NAG U . -23.31 -5.62 -31.72
O6 NAG U . -22.30 -7.70 -33.31
O7 NAG U . -27.39 -3.16 -32.65
C1 NAG U . -25.10 -9.70 -32.49
C2 NAG U . -24.77 -11.11 -31.99
C3 NAG U . -24.87 -12.10 -33.14
C4 NAG U . -26.24 -12.00 -33.80
C5 NAG U . -26.48 -10.54 -34.22
C6 NAG U . -27.84 -10.31 -34.85
C7 NAG U . -23.20 -11.21 -30.08
C8 NAG U . -21.73 -11.24 -29.70
N2 NAG U . -23.46 -11.14 -31.40
O3 NAG U . -24.62 -13.38 -32.63
O4 NAG U . -26.23 -12.86 -34.91
O5 NAG U . -26.38 -9.71 -33.08
O6 NAG U . -28.86 -10.68 -33.96
O7 NAG U . -24.06 -11.25 -29.21
C1 NAG V . -36.49 -4.04 -21.76
C2 NAG V . -36.94 -3.33 -23.04
C3 NAG V . -37.39 -1.91 -22.69
C4 NAG V . -38.42 -1.93 -21.57
C5 NAG V . -37.88 -2.74 -20.38
C6 NAG V . -38.86 -2.90 -19.24
C7 NAG V . -35.80 -4.05 -25.11
C8 NAG V . -34.57 -3.80 -25.97
N2 NAG V . -35.87 -3.29 -24.01
O3 NAG V . -37.90 -1.31 -23.86
O4 NAG V . -38.66 -0.58 -21.21
O5 NAG V . -37.54 -4.03 -20.82
O6 NAG V . -39.91 -3.73 -19.67
O7 NAG V . -36.62 -4.89 -25.42
C1 NAG V . -40.08 -0.33 -21.25
C2 NAG V . -40.38 0.85 -20.31
C3 NAG V . -41.87 1.17 -20.38
C4 NAG V . -42.30 1.40 -21.82
C5 NAG V . -41.88 0.19 -22.67
C6 NAG V . -42.24 0.31 -24.13
C7 NAG V . -38.91 1.02 -18.34
C8 NAG V . -38.72 0.55 -16.91
N2 NAG V . -40.00 0.54 -18.96
O3 NAG V . -42.10 2.31 -19.58
O4 NAG V . -43.70 1.58 -21.83
O5 NAG V . -40.49 0.01 -22.55
O6 NAG V . -41.74 -0.79 -24.84
O7 NAG V . -38.10 1.77 -18.85
C1 FUC V . -40.94 -3.77 -18.66
C2 FUC V . -42.05 -4.68 -19.18
C3 FUC V . -41.54 -6.11 -19.32
C4 FUC V . -41.00 -6.60 -17.97
C5 FUC V . -39.93 -5.61 -17.50
C6 FUC V . -39.39 -5.93 -16.12
O2 FUC V . -42.50 -4.16 -20.41
O3 FUC V . -42.60 -6.90 -19.80
O4 FUC V . -42.08 -6.70 -17.07
O5 FUC V . -40.45 -4.29 -17.45
C1 NAG W . -34.50 -9.52 -11.10
C2 NAG W . -34.95 -10.96 -11.15
C3 NAG W . -36.44 -11.04 -11.38
C4 NAG W . -37.17 -10.21 -10.35
C5 NAG W . -36.65 -8.79 -10.34
C6 NAG W . -37.26 -8.02 -9.18
C7 NAG W . -33.29 -12.54 -11.95
C8 NAG W . -32.83 -13.35 -13.13
N2 NAG W . -34.27 -11.69 -12.19
O3 NAG W . -36.88 -12.39 -11.26
O4 NAG W . -38.54 -10.16 -10.74
O5 NAG W . -35.25 -8.79 -10.14
O6 NAG W . -36.65 -6.73 -9.11
O7 NAG W . -32.80 -12.68 -10.85
C1 NAG W . -39.40 -10.63 -9.69
C2 NAG W . -40.79 -10.09 -9.96
C3 NAG W . -41.75 -10.58 -8.91
C4 NAG W . -41.72 -12.10 -8.91
C5 NAG W . -40.31 -12.59 -8.66
C6 NAG W . -40.26 -14.11 -8.71
C7 NAG W . -40.50 -7.95 -11.05
C8 NAG W . -40.17 -6.50 -10.85
N2 NAG W . -40.77 -8.64 -9.95
O3 NAG W . -43.07 -10.13 -9.22
O4 NAG W . -42.58 -12.61 -7.89
O5 NAG W . -39.44 -12.06 -9.66
O6 NAG W . -38.95 -14.55 -8.31
O7 NAG W . -40.53 -8.46 -12.15
C1 BMA W . -43.66 -13.28 -8.56
C2 BMA W . -44.21 -14.41 -7.70
C3 BMA W . -45.31 -15.12 -8.44
C4 BMA W . -46.38 -14.12 -8.84
C5 BMA W . -45.75 -13.01 -9.67
C6 BMA W . -46.78 -11.94 -10.01
O2 BMA W . -44.71 -13.86 -6.48
O3 BMA W . -45.89 -16.13 -7.61
O4 BMA W . -47.39 -14.79 -9.61
O5 BMA W . -44.71 -12.39 -8.93
O6 BMA W . -47.13 -11.24 -8.81
C1 NAG X . -14.42 -18.06 -21.32
C2 NAG X . -14.50 -18.40 -22.81
C3 NAG X . -14.59 -19.91 -23.04
C4 NAG X . -13.51 -20.66 -22.25
C5 NAG X . -13.62 -20.24 -20.79
C6 NAG X . -12.61 -20.91 -19.87
C7 NAG X . -15.64 -17.12 -24.59
C8 NAG X . -16.98 -16.54 -25.00
N2 NAG X . -15.64 -17.76 -23.41
O3 NAG X . -14.48 -20.15 -24.41
O4 NAG X . -13.75 -22.03 -22.43
O5 NAG X . -13.42 -18.85 -20.70
O6 NAG X . -11.31 -20.56 -20.27
O7 NAG X . -14.66 -16.98 -25.30
C1 NAG X . -12.52 -22.73 -22.73
C2 NAG X . -12.71 -24.21 -22.41
C3 NAG X . -11.46 -24.99 -22.78
C4 NAG X . -11.10 -24.73 -24.24
C5 NAG X . -10.97 -23.22 -24.45
C6 NAG X . -10.62 -22.84 -25.87
C7 NAG X . -14.16 -24.89 -20.51
C8 NAG X . -14.21 -25.01 -19.01
N2 NAG X . -13.00 -24.42 -21.01
O3 NAG X . -11.70 -26.36 -22.54
O4 NAG X . -9.89 -25.41 -24.51
O5 NAG X . -12.18 -22.59 -24.09
O6 NAG X . -10.49 -21.44 -25.97
O7 NAG X . -15.12 -25.20 -21.19
C1 NAG Y . -12.25 28.02 13.65
C2 NAG Y . -13.69 27.56 13.87
C3 NAG Y . -14.53 28.71 14.34
C4 NAG Y . -13.93 29.33 15.57
C5 NAG Y . -12.48 29.72 15.30
C6 NAG Y . -11.83 30.28 16.55
C7 NAG Y . -14.28 25.79 12.30
C8 NAG Y . -14.54 25.52 10.85
N2 NAG Y . -14.26 27.07 12.63
O3 NAG Y . -15.81 28.17 14.64
O4 NAG Y . -14.62 30.54 15.87
O5 NAG Y . -11.73 28.61 14.84
O6 NAG Y . -11.69 29.25 17.52
O7 NAG Y . -14.12 24.91 13.10
C1 NAG Y . -15.70 30.35 16.80
C2 NAG Y . -16.09 31.72 17.29
C3 NAG Y . -17.30 31.62 18.18
C4 NAG Y . -18.41 30.94 17.43
C5 NAG Y . -17.96 29.59 16.93
C6 NAG Y . -19.07 28.94 16.13
C7 NAG Y . -14.11 33.12 17.47
C8 NAG Y . -12.85 33.31 18.25
N2 NAG Y . -15.00 32.32 18.04
O3 NAG Y . -17.71 32.95 18.52
O4 NAG Y . -19.52 30.73 18.31
O5 NAG Y . -16.81 29.75 16.13
O6 NAG Y . -19.62 29.91 15.25
O7 NAG Y . -14.30 33.67 16.41
C1 BMA Y . -20.54 31.67 17.98
C2 BMA Y . -21.87 30.97 18.19
C3 BMA Y . -23.02 31.93 18.03
C4 BMA Y . -22.82 33.12 18.95
C5 BMA Y . -21.46 33.76 18.71
C6 BMA Y . -21.19 34.86 19.72
O2 BMA Y . -21.89 30.44 19.51
O3 BMA Y . -24.20 31.24 18.43
O4 BMA Y . -23.85 34.08 18.71
O5 BMA Y . -20.43 32.80 18.84
O6 BMA Y . -22.11 35.94 19.50
C1 MAN Y . -25.31 31.58 17.58
C2 MAN Y . -26.56 31.08 18.27
C3 MAN Y . -26.48 29.58 18.40
C4 MAN Y . -26.32 28.97 17.02
C5 MAN Y . -25.07 29.55 16.37
C6 MAN Y . -24.89 29.00 14.96
O2 MAN Y . -27.72 31.45 17.51
O3 MAN Y . -27.68 29.07 19.00
O4 MAN Y . -26.19 27.56 17.12
O5 MAN Y . -25.18 30.97 16.30
O6 MAN Y . -26.05 29.31 14.19
C1 NAG Z . 21.85 1.25 -0.70
C2 NAG Z . 21.77 0.43 0.58
C3 NAG Z . 23.11 0.38 1.26
C4 NAG Z . 24.16 -0.14 0.31
C5 NAG Z . 24.17 0.70 -0.95
C6 NAG Z . 25.17 0.15 -1.95
C7 NAG Z . 19.56 0.62 1.60
C8 NAG Z . 18.72 1.43 2.53
N2 NAG Z . 20.83 1.01 1.51
O3 NAG Z . 22.97 -0.50 2.36
O4 NAG Z . 25.45 0.01 0.91
O5 NAG Z . 22.87 0.74 -1.55
O6 NAG Z . 24.72 -1.10 -2.44
O7 NAG Z . 19.13 -0.33 1.00
C1 NAG Z . 25.85 -1.14 1.65
C2 NAG Z . 27.35 -0.99 1.93
C3 NAG Z . 27.83 -2.13 2.79
C4 NAG Z . 27.00 -2.16 4.07
C5 NAG Z . 25.53 -2.29 3.73
C6 NAG Z . 24.72 -2.29 5.02
C7 NAG Z . 28.42 0.14 0.07
C8 NAG Z . 28.83 -0.02 -1.37
N2 NAG Z . 28.10 -0.99 0.69
O3 NAG Z . 29.19 -1.92 3.12
O4 NAG Z . 27.37 -3.30 4.85
O5 NAG Z . 25.16 -1.21 2.89
O6 NAG Z . 25.12 -1.20 5.83
O7 NAG Z . 28.38 1.22 0.60
C1 BMA Z . 28.23 -2.89 5.92
C2 BMA Z . 27.95 -3.82 7.08
C3 BMA Z . 28.95 -3.65 8.18
C4 BMA Z . 30.37 -3.78 7.63
C5 BMA Z . 30.58 -2.85 6.46
C6 BMA Z . 31.93 -3.10 5.79
O2 BMA Z . 28.00 -5.17 6.60
O3 BMA Z . 28.73 -4.70 9.11
O4 BMA Z . 31.29 -3.46 8.67
O5 BMA Z . 29.58 -3.03 5.47
O6 BMA Z . 32.98 -2.85 6.73
C1 MAN Z . 28.88 -4.22 10.45
C2 MAN Z . 29.02 -5.44 11.35
C3 MAN Z . 27.76 -6.27 11.24
C4 MAN Z . 26.58 -5.41 11.66
C5 MAN Z . 26.53 -4.19 10.75
C6 MAN Z . 25.38 -3.27 11.12
O2 MAN Z . 29.25 -5.01 12.69
O3 MAN Z . 27.85 -7.43 12.08
O4 MAN Z . 25.36 -6.14 11.56
O5 MAN Z . 27.75 -3.47 10.87
O6 MAN Z . 25.40 -2.15 10.25
C1 NAG AA . 34.37 1.99 -11.05
C2 NAG AA . 34.08 0.55 -11.45
C3 NAG AA . 35.12 -0.36 -10.80
C4 NAG AA . 36.53 0.13 -11.13
C5 NAG AA . 36.66 1.64 -10.82
C6 NAG AA . 37.98 2.25 -11.19
C7 NAG AA . 31.69 0.12 -11.92
C8 NAG AA . 30.38 -0.29 -11.28
N2 NAG AA . 32.74 0.17 -11.07
O3 NAG AA . 34.91 -1.66 -11.25
O4 NAG AA . 37.42 -0.62 -10.34
O5 NAG AA . 35.64 2.35 -11.50
O6 NAG AA . 37.90 3.65 -11.05
O7 NAG AA . 31.75 0.40 -13.10
C1 NAG AA . 38.07 -1.59 -11.18
C2 NAG AA . 39.28 -2.13 -10.39
C3 NAG AA . 39.96 -3.24 -11.18
C4 NAG AA . 38.95 -4.29 -11.63
C5 NAG AA . 37.79 -3.62 -12.36
C6 NAG AA . 36.71 -4.57 -12.82
C7 NAG AA . 40.13 -0.29 -8.99
C8 NAG AA . 41.21 0.78 -8.90
N2 NAG AA . 40.19 -1.07 -10.09
O3 NAG AA . 40.96 -3.80 -10.37
O4 NAG AA . 39.63 -5.20 -12.47
O5 NAG AA . 37.21 -2.66 -11.49
O6 NAG AA . 37.25 -5.50 -13.72
O7 NAG AA . 39.28 -0.41 -8.13
C1 FUC AA . 38.57 4.02 -9.82
C2 FUC AA . 39.02 5.48 -9.95
C3 FUC AA . 37.81 6.41 -10.01
C4 FUC AA . 36.93 6.19 -8.78
C5 FUC AA . 36.55 4.72 -8.72
C6 FUC AA . 35.74 4.36 -7.49
O2 FUC AA . 39.82 5.58 -11.10
O3 FUC AA . 38.30 7.72 -10.13
O4 FUC AA . 37.65 6.62 -7.64
O5 FUC AA . 37.71 3.90 -8.71
C1 NAG BA . -13.07 10.47 -28.46
C2 NAG BA . -13.18 9.00 -28.81
C3 NAG BA . -13.15 8.81 -30.30
C4 NAG BA . -14.23 9.62 -30.96
C5 NAG BA . -14.09 11.07 -30.53
C6 NAG BA . -15.21 11.93 -31.12
C7 NAG BA . -12.09 7.66 -27.07
C8 NAG BA . -10.76 7.35 -26.48
N2 NAG BA . -12.05 8.27 -28.25
O3 NAG BA . -13.37 7.43 -30.55
O4 NAG BA . -14.05 9.57 -32.37
O5 NAG BA . -14.10 11.20 -29.12
O6 NAG BA . -16.40 11.68 -30.37
O7 NAG BA . -13.14 7.38 -26.52
C1 NAG BA . -14.87 8.58 -33.00
C2 NAG BA . -14.84 8.89 -34.49
C3 NAG BA . -15.57 7.81 -35.26
C4 NAG BA . -14.96 6.46 -34.94
C5 NAG BA . -14.99 6.22 -33.44
C6 NAG BA . -14.31 4.90 -33.12
C7 NAG BA . -14.76 11.29 -34.89
C8 NAG BA . -15.55 12.56 -34.87
N2 NAG BA . -15.47 10.17 -34.76
O3 NAG BA . -15.44 8.08 -36.66
O4 NAG BA . -15.73 5.43 -35.55
O5 NAG BA . -14.31 7.29 -32.78
O6 NAG BA . -13.01 4.88 -33.70
O7 NAG BA . -13.55 11.29 -35.01
C1 BMA BA . -14.99 4.87 -36.63
C2 BMA BA . -15.28 3.39 -36.68
C3 BMA BA . -14.63 2.73 -37.87
C4 BMA BA . -15.04 3.46 -39.13
C5 BMA BA . -14.75 4.94 -39.02
C6 BMA BA . -15.27 5.69 -40.23
O2 BMA BA . -16.70 3.21 -36.78
O3 BMA BA . -15.10 1.39 -37.93
O4 BMA BA . -14.29 2.94 -40.24
O5 BMA BA . -15.37 5.49 -37.86
O6 BMA BA . -14.47 5.32 -41.35
C1 MAN BA . -14.06 0.52 -38.40
C2 MAN BA . -14.66 -0.86 -38.61
C3 MAN BA . -15.07 -1.44 -37.26
C4 MAN BA . -13.85 -1.45 -36.34
C5 MAN BA . -13.29 -0.05 -36.22
C6 MAN BA . -12.04 -0.04 -35.35
O2 MAN BA . -13.70 -1.70 -39.24
O3 MAN BA . -15.58 -2.76 -37.42
O4 MAN BA . -14.22 -1.94 -35.06
O5 MAN BA . -12.95 0.45 -37.52
O6 MAN BA . -11.06 -0.92 -35.89
C1 NAG CA . -34.92 21.88 2.68
C2 NAG CA . -36.28 22.28 3.25
C3 NAG CA . -37.39 21.99 2.25
C4 NAG CA . -37.06 22.63 0.90
C5 NAG CA . -35.67 22.16 0.46
C6 NAG CA . -35.23 22.72 -0.88
C7 NAG CA . -36.33 22.09 5.72
C8 NAG CA . -36.64 21.17 6.87
N2 NAG CA . -36.53 21.59 4.49
O3 NAG CA . -38.59 22.48 2.78
O4 NAG CA . -38.06 22.23 -0.01
O5 NAG CA . -34.72 22.52 1.44
O6 NAG CA . -33.93 22.28 -1.17
O7 NAG CA . -35.91 23.23 5.93
C1 NAG DA . -29.77 -9.50 15.35
C2 NAG DA . -30.79 -8.87 16.30
C3 NAG DA . -31.05 -9.77 17.49
C4 NAG DA . -31.42 -11.17 17.01
C5 NAG DA . -30.32 -11.68 16.09
C6 NAG DA . -30.58 -13.08 15.57
C7 NAG DA . -31.01 -6.41 16.57
C8 NAG DA . -30.32 -5.18 17.11
N2 NAG DA . -30.34 -7.57 16.73
O3 NAG DA . -32.07 -9.19 18.27
O4 NAG DA . -31.57 -11.98 18.15
O5 NAG DA . -30.19 -10.80 14.99
O6 NAG DA . -30.65 -13.98 16.65
O7 NAG DA . -32.11 -6.32 16.03
C1 NAG EA . 14.47 0.90 24.00
C2 NAG EA . 15.38 0.47 25.16
C3 NAG EA . 14.90 1.10 26.46
C4 NAG EA . 14.84 2.61 26.31
C5 NAG EA . 13.97 2.95 25.08
C6 NAG EA . 13.88 4.44 24.82
C7 NAG EA . 16.42 -1.74 24.77
C8 NAG EA . 16.25 -3.22 25.01
N2 NAG EA . 15.43 -0.97 25.26
O3 NAG EA . 15.79 0.71 27.48
O4 NAG EA . 14.28 3.13 27.49
O5 NAG EA . 14.48 2.31 23.93
O6 NAG EA . 13.12 4.68 23.66
O7 NAG EA . 17.40 -1.31 24.17
C1 NAG FA . -22.80 -22.66 -5.55
C2 NAG FA . -23.35 -23.30 -6.82
C3 NAG FA . -24.70 -23.97 -6.56
C4 NAG FA . -24.58 -24.92 -5.38
C5 NAG FA . -24.02 -24.15 -4.17
C6 NAG FA . -23.87 -25.01 -2.92
C7 NAG FA . -22.87 -22.33 -9.06
C8 NAG FA . -23.18 -21.18 -9.97
N2 NAG FA . -23.49 -22.31 -7.87
O3 NAG FA . -25.08 -24.64 -7.73
O4 NAG FA . -25.86 -25.43 -5.12
O5 NAG FA . -22.75 -23.62 -4.51
O6 NAG FA . -25.13 -25.52 -2.56
O7 NAG FA . -22.10 -23.21 -9.42
C1 NAG GA . -1.37 -12.30 -29.49
C2 NAG GA . -1.34 -13.18 -30.75
C3 NAG GA . -0.10 -14.06 -30.72
C4 NAG GA . 1.14 -13.19 -30.58
C5 NAG GA . 0.99 -12.30 -29.34
C6 NAG GA . 2.16 -11.36 -29.14
C7 NAG GA . -3.58 -13.67 -31.65
C8 NAG GA . -4.72 -14.65 -31.59
N2 NAG GA . -2.53 -13.96 -30.85
O3 NAG GA . -0.07 -14.82 -31.90
O4 NAG GA . 2.25 -14.06 -30.47
O5 NAG GA . -0.19 -11.53 -29.44
O6 NAG GA . 3.35 -12.11 -29.01
O7 NAG GA . -3.64 -12.68 -32.37
C1 NAG HA . -10.00 45.83 -1.39
C2 NAG HA . -11.20 44.91 -1.25
C3 NAG HA . -12.34 45.39 -2.13
C4 NAG HA . -12.64 46.84 -1.84
C5 NAG HA . -11.38 47.69 -1.97
C6 NAG HA . -11.62 49.13 -1.53
C7 NAG HA . -11.50 42.49 -1.43
C8 NAG HA . -11.11 41.30 -2.24
N2 NAG HA . -10.76 43.58 -1.61
O3 NAG HA . -13.51 44.63 -1.88
O4 NAG HA . -13.63 47.31 -2.78
O5 NAG HA . -10.35 47.18 -1.15
O6 NAG HA . -11.58 49.19 -0.09
O7 NAG HA . -12.43 42.47 -0.64
C1 NAG IA . -7.81 25.87 25.90
C2 NAG IA . -6.81 25.38 26.95
C3 NAG IA . -7.51 25.06 28.24
C4 NAG IA . -8.32 26.25 28.72
C5 NAG IA . -9.27 26.70 27.63
C6 NAG IA . -10.02 27.96 28.06
C7 NAG IA . -4.82 24.19 26.25
C8 NAG IA . -4.27 22.90 25.71
N2 NAG IA . -6.11 24.20 26.52
O3 NAG IA . -6.54 24.71 29.23
O4 NAG IA . -9.05 25.90 29.89
O5 NAG IA . -8.56 26.97 26.43
O6 NAG IA . -11.06 28.23 27.13
O7 NAG IA . -4.12 25.16 26.43
C1 NAG JA . -4.07 39.37 21.38
C2 NAG JA . -3.99 38.49 22.64
C3 NAG JA . -4.93 39.04 23.70
C4 NAG JA . -4.63 40.51 23.96
C5 NAG JA . -4.69 41.28 22.65
C6 NAG JA . -4.37 42.76 22.78
C7 NAG JA . -3.49 36.07 22.42
C8 NAG JA . -4.07 34.74 22.02
N2 NAG JA . -4.32 37.13 22.31
O3 NAG JA . -4.79 38.26 24.86
O4 NAG JA . -5.59 40.98 24.88
O5 NAG JA . -3.77 40.70 21.74
O6 NAG JA . -4.41 43.37 21.52
O7 NAG JA . -2.33 36.16 22.81
C1 NAG KA . 30.70 23.13 2.19
C2 NAG KA . 30.17 22.43 3.42
C3 NAG KA . 30.53 23.24 4.65
C4 NAG KA . 32.01 23.53 4.71
C5 NAG KA . 32.47 24.20 3.42
C6 NAG KA . 33.98 24.38 3.40
C7 NAG KA . 28.13 21.14 3.19
C8 NAG KA . 26.64 21.17 3.17
N2 NAG KA . 28.74 22.30 3.37
O3 NAG KA . 30.17 22.51 5.83
O4 NAG KA . 32.29 24.40 5.81
O5 NAG KA . 32.10 23.40 2.31
O6 NAG KA . 34.38 25.10 4.56
O7 NAG KA . 28.76 20.11 3.05
C1 NAG LA . 24.78 -9.00 -9.30
C2 NAG LA . 24.55 -9.81 -10.57
C3 NAG LA . 24.92 -11.25 -10.33
C4 NAG LA . 26.33 -11.36 -9.81
C5 NAG LA . 26.51 -10.50 -8.57
C6 NAG LA . 27.96 -10.52 -8.12
C7 NAG LA . 22.72 -9.00 -11.97
C8 NAG LA . 21.23 -8.96 -12.15
N2 NAG LA . 23.16 -9.77 -10.98
O3 NAG LA . 24.80 -11.97 -11.57
O4 NAG LA . 26.62 -12.73 -9.51
O5 NAG LA . 26.12 -9.16 -8.85
O6 NAG LA . 28.10 -9.77 -6.90
O7 NAG LA . 23.46 -8.35 -12.67
C1 NAG MA . 5.93 21.01 -37.92
C2 NAG MA . 5.94 19.51 -37.71
C3 NAG MA . 7.09 18.89 -38.49
C4 NAG MA . 7.00 19.28 -39.96
C5 NAG MA . 6.95 20.80 -40.09
C6 NAG MA . 6.69 21.21 -41.53
C7 NAG MA . 5.28 18.36 -35.68
C8 NAG MA . 5.49 18.20 -34.20
N2 NAG MA . 6.10 19.18 -36.30
O3 NAG MA . 7.01 17.46 -38.40
O4 NAG MA . 8.15 18.77 -40.65
O5 NAG MA . 5.89 21.32 -39.31
O6 NAG MA . 7.57 20.50 -42.42
O7 NAG MA . 4.39 17.78 -36.25
C1 NAG NA . -26.32 13.55 -28.34
C2 NAG NA . -27.60 14.20 -27.83
C3 NAG NA . -28.82 13.44 -28.34
C4 NAG NA . -28.77 13.33 -29.85
C5 NAG NA . -27.45 12.71 -30.29
C6 NAG NA . -27.34 12.71 -31.82
C7 NAG NA . -27.33 15.18 -25.61
C8 NAG NA . -27.23 14.90 -24.15
N2 NAG NA . -27.66 14.15 -26.38
O3 NAG NA . -29.99 14.17 -27.98
O4 NAG NA . -29.85 12.51 -30.30
O5 NAG NA . -26.35 13.44 -29.75
O6 NAG NA . -26.22 11.91 -32.21
O7 NAG NA . -27.12 16.29 -26.08
C1 NAG OA . -18.62 23.17 -37.56
C2 NAG OA . -20.13 22.93 -37.45
C3 NAG OA . -20.69 22.51 -38.80
C4 NAG OA . -20.27 23.50 -39.89
C5 NAG OA . -18.74 23.66 -39.85
C6 NAG OA . -18.18 24.61 -40.89
C7 NAG OA . -20.65 22.21 -35.13
C8 NAG OA . -20.90 21.01 -34.25
N2 NAG OA . -20.40 21.94 -36.43
O3 NAG OA . -22.09 22.43 -38.68
O4 NAG OA . -20.71 22.97 -41.11
O5 NAG OA . -18.37 24.12 -38.56
O6 NAG OA . -16.79 24.70 -40.74
O7 NAG OA . -20.65 23.34 -34.66
#